data_5BNT
#
_entry.id   5BNT
#
_cell.length_a   125.680
_cell.length_b   125.680
_cell.length_c   199.440
_cell.angle_alpha   90.000
_cell.angle_beta   90.000
_cell.angle_gamma   90.000
#
_symmetry.space_group_name_H-M   'P 41 21 2'
#
loop_
_entity.id
_entity.type
_entity.pdbx_description
1 polymer 'Aspartate-semialdehyde dehydrogenase'
2 non-polymer 'NADP NICOTINAMIDE-ADENINE-DINUCLEOTIDE PHOSPHATE'
3 water water
#
_entity_poly.entity_id   1
_entity_poly.type   'polypeptide(L)'
_entity_poly.pdbx_seq_one_letter_code
;MAHHHHHHMKRVGLIGWRGMVGSVLMQRMLEERDFDLIEPVFFTTSNVGGQGPEVGKDIAPLKDAYSIDELKTLDVILTC
QGGDYTSEVFPKLREAGWQGYWIDAASSLRMEDDAVIVLDPVNRKVIDQALDAGTRNYIGGNCTVSLMLMALGGLFDAGL
VEWMSAMTYQAASGAGAQNMRELLKQMGAAHASVADDLANPASAILDIDRKVAETLRSEAFPTEHFGAPLGGSLIPWIDK
ELPNGQSREEWKAQAETNKILARFKNPIPVDGICVRVGAMRCHSQALTIKLNKDVPLTDIEGLISQHNPWVKLVPNHREV
SVRELTPAAVTGTLSVPVGRLRKLNMGSQYLGAFTVGDQLLWGAAEPLRRMLRILLER
;
_entity_poly.pdbx_strand_id   C,B,A,D
#
loop_
_chem_comp.id
_chem_comp.type
_chem_comp.name
_chem_comp.formula
NAP non-polymer 'NADP NICOTINAMIDE-ADENINE-DINUCLEOTIDE PHOSPHATE' 'C21 H28 N7 O17 P3'
#
# COMPACT_ATOMS: atom_id res chain seq x y z
N HIS A 8 -22.14 2.76 -24.04
CA HIS A 8 -21.10 1.76 -23.80
C HIS A 8 -20.55 1.87 -22.37
N MET A 9 -19.71 2.87 -22.15
CA MET A 9 -19.11 3.08 -20.84
C MET A 9 -20.14 3.69 -19.88
N LYS A 10 -20.16 3.20 -18.64
CA LYS A 10 -21.13 3.64 -17.65
C LYS A 10 -20.96 5.12 -17.32
N ARG A 11 -22.07 5.84 -17.28
CA ARG A 11 -22.06 7.25 -16.92
C ARG A 11 -22.31 7.40 -15.42
N VAL A 12 -21.29 7.88 -14.71
CA VAL A 12 -21.35 7.99 -13.26
C VAL A 12 -21.44 9.44 -12.82
N GLY A 13 -22.49 9.75 -12.06
CA GLY A 13 -22.67 11.08 -11.52
C GLY A 13 -21.89 11.28 -10.23
N LEU A 14 -21.14 12.38 -10.16
CA LEU A 14 -20.40 12.72 -8.96
C LEU A 14 -21.02 13.93 -8.27
N ILE A 15 -21.57 13.71 -7.08
CA ILE A 15 -22.13 14.81 -6.30
C ILE A 15 -21.26 14.99 -5.05
N GLY A 16 -21.02 16.24 -4.67
CA GLY A 16 -20.23 16.52 -3.48
C GLY A 16 -18.74 16.25 -3.64
N TRP A 17 -18.26 16.37 -4.88
CA TRP A 17 -16.85 16.11 -5.18
C TRP A 17 -15.95 17.23 -4.63
N ARG A 18 -16.53 18.41 -4.45
CA ARG A 18 -15.74 19.59 -4.09
C ARG A 18 -15.51 19.68 -2.59
N GLY A 19 -16.39 19.08 -1.80
CA GLY A 19 -16.26 19.06 -0.37
C GLY A 19 -15.05 18.29 0.12
N MET A 20 -14.92 18.15 1.43
CA MET A 20 -13.74 17.51 2.01
C MET A 20 -13.66 16.02 1.69
N VAL A 21 -14.73 15.28 1.99
CA VAL A 21 -14.77 13.85 1.73
C VAL A 21 -14.69 13.59 0.23
N GLY A 22 -15.40 14.40 -0.54
CA GLY A 22 -15.38 14.29 -1.99
C GLY A 22 -14.01 14.52 -2.58
N SER A 23 -13.27 15.46 -2.00
CA SER A 23 -11.91 15.77 -2.48
C SER A 23 -10.97 14.60 -2.22
N VAL A 24 -11.10 13.98 -1.05
CA VAL A 24 -10.32 12.78 -0.73
C VAL A 24 -10.70 11.66 -1.70
N LEU A 25 -12.00 11.57 -2.01
CA LEU A 25 -12.49 10.59 -2.95
C LEU A 25 -11.90 10.80 -4.34
N MET A 26 -11.91 12.05 -4.80
CA MET A 26 -11.37 12.41 -6.11
C MET A 26 -9.89 12.04 -6.22
N GLN A 27 -9.13 12.38 -5.18
CA GLN A 27 -7.70 12.09 -5.13
CA GLN A 27 -7.71 12.10 -5.17
C GLN A 27 -7.44 10.59 -5.21
N ARG A 28 -8.22 9.82 -4.48
CA ARG A 28 -8.07 8.37 -4.46
C ARG A 28 -8.49 7.74 -5.79
N MET A 29 -9.58 8.24 -6.37
CA MET A 29 -10.04 7.75 -7.66
C MET A 29 -9.00 8.04 -8.74
N LEU A 30 -8.33 9.18 -8.61
CA LEU A 30 -7.25 9.54 -9.53
C LEU A 30 -6.07 8.60 -9.38
N GLU A 31 -5.67 8.34 -8.14
CA GLU A 31 -4.52 7.48 -7.86
C GLU A 31 -4.75 6.05 -8.34
N GLU A 32 -5.98 5.56 -8.20
CA GLU A 32 -6.32 4.20 -8.61
C GLU A 32 -6.79 4.17 -10.06
N ARG A 33 -6.80 5.33 -10.71
CA ARG A 33 -7.20 5.47 -12.10
C ARG A 33 -8.61 4.95 -12.37
N ASP A 34 -9.54 5.32 -11.49
CA ASP A 34 -10.93 4.88 -11.62
C ASP A 34 -11.63 5.56 -12.81
N PHE A 35 -11.17 6.76 -13.15
CA PHE A 35 -11.81 7.54 -14.20
C PHE A 35 -11.53 6.98 -15.60
N ASP A 36 -10.59 6.04 -15.68
CA ASP A 36 -10.31 5.35 -16.93
C ASP A 36 -11.48 4.45 -17.33
N LEU A 37 -12.25 4.02 -16.33
CA LEU A 37 -13.26 2.99 -16.53
C LEU A 37 -14.68 3.54 -16.64
N ILE A 38 -14.85 4.84 -16.35
CA ILE A 38 -16.18 5.43 -16.34
C ILE A 38 -16.24 6.72 -17.16
N GLU A 39 -17.45 7.17 -17.44
CA GLU A 39 -17.68 8.51 -17.95
C GLU A 39 -18.16 9.38 -16.80
N PRO A 40 -17.25 10.14 -16.19
CA PRO A 40 -17.60 10.93 -15.01
C PRO A 40 -18.43 12.16 -15.36
N VAL A 41 -19.61 12.28 -14.76
CA VAL A 41 -20.47 13.44 -14.97
C VAL A 41 -20.57 14.20 -13.66
N PHE A 42 -19.95 15.38 -13.60
CA PHE A 42 -19.87 16.14 -12.37
C PHE A 42 -21.03 17.12 -12.23
N PHE A 43 -21.66 17.10 -11.06
CA PHE A 43 -22.81 17.95 -10.79
C PHE A 43 -22.48 18.98 -9.71
N THR A 44 -23.30 20.02 -9.63
CA THR A 44 -23.05 21.10 -8.68
C THR A 44 -24.36 21.66 -8.12
N THR A 45 -24.28 22.24 -6.94
CA THR A 45 -25.43 22.87 -6.30
C THR A 45 -25.25 24.37 -6.26
N SER A 46 -24.20 24.87 -6.90
CA SER A 46 -23.83 26.28 -6.75
C SER A 46 -23.19 26.91 -7.98
N ASN A 47 -22.73 26.09 -8.92
CA ASN A 47 -21.96 26.62 -10.05
C ASN A 47 -22.29 25.90 -11.36
N VAL A 48 -23.56 25.97 -11.77
CA VAL A 48 -24.01 25.29 -12.98
C VAL A 48 -23.34 25.86 -14.22
N GLY A 49 -22.79 24.98 -15.04
CA GLY A 49 -22.09 25.39 -16.25
C GLY A 49 -20.63 25.69 -15.97
N GLY A 50 -20.26 25.61 -14.69
CA GLY A 50 -18.89 25.88 -14.27
C GLY A 50 -17.92 24.79 -14.64
N GLN A 51 -16.69 24.91 -14.16
CA GLN A 51 -15.63 23.98 -14.49
C GLN A 51 -15.47 22.92 -13.41
N GLY A 52 -15.41 21.65 -13.83
CA GLY A 52 -15.22 20.56 -12.90
C GLY A 52 -13.78 20.41 -12.46
N PRO A 53 -13.51 19.42 -11.59
CA PRO A 53 -12.15 19.19 -11.10
C PRO A 53 -11.26 18.55 -12.18
N GLU A 54 -9.95 18.67 -12.01
CA GLU A 54 -9.01 18.05 -12.95
C GLU A 54 -8.90 16.57 -12.67
N VAL A 55 -9.46 15.75 -13.57
CA VAL A 55 -9.46 14.30 -13.39
C VAL A 55 -8.68 13.62 -14.52
N GLY A 56 -7.86 14.38 -15.24
CA GLY A 56 -6.99 13.83 -16.25
C GLY A 56 -7.66 13.48 -17.57
N LYS A 57 -8.92 13.87 -17.73
CA LYS A 57 -9.65 13.61 -18.96
C LYS A 57 -10.73 14.65 -19.20
N ASP A 58 -11.10 14.82 -20.47
CA ASP A 58 -12.12 15.81 -20.85
C ASP A 58 -13.48 15.48 -20.24
N ILE A 59 -14.04 16.45 -19.53
CA ILE A 59 -15.35 16.27 -18.91
C ILE A 59 -16.28 17.40 -19.33
N ALA A 60 -17.59 17.14 -19.24
CA ALA A 60 -18.59 18.15 -19.54
C ALA A 60 -18.64 19.19 -18.42
N PRO A 61 -19.09 20.41 -18.73
CA PRO A 61 -19.28 21.42 -17.68
C PRO A 61 -20.25 20.95 -16.60
N LEU A 62 -20.16 21.56 -15.42
CA LEU A 62 -20.95 21.15 -14.26
C LEU A 62 -22.46 21.20 -14.54
N LYS A 63 -23.14 20.11 -14.23
CA LYS A 63 -24.59 20.02 -14.41
C LYS A 63 -25.34 20.31 -13.12
N ASP A 64 -26.62 20.61 -13.23
CA ASP A 64 -27.46 20.90 -12.08
C ASP A 64 -27.70 19.64 -11.26
N ALA A 65 -27.23 19.64 -10.02
CA ALA A 65 -27.37 18.48 -9.14
C ALA A 65 -28.81 18.27 -8.69
N TYR A 66 -29.67 19.24 -8.98
CA TYR A 66 -31.09 19.13 -8.61
C TYR A 66 -31.95 18.89 -9.84
N SER A 67 -31.31 18.63 -10.97
CA SER A 67 -32.03 18.31 -12.20
C SER A 67 -32.34 16.82 -12.26
N ILE A 68 -33.59 16.47 -12.00
CA ILE A 68 -34.02 15.07 -12.02
C ILE A 68 -33.87 14.50 -13.42
N ASP A 69 -34.15 15.34 -14.42
CA ASP A 69 -34.05 14.94 -15.82
C ASP A 69 -32.65 14.43 -16.16
N GLU A 70 -31.63 15.14 -15.70
CA GLU A 70 -30.25 14.74 -15.98
C GLU A 70 -29.81 13.56 -15.12
N LEU A 71 -30.19 13.59 -13.85
CA LEU A 71 -29.79 12.55 -12.90
C LEU A 71 -30.33 11.17 -13.27
N LYS A 72 -31.53 11.13 -13.84
CA LYS A 72 -32.19 9.86 -14.12
C LYS A 72 -31.65 9.19 -15.38
N THR A 73 -30.69 9.84 -16.03
CA THR A 73 -30.03 9.26 -17.19
C THR A 73 -28.77 8.52 -16.77
N LEU A 74 -28.40 8.68 -15.51
CA LEU A 74 -27.14 8.14 -14.99
C LEU A 74 -27.26 6.69 -14.56
N ASP A 75 -26.24 5.90 -14.88
CA ASP A 75 -26.18 4.50 -14.45
C ASP A 75 -25.88 4.42 -12.96
N VAL A 76 -24.96 5.27 -12.50
CA VAL A 76 -24.53 5.28 -11.11
C VAL A 76 -24.46 6.72 -10.59
N ILE A 77 -24.86 6.93 -9.35
CA ILE A 77 -24.65 8.20 -8.68
C ILE A 77 -23.81 7.99 -7.43
N LEU A 78 -22.69 8.68 -7.36
CA LEU A 78 -21.79 8.62 -6.22
C LEU A 78 -21.73 9.99 -5.54
N THR A 79 -22.44 10.12 -4.42
CA THR A 79 -22.61 11.43 -3.79
C THR A 79 -21.95 11.54 -2.41
N CYS A 80 -21.24 12.64 -2.21
CA CYS A 80 -20.68 13.01 -0.91
C CYS A 80 -21.24 14.36 -0.50
N GLN A 81 -22.33 14.77 -1.15
CA GLN A 81 -22.91 16.10 -0.97
C GLN A 81 -23.50 16.29 0.43
N GLY A 82 -24.09 15.23 0.97
CA GLY A 82 -24.65 15.30 2.31
C GLY A 82 -26.05 14.75 2.45
N GLY A 83 -26.49 14.61 3.70
CA GLY A 83 -27.81 14.06 3.99
C GLY A 83 -28.97 14.92 3.54
N ASP A 84 -28.78 16.23 3.58
CA ASP A 84 -29.83 17.16 3.16
C ASP A 84 -30.11 17.01 1.67
N TYR A 85 -29.06 16.76 0.90
CA TYR A 85 -29.19 16.58 -0.54
C TYR A 85 -29.88 15.27 -0.86
N THR A 86 -29.47 14.20 -0.19
CA THR A 86 -30.05 12.88 -0.40
C THR A 86 -31.54 12.88 -0.06
N SER A 87 -31.88 13.44 1.10
CA SER A 87 -33.26 13.49 1.54
C SER A 87 -34.16 14.26 0.56
N GLU A 88 -33.55 15.20 -0.16
CA GLU A 88 -34.28 16.03 -1.10
C GLU A 88 -34.43 15.38 -2.48
N VAL A 89 -33.33 14.85 -3.00
CA VAL A 89 -33.27 14.40 -4.38
C VAL A 89 -33.64 12.92 -4.56
N PHE A 90 -33.14 12.08 -3.66
CA PHE A 90 -33.33 10.63 -3.79
C PHE A 90 -34.81 10.19 -3.95
N PRO A 91 -35.73 10.72 -3.12
CA PRO A 91 -37.12 10.29 -3.33
C PRO A 91 -37.69 10.72 -4.69
N LYS A 92 -37.35 11.94 -5.11
CA LYS A 92 -37.80 12.45 -6.39
C LYS A 92 -37.26 11.61 -7.54
N LEU A 93 -36.00 11.19 -7.40
CA LEU A 93 -35.32 10.45 -8.45
C LEU A 93 -35.91 9.04 -8.64
N ARG A 94 -36.13 8.35 -7.52
CA ARG A 94 -36.74 7.02 -7.57
C ARG A 94 -38.18 7.10 -8.07
N GLU A 95 -38.87 8.19 -7.71
CA GLU A 95 -40.24 8.42 -8.13
C GLU A 95 -40.32 8.61 -9.65
N ALA A 96 -39.21 9.03 -10.24
CA ALA A 96 -39.13 9.24 -11.68
C ALA A 96 -38.77 7.95 -12.42
N GLY A 97 -38.76 6.84 -11.70
CA GLY A 97 -38.51 5.54 -12.30
C GLY A 97 -37.04 5.20 -12.49
N TRP A 98 -36.15 5.99 -11.89
CA TRP A 98 -34.72 5.75 -12.00
C TRP A 98 -34.31 4.46 -11.30
N GLN A 99 -33.68 3.56 -12.04
CA GLN A 99 -33.29 2.25 -11.51
C GLN A 99 -31.78 2.10 -11.42
N GLY A 100 -31.06 3.22 -11.46
CA GLY A 100 -29.62 3.20 -11.35
C GLY A 100 -29.13 2.95 -9.93
N TYR A 101 -27.82 2.89 -9.76
CA TYR A 101 -27.25 2.63 -8.44
C TYR A 101 -26.91 3.91 -7.70
N TRP A 102 -27.19 3.90 -6.40
CA TRP A 102 -26.97 5.07 -5.55
C TRP A 102 -25.90 4.78 -4.50
N ILE A 103 -24.73 5.39 -4.65
CA ILE A 103 -23.65 5.24 -3.68
C ILE A 103 -23.55 6.53 -2.88
N ASP A 104 -23.66 6.42 -1.55
CA ASP A 104 -23.78 7.59 -0.70
C ASP A 104 -22.86 7.53 0.52
N ALA A 105 -22.30 8.68 0.87
CA ALA A 105 -21.47 8.80 2.08
C ALA A 105 -22.35 9.15 3.28
N ALA A 106 -23.44 9.86 3.01
CA ALA A 106 -24.34 10.34 4.06
C ALA A 106 -25.05 9.18 4.75
N SER A 107 -25.45 9.41 6.00
CA SER A 107 -26.06 8.38 6.83
C SER A 107 -27.54 8.16 6.53
N SER A 108 -28.08 9.00 5.66
CA SER A 108 -29.53 9.06 5.37
C SER A 108 -30.19 7.69 5.16
N LEU A 109 -29.64 6.89 4.25
CA LEU A 109 -30.29 5.67 3.82
C LEU A 109 -29.70 4.40 4.45
N ARG A 110 -28.81 4.57 5.43
CA ARG A 110 -28.09 3.44 6.02
C ARG A 110 -28.99 2.35 6.58
N MET A 111 -30.01 2.75 7.32
CA MET A 111 -30.85 1.78 8.02
C MET A 111 -32.12 1.43 7.24
N GLU A 112 -32.13 1.76 5.95
CA GLU A 112 -33.26 1.42 5.09
C GLU A 112 -33.16 -0.04 4.65
N ASP A 113 -34.31 -0.71 4.56
CA ASP A 113 -34.35 -2.12 4.22
C ASP A 113 -33.87 -2.40 2.80
N ASP A 114 -34.00 -1.42 1.92
CA ASP A 114 -33.58 -1.58 0.53
C ASP A 114 -32.20 -0.96 0.32
N ALA A 115 -31.40 -0.91 1.37
CA ALA A 115 -30.06 -0.34 1.30
C ALA A 115 -29.06 -1.18 2.07
N VAL A 116 -27.82 -1.20 1.59
CA VAL A 116 -26.76 -1.97 2.21
C VAL A 116 -25.63 -1.05 2.65
N ILE A 117 -25.16 -1.25 3.88
CA ILE A 117 -23.98 -0.52 4.36
C ILE A 117 -22.74 -1.23 3.86
N VAL A 118 -21.91 -0.53 3.09
CA VAL A 118 -20.81 -1.16 2.39
C VAL A 118 -19.46 -0.99 3.10
N LEU A 119 -18.77 -2.11 3.23
CA LEU A 119 -17.40 -2.15 3.75
C LEU A 119 -16.81 -3.46 3.22
N ASP A 120 -16.57 -3.50 1.91
CA ASP A 120 -16.33 -4.74 1.19
C ASP A 120 -15.18 -5.64 1.69
N PRO A 121 -14.14 -5.07 2.34
CA PRO A 121 -13.20 -6.06 2.90
C PRO A 121 -13.82 -6.89 4.01
N VAL A 122 -14.90 -6.40 4.61
CA VAL A 122 -15.56 -7.08 5.70
C VAL A 122 -16.81 -7.83 5.22
N ASN A 123 -17.64 -7.18 4.42
CA ASN A 123 -18.92 -7.77 4.02
C ASN A 123 -19.12 -7.86 2.51
N ARG A 124 -18.08 -8.29 1.80
CA ARG A 124 -18.15 -8.45 0.35
C ARG A 124 -19.28 -9.39 -0.06
N LYS A 125 -19.43 -10.48 0.70
CA LYS A 125 -20.44 -11.49 0.41
C LYS A 125 -21.84 -10.91 0.54
N VAL A 126 -22.04 -10.06 1.54
CA VAL A 126 -23.32 -9.39 1.74
C VAL A 126 -23.63 -8.49 0.55
N ILE A 127 -22.60 -7.78 0.08
CA ILE A 127 -22.73 -6.88 -1.05
C ILE A 127 -23.08 -7.66 -2.32
N ASP A 128 -22.37 -8.75 -2.57
CA ASP A 128 -22.59 -9.58 -3.74
C ASP A 128 -24.01 -10.14 -3.78
N GLN A 129 -24.49 -10.62 -2.63
CA GLN A 129 -25.83 -11.17 -2.53
C GLN A 129 -26.89 -10.09 -2.76
N ALA A 130 -26.61 -8.89 -2.26
CA ALA A 130 -27.51 -7.76 -2.43
C ALA A 130 -27.61 -7.38 -3.91
N LEU A 131 -26.47 -7.39 -4.59
CA LEU A 131 -26.43 -7.07 -6.01
C LEU A 131 -27.23 -8.09 -6.82
N ASP A 132 -27.06 -9.36 -6.51
CA ASP A 132 -27.79 -10.43 -7.18
C ASP A 132 -29.29 -10.33 -6.89
N ALA A 133 -29.64 -9.79 -5.73
CA ALA A 133 -31.03 -9.69 -5.31
C ALA A 133 -31.73 -8.49 -5.93
N GLY A 134 -30.93 -7.56 -6.45
CA GLY A 134 -31.49 -6.39 -7.12
C GLY A 134 -31.38 -5.09 -6.34
N THR A 135 -30.74 -5.14 -5.18
CA THR A 135 -30.57 -3.96 -4.33
C THR A 135 -29.81 -2.87 -5.07
N ARG A 136 -30.29 -1.64 -4.97
CA ARG A 136 -29.75 -0.53 -5.75
C ARG A 136 -29.06 0.53 -4.90
N ASN A 137 -29.20 0.42 -3.58
CA ASN A 137 -28.69 1.44 -2.68
C ASN A 137 -27.54 0.93 -1.82
N TYR A 138 -26.39 1.59 -1.92
CA TYR A 138 -25.19 1.15 -1.21
C TYR A 138 -24.52 2.31 -0.50
N ILE A 139 -24.54 2.27 0.82
CA ILE A 139 -24.20 3.41 1.65
C ILE A 139 -22.94 3.15 2.47
N GLY A 140 -22.07 4.14 2.54
CA GLY A 140 -20.90 4.06 3.39
C GLY A 140 -21.29 4.11 4.86
N GLY A 141 -20.58 3.35 5.70
CA GLY A 141 -20.87 3.33 7.12
C GLY A 141 -20.24 4.46 7.89
N ASN A 142 -20.67 4.64 9.13
CA ASN A 142 -20.09 5.66 10.00
C ASN A 142 -18.61 5.38 10.19
N CYS A 143 -17.82 6.44 10.27
CA CYS A 143 -16.37 6.33 10.35
C CYS A 143 -15.90 5.43 11.48
N THR A 144 -16.50 5.60 12.66
CA THR A 144 -16.14 4.81 13.83
C THR A 144 -16.30 3.31 13.60
N VAL A 145 -17.44 2.93 13.03
CA VAL A 145 -17.76 1.53 12.81
C VAL A 145 -16.87 0.92 11.74
N SER A 146 -16.68 1.65 10.64
CA SER A 146 -15.86 1.17 9.53
C SER A 146 -14.41 0.93 9.95
N LEU A 147 -13.86 1.86 10.71
CA LEU A 147 -12.48 1.77 11.15
C LEU A 147 -12.26 0.63 12.14
N MET A 148 -13.25 0.40 13.01
CA MET A 148 -13.17 -0.67 13.99
C MET A 148 -13.19 -2.03 13.31
N LEU A 149 -14.05 -2.17 12.30
CA LEU A 149 -14.22 -3.45 11.61
C LEU A 149 -13.06 -3.77 10.68
N MET A 150 -12.40 -2.73 10.16
CA MET A 150 -11.23 -2.94 9.32
C MET A 150 -10.09 -3.52 10.14
N ALA A 151 -10.09 -3.22 11.44
CA ALA A 151 -9.04 -3.70 12.34
C ALA A 151 -9.39 -5.06 12.93
N LEU A 152 -10.65 -5.24 13.32
CA LEU A 152 -11.05 -6.44 14.03
C LEU A 152 -12.01 -7.34 13.26
N GLY A 153 -12.05 -7.18 11.94
CA GLY A 153 -12.91 -7.99 11.10
C GLY A 153 -12.67 -9.48 11.25
N GLY A 154 -11.42 -9.85 11.51
CA GLY A 154 -11.04 -11.25 11.67
C GLY A 154 -11.73 -11.94 12.83
N LEU A 155 -12.01 -11.19 13.90
CA LEU A 155 -12.67 -11.76 15.07
C LEU A 155 -14.16 -11.94 14.83
N PHE A 156 -14.79 -10.95 14.21
CA PHE A 156 -16.21 -11.04 13.88
C PHE A 156 -16.46 -12.12 12.84
N ASP A 157 -15.52 -12.26 11.90
CA ASP A 157 -15.62 -13.25 10.85
C ASP A 157 -15.56 -14.66 11.43
N ALA A 158 -14.81 -14.81 12.52
CA ALA A 158 -14.66 -16.10 13.18
C ALA A 158 -15.78 -16.33 14.18
N GLY A 159 -16.66 -15.34 14.33
CA GLY A 159 -17.80 -15.44 15.22
C GLY A 159 -17.43 -15.59 16.69
N LEU A 160 -16.42 -14.84 17.12
CA LEU A 160 -15.90 -14.97 18.48
C LEU A 160 -16.38 -13.86 19.41
N VAL A 161 -16.87 -12.77 18.83
CA VAL A 161 -17.25 -11.60 19.62
C VAL A 161 -18.61 -11.76 20.29
N GLU A 162 -18.60 -11.78 21.62
CA GLU A 162 -19.84 -11.81 22.39
C GLU A 162 -20.41 -10.40 22.51
N TRP A 163 -19.58 -9.47 22.98
CA TRP A 163 -19.93 -8.05 22.96
C TRP A 163 -18.66 -7.20 22.95
N MET A 164 -18.83 -5.90 22.75
CA MET A 164 -17.69 -4.99 22.68
C MET A 164 -18.00 -3.62 23.28
N SER A 165 -17.14 -3.18 24.19
CA SER A 165 -17.22 -1.82 24.73
C SER A 165 -16.18 -0.94 24.05
N ALA A 166 -16.62 0.12 23.40
CA ALA A 166 -15.74 0.96 22.61
C ALA A 166 -15.64 2.38 23.16
N MET A 167 -14.46 2.72 23.69
CA MET A 167 -14.17 4.08 24.13
C MET A 167 -13.31 4.76 23.07
N THR A 168 -13.84 5.77 22.41
CA THR A 168 -13.18 6.33 21.23
C THR A 168 -12.46 7.64 21.49
N TYR A 169 -11.48 7.91 20.63
CA TYR A 169 -10.70 9.14 20.64
C TYR A 169 -10.79 9.76 19.26
N GLN A 170 -11.85 10.51 19.01
CA GLN A 170 -12.21 10.89 17.65
C GLN A 170 -11.70 12.26 17.22
N ALA A 171 -11.32 12.35 15.95
CA ALA A 171 -10.69 13.55 15.39
C ALA A 171 -11.72 14.60 14.98
N ALA A 172 -11.23 15.79 14.65
CA ALA A 172 -12.09 16.91 14.30
C ALA A 172 -12.67 16.77 12.90
N SER A 173 -12.03 15.94 12.07
CA SER A 173 -12.46 15.77 10.67
C SER A 173 -13.85 15.20 10.56
N GLY A 174 -14.24 14.38 11.55
CA GLY A 174 -15.57 13.79 11.56
C GLY A 174 -16.68 14.81 11.69
N ALA A 175 -16.35 15.99 12.22
CA ALA A 175 -17.31 17.05 12.41
C ALA A 175 -17.33 18.00 11.21
N GLY A 176 -16.22 18.07 10.49
CA GLY A 176 -16.14 18.90 9.30
C GLY A 176 -14.85 19.70 9.15
N ALA A 177 -14.73 20.37 8.01
CA ALA A 177 -13.53 21.14 7.69
C ALA A 177 -13.37 22.34 8.62
N GLN A 178 -14.48 23.02 8.90
CA GLN A 178 -14.45 24.21 9.76
C GLN A 178 -14.08 23.85 11.19
N ASN A 179 -14.39 22.61 11.58
CA ASN A 179 -14.03 22.13 12.91
C ASN A 179 -12.54 21.87 13.01
N MET A 180 -11.96 21.35 11.93
CA MET A 180 -10.52 21.12 11.87
C MET A 180 -9.77 22.44 11.95
N ARG A 181 -10.31 23.46 11.28
CA ARG A 181 -9.73 24.80 11.33
C ARG A 181 -9.83 25.37 12.73
N GLU A 182 -10.96 25.12 13.41
CA GLU A 182 -11.16 25.63 14.76
C GLU A 182 -10.19 24.98 15.73
N LEU A 183 -9.97 23.68 15.56
CA LEU A 183 -9.01 22.95 16.39
C LEU A 183 -7.63 23.58 16.29
N LEU A 184 -7.22 23.91 15.07
CA LEU A 184 -5.92 24.50 14.82
C LEU A 184 -5.82 25.91 15.40
N LYS A 185 -6.91 26.68 15.26
CA LYS A 185 -6.96 28.02 15.82
C LYS A 185 -6.92 27.99 17.34
N GLN A 186 -7.54 26.98 17.92
CA GLN A 186 -7.54 26.80 19.37
C GLN A 186 -6.14 26.50 19.89
N MET A 187 -5.43 25.63 19.18
CA MET A 187 -4.05 25.31 19.52
C MET A 187 -3.18 26.56 19.46
N GLY A 188 -3.42 27.38 18.45
CA GLY A 188 -2.67 28.61 18.28
C GLY A 188 -2.92 29.61 19.39
N ALA A 189 -4.18 29.78 19.76
CA ALA A 189 -4.56 30.69 20.83
C ALA A 189 -3.98 30.24 22.17
N ALA A 190 -3.96 28.94 22.38
CA ALA A 190 -3.42 28.37 23.62
C ALA A 190 -1.92 28.68 23.75
N HIS A 191 -1.18 28.44 22.66
CA HIS A 191 0.26 28.66 22.65
C HIS A 191 0.60 30.14 22.72
N ALA A 192 -0.16 30.96 22.00
CA ALA A 192 0.12 32.39 21.89
C ALA A 192 0.02 33.11 23.24
N SER A 193 -0.77 32.55 24.14
CA SER A 193 -0.98 33.16 25.45
C SER A 193 0.24 33.01 26.35
N VAL A 194 1.09 32.03 26.04
CA VAL A 194 2.28 31.76 26.84
C VAL A 194 3.51 31.66 25.96
N ALA A 195 3.46 32.32 24.80
CA ALA A 195 4.56 32.26 23.84
C ALA A 195 5.87 32.77 24.43
N ASP A 196 5.81 33.89 25.14
CA ASP A 196 6.99 34.48 25.76
C ASP A 196 7.53 33.60 26.88
N ASP A 197 6.62 33.05 27.68
CA ASP A 197 7.00 32.22 28.82
C ASP A 197 7.69 30.93 28.38
N LEU A 198 7.22 30.35 27.29
CA LEU A 198 7.79 29.12 26.77
C LEU A 198 9.21 29.33 26.26
N ALA A 199 9.48 30.52 25.73
CA ALA A 199 10.80 30.86 25.24
C ALA A 199 11.77 31.10 26.39
N ASN A 200 11.23 31.36 27.57
CA ASN A 200 12.04 31.58 28.76
C ASN A 200 12.11 30.30 29.61
N PRO A 201 13.30 29.69 29.66
CA PRO A 201 13.52 28.44 30.41
C PRO A 201 13.29 28.60 31.91
N ALA A 202 13.44 29.81 32.43
CA ALA A 202 13.33 30.06 33.86
C ALA A 202 11.91 30.39 34.29
N SER A 203 10.97 30.35 33.35
CA SER A 203 9.57 30.66 33.66
C SER A 203 8.96 29.60 34.56
N ALA A 204 7.93 29.97 35.29
CA ALA A 204 7.25 29.05 36.19
C ALA A 204 6.15 28.29 35.46
N ILE A 205 6.11 26.98 35.66
CA ILE A 205 5.17 26.11 34.95
C ILE A 205 3.73 26.38 35.39
N LEU A 206 3.55 26.74 36.66
CA LEU A 206 2.20 27.00 37.18
C LEU A 206 1.65 28.32 36.67
N ASP A 207 2.54 29.25 36.35
CA ASP A 207 2.12 30.52 35.76
C ASP A 207 1.69 30.29 34.31
N ILE A 208 2.41 29.43 33.62
CA ILE A 208 2.09 29.07 32.24
C ILE A 208 0.74 28.36 32.20
N ASP A 209 0.56 27.40 33.10
CA ASP A 209 -0.66 26.62 33.18
C ASP A 209 -1.88 27.49 33.49
N ARG A 210 -1.69 28.45 34.39
CA ARG A 210 -2.77 29.35 34.79
CA ARG A 210 -2.77 29.35 34.79
C ARG A 210 -3.27 30.17 33.60
N LYS A 211 -2.32 30.69 32.81
CA LYS A 211 -2.66 31.51 31.66
C LYS A 211 -3.35 30.71 30.56
N VAL A 212 -2.89 29.48 30.37
CA VAL A 212 -3.48 28.60 29.36
C VAL A 212 -4.90 28.24 29.74
N ALA A 213 -5.10 27.90 31.01
CA ALA A 213 -6.43 27.56 31.52
C ALA A 213 -7.38 28.75 31.39
N GLU A 214 -6.84 29.95 31.63
CA GLU A 214 -7.62 31.17 31.51
C GLU A 214 -8.01 31.44 30.06
N THR A 215 -7.10 31.12 29.15
CA THR A 215 -7.32 31.37 27.72
C THR A 215 -8.42 30.47 27.15
N LEU A 216 -8.39 29.19 27.52
CA LEU A 216 -9.40 28.25 27.06
C LEU A 216 -10.79 28.61 27.58
N ARG A 217 -10.83 29.35 28.69
CA ARG A 217 -12.09 29.73 29.31
C ARG A 217 -12.58 31.11 28.84
N SER A 218 -11.67 31.88 28.25
CA SER A 218 -12.01 33.23 27.81
C SER A 218 -13.00 33.22 26.65
N GLU A 219 -13.73 34.32 26.50
CA GLU A 219 -14.74 34.44 25.44
C GLU A 219 -14.10 34.50 24.06
N ALA A 220 -12.89 35.04 24.00
CA ALA A 220 -12.19 35.22 22.73
C ALA A 220 -11.65 33.90 22.18
N PHE A 221 -11.75 32.84 22.97
CA PHE A 221 -11.32 31.52 22.53
C PHE A 221 -12.31 30.97 21.50
N PRO A 222 -11.81 30.65 20.30
CA PRO A 222 -12.66 30.19 19.19
C PRO A 222 -13.34 28.85 19.47
N THR A 223 -14.61 28.89 19.86
CA THR A 223 -15.35 27.67 20.20
C THR A 223 -16.70 27.64 19.51
N GLU A 224 -16.83 28.34 18.39
CA GLU A 224 -18.10 28.45 17.69
C GLU A 224 -18.65 27.10 17.21
N HIS A 225 -17.78 26.29 16.62
CA HIS A 225 -18.22 25.07 15.97
C HIS A 225 -18.28 23.87 16.92
N PHE A 226 -17.37 23.82 17.88
CA PHE A 226 -17.37 22.72 18.84
C PHE A 226 -18.23 23.03 20.07
N GLY A 227 -18.51 24.32 20.28
CA GLY A 227 -19.28 24.74 21.43
C GLY A 227 -18.49 24.72 22.73
N ALA A 228 -17.23 24.31 22.61
CA ALA A 228 -16.34 24.16 23.75
C ALA A 228 -14.90 24.03 23.27
N PRO A 229 -13.92 24.24 24.16
CA PRO A 229 -12.53 24.00 23.77
C PRO A 229 -12.27 22.53 23.41
N LEU A 230 -11.51 22.30 22.36
CA LEU A 230 -11.07 20.96 22.02
C LEU A 230 -9.55 20.86 22.20
N GLY A 231 -8.85 21.84 21.64
CA GLY A 231 -7.42 21.93 21.83
C GLY A 231 -7.08 22.18 23.29
N GLY A 232 -6.30 21.28 23.87
CA GLY A 232 -5.97 21.36 25.28
C GLY A 232 -7.02 20.73 26.16
N SER A 233 -8.00 20.10 25.54
CA SER A 233 -9.11 19.48 26.28
C SER A 233 -9.71 18.31 25.49
N LEU A 234 -10.94 17.97 25.82
CA LEU A 234 -11.69 16.95 25.07
C LEU A 234 -13.18 17.15 25.30
N ILE A 235 -14.00 16.54 24.44
CA ILE A 235 -15.46 16.69 24.53
C ILE A 235 -16.12 15.32 24.48
N PRO A 236 -16.63 14.85 25.63
CA PRO A 236 -17.24 13.52 25.74
C PRO A 236 -18.68 13.46 25.21
N TRP A 237 -18.93 14.08 24.07
CA TRP A 237 -20.23 13.99 23.42
C TRP A 237 -20.13 14.35 21.94
N ILE A 238 -20.55 13.43 21.09
CA ILE A 238 -20.53 13.65 19.65
C ILE A 238 -21.91 13.41 19.07
N ASP A 239 -22.40 14.38 18.29
CA ASP A 239 -23.72 14.32 17.64
C ASP A 239 -24.86 14.41 18.66
N LYS A 240 -26.08 14.32 18.15
CA LYS A 240 -27.29 14.64 18.92
C LYS A 240 -27.58 13.68 20.07
N GLU A 241 -28.25 14.22 21.09
CA GLU A 241 -28.68 13.43 22.25
C GLU A 241 -29.90 12.58 21.92
N LEU A 242 -29.88 11.32 22.33
CA LEU A 242 -31.00 10.43 22.13
C LEU A 242 -31.70 10.16 23.47
N PRO A 243 -33.00 9.80 23.42
CA PRO A 243 -33.78 9.58 24.64
C PRO A 243 -33.24 8.48 25.55
N ASN A 244 -32.38 7.61 25.05
CA ASN A 244 -31.86 6.51 25.86
C ASN A 244 -30.56 6.87 26.57
N GLY A 245 -30.12 8.12 26.39
CA GLY A 245 -28.91 8.59 27.04
C GLY A 245 -27.68 8.48 26.16
N GLN A 246 -27.83 7.81 25.03
CA GLN A 246 -26.75 7.72 24.06
C GLN A 246 -26.69 8.97 23.20
N SER A 247 -25.51 9.25 22.66
CA SER A 247 -25.40 10.20 21.57
C SER A 247 -25.67 9.42 20.28
N ARG A 248 -25.94 10.12 19.19
CA ARG A 248 -26.23 9.44 17.93
C ARG A 248 -25.01 8.66 17.46
N GLU A 249 -23.83 9.21 17.74
CA GLU A 249 -22.57 8.58 17.37
C GLU A 249 -22.41 7.24 18.07
N GLU A 250 -22.72 7.20 19.36
CA GLU A 250 -22.61 5.98 20.15
C GLU A 250 -23.66 4.95 19.73
N TRP A 251 -24.84 5.44 19.35
CA TRP A 251 -25.93 4.57 18.90
C TRP A 251 -25.56 3.84 17.62
N LYS A 252 -24.82 4.52 16.75
CA LYS A 252 -24.45 3.97 15.45
C LYS A 252 -23.53 2.76 15.57
N ALA A 253 -22.88 2.63 16.72
CA ALA A 253 -21.95 1.52 16.95
C ALA A 253 -22.63 0.17 16.77
N GLN A 254 -23.66 -0.09 17.58
CA GLN A 254 -24.34 -1.38 17.53
C GLN A 254 -25.20 -1.51 16.28
N ALA A 255 -25.89 -0.43 15.91
CA ALA A 255 -26.81 -0.43 14.79
C ALA A 255 -26.12 -0.75 13.47
N GLU A 256 -25.00 -0.08 13.20
CA GLU A 256 -24.33 -0.21 11.92
C GLU A 256 -23.41 -1.42 11.86
N THR A 257 -22.80 -1.77 12.99
CA THR A 257 -21.94 -2.95 13.05
C THR A 257 -22.71 -4.20 12.65
N ASN A 258 -23.88 -4.37 13.25
CA ASN A 258 -24.69 -5.57 13.02
C ASN A 258 -25.33 -5.59 11.63
N LYS A 259 -25.62 -4.41 11.07
CA LYS A 259 -26.19 -4.37 9.73
C LYS A 259 -25.12 -4.70 8.68
N ILE A 260 -23.90 -4.21 8.91
CA ILE A 260 -22.77 -4.53 8.05
C ILE A 260 -22.55 -6.03 8.04
N LEU A 261 -22.64 -6.64 9.22
CA LEU A 261 -22.45 -8.09 9.37
C LEU A 261 -23.73 -8.85 9.01
N ALA A 262 -24.78 -8.11 8.69
CA ALA A 262 -26.08 -8.68 8.35
C ALA A 262 -26.61 -9.56 9.48
N ARG A 263 -26.39 -9.13 10.72
CA ARG A 263 -26.91 -9.83 11.89
C ARG A 263 -28.23 -9.19 12.35
N PHE A 264 -29.32 -9.54 11.67
CA PHE A 264 -30.63 -8.99 12.00
C PHE A 264 -31.27 -9.71 13.18
N LYS A 265 -30.94 -10.99 13.33
CA LYS A 265 -31.53 -11.81 14.38
C LYS A 265 -31.07 -11.39 15.77
N ASN A 266 -29.95 -11.95 16.21
CA ASN A 266 -29.39 -11.64 17.53
C ASN A 266 -28.17 -10.74 17.40
N PRO A 267 -28.36 -9.43 17.58
CA PRO A 267 -27.29 -8.45 17.39
C PRO A 267 -26.20 -8.52 18.46
N ILE A 268 -24.95 -8.33 18.06
CA ILE A 268 -23.84 -8.24 18.99
C ILE A 268 -23.89 -6.91 19.71
N PRO A 269 -24.00 -6.94 21.05
CA PRO A 269 -24.02 -5.70 21.84
C PRO A 269 -22.75 -4.88 21.66
N VAL A 270 -22.90 -3.68 21.11
CA VAL A 270 -21.77 -2.76 20.98
C VAL A 270 -22.17 -1.43 21.60
N ASP A 271 -21.40 -0.98 22.59
CA ASP A 271 -21.68 0.26 23.27
C ASP A 271 -20.40 0.92 23.77
N GLY A 272 -20.53 2.10 24.37
CA GLY A 272 -19.39 2.83 24.89
C GLY A 272 -19.59 4.32 24.90
N ILE A 273 -18.48 5.06 24.93
CA ILE A 273 -18.53 6.52 24.97
C ILE A 273 -17.71 7.10 23.83
N CYS A 274 -18.33 7.95 23.02
CA CYS A 274 -17.62 8.57 21.91
C CYS A 274 -17.11 9.95 22.29
N VAL A 275 -15.78 10.08 22.31
CA VAL A 275 -15.15 11.30 22.81
C VAL A 275 -14.33 11.99 21.72
N ARG A 276 -14.53 13.30 21.59
CA ARG A 276 -13.76 14.10 20.65
C ARG A 276 -12.42 14.53 21.27
N VAL A 277 -11.33 14.28 20.55
CA VAL A 277 -10.02 14.70 21.01
C VAL A 277 -9.37 15.60 19.97
N GLY A 278 -8.26 16.23 20.34
CA GLY A 278 -7.60 17.20 19.48
C GLY A 278 -6.74 16.62 18.38
N ALA A 279 -7.32 15.74 17.57
CA ALA A 279 -6.61 15.18 16.42
C ALA A 279 -7.26 15.67 15.13
N MET A 280 -6.49 15.71 14.05
CA MET A 280 -6.97 16.25 12.79
C MET A 280 -7.95 15.32 12.08
N ARG A 281 -7.50 14.13 11.69
CA ARG A 281 -8.33 13.25 10.87
C ARG A 281 -8.16 11.76 11.15
N CYS A 282 -7.75 11.41 12.37
CA CYS A 282 -7.65 9.99 12.73
C CYS A 282 -8.48 9.67 13.96
N HIS A 283 -9.30 8.64 13.86
CA HIS A 283 -10.04 8.13 15.01
C HIS A 283 -9.24 7.02 15.70
N SER A 284 -9.16 7.11 17.02
CA SER A 284 -8.55 6.04 17.81
C SER A 284 -9.61 5.43 18.72
N GLN A 285 -9.49 4.13 18.98
CA GLN A 285 -10.49 3.43 19.78
C GLN A 285 -9.85 2.46 20.78
N ALA A 286 -10.22 2.61 22.05
CA ALA A 286 -9.80 1.67 23.09
C ALA A 286 -10.93 0.68 23.36
N LEU A 287 -10.65 -0.60 23.15
CA LEU A 287 -11.71 -1.60 23.09
C LEU A 287 -11.63 -2.66 24.17
N THR A 288 -12.78 -2.98 24.77
CA THR A 288 -12.91 -4.13 25.66
C THR A 288 -13.76 -5.17 24.95
N ILE A 289 -13.13 -6.27 24.56
CA ILE A 289 -13.80 -7.28 23.75
C ILE A 289 -14.03 -8.57 24.52
N LYS A 290 -15.29 -8.93 24.71
CA LYS A 290 -15.65 -10.20 25.32
C LYS A 290 -15.76 -11.28 24.25
N LEU A 291 -14.91 -12.29 24.36
CA LEU A 291 -14.95 -13.41 23.43
C LEU A 291 -15.87 -14.50 23.98
N ASN A 292 -16.47 -15.28 23.09
CA ASN A 292 -17.36 -16.36 23.50
C ASN A 292 -16.63 -17.69 23.54
N LYS A 293 -15.32 -17.64 23.35
CA LYS A 293 -14.49 -18.85 23.38
C LYS A 293 -13.12 -18.57 23.98
N ASP A 294 -12.48 -19.62 24.47
CA ASP A 294 -11.10 -19.52 24.96
C ASP A 294 -10.13 -19.71 23.80
N VAL A 295 -9.56 -18.60 23.34
CA VAL A 295 -8.64 -18.61 22.22
C VAL A 295 -7.29 -18.05 22.67
N PRO A 296 -6.20 -18.78 22.36
CA PRO A 296 -4.85 -18.28 22.65
C PRO A 296 -4.58 -16.95 21.96
N LEU A 297 -3.84 -16.07 22.62
CA LEU A 297 -3.59 -14.72 22.12
C LEU A 297 -2.94 -14.72 20.74
N THR A 298 -2.05 -15.68 20.50
CA THR A 298 -1.36 -15.79 19.23
C THR A 298 -2.32 -16.13 18.10
N ASP A 299 -3.32 -16.96 18.40
CA ASP A 299 -4.33 -17.32 17.41
C ASP A 299 -5.23 -16.13 17.11
N ILE A 300 -5.49 -15.31 18.13
CA ILE A 300 -6.28 -14.10 17.97
C ILE A 300 -5.55 -13.14 17.04
N GLU A 301 -4.25 -13.00 17.25
CA GLU A 301 -3.42 -12.15 16.42
C GLU A 301 -3.44 -12.61 14.97
N GLY A 302 -3.41 -13.92 14.77
CA GLY A 302 -3.47 -14.50 13.44
C GLY A 302 -4.77 -14.20 12.72
N LEU A 303 -5.88 -14.35 13.43
CA LEU A 303 -7.20 -14.07 12.88
C LEU A 303 -7.33 -12.60 12.49
N ILE A 304 -6.77 -11.73 13.31
CA ILE A 304 -6.84 -10.28 13.08
C ILE A 304 -6.02 -9.88 11.86
N SER A 305 -4.78 -10.32 11.80
CA SER A 305 -3.85 -9.88 10.77
C SER A 305 -4.12 -10.50 9.39
N GLN A 306 -4.71 -11.69 9.37
CA GLN A 306 -4.92 -12.41 8.13
C GLN A 306 -6.23 -12.02 7.43
N HIS A 307 -7.04 -11.19 8.07
CA HIS A 307 -8.35 -10.84 7.56
C HIS A 307 -8.27 -9.97 6.29
N ASN A 308 -7.46 -8.92 6.34
CA ASN A 308 -7.32 -8.02 5.19
C ASN A 308 -5.90 -7.44 5.15
N PRO A 309 -5.45 -7.00 3.97
CA PRO A 309 -4.08 -6.48 3.83
C PRO A 309 -3.87 -5.06 4.35
N TRP A 310 -4.89 -4.43 4.92
CA TRP A 310 -4.76 -3.04 5.36
C TRP A 310 -4.60 -2.94 6.87
N VAL A 311 -5.15 -3.90 7.60
CA VAL A 311 -4.98 -3.96 9.04
C VAL A 311 -3.50 -4.22 9.33
N LYS A 312 -2.98 -3.55 10.36
CA LYS A 312 -1.58 -3.68 10.72
C LYS A 312 -1.43 -4.07 12.17
N LEU A 313 -1.06 -5.33 12.43
CA LEU A 313 -0.91 -5.78 13.80
C LEU A 313 0.38 -5.25 14.39
N VAL A 314 0.25 -4.37 15.39
CA VAL A 314 1.41 -3.80 16.06
C VAL A 314 1.71 -4.59 17.32
N PRO A 315 2.92 -5.20 17.38
CA PRO A 315 3.37 -5.96 18.54
C PRO A 315 3.22 -5.18 19.84
N ASN A 316 2.79 -5.84 20.90
CA ASN A 316 2.51 -5.15 22.16
C ASN A 316 3.80 -4.79 22.89
N HIS A 317 4.58 -3.91 22.30
CA HIS A 317 5.80 -3.41 22.92
C HIS A 317 5.81 -1.88 22.86
N ARG A 318 6.49 -1.25 23.81
CA ARG A 318 6.38 0.19 24.02
C ARG A 318 6.85 1.02 22.83
N GLU A 319 8.08 0.78 22.39
CA GLU A 319 8.70 1.61 21.35
C GLU A 319 7.91 1.59 20.04
N VAL A 320 7.50 0.41 19.62
CA VAL A 320 6.79 0.25 18.36
C VAL A 320 5.37 0.81 18.48
N SER A 321 4.78 0.72 19.66
CA SER A 321 3.43 1.23 19.87
C SER A 321 3.40 2.74 19.83
N VAL A 322 4.41 3.36 20.44
CA VAL A 322 4.54 4.81 20.48
C VAL A 322 4.73 5.35 19.05
N ARG A 323 5.46 4.60 18.24
CA ARG A 323 5.79 5.04 16.89
C ARG A 323 4.67 4.76 15.88
N GLU A 324 3.99 3.63 16.02
CA GLU A 324 3.08 3.15 14.99
C GLU A 324 1.60 3.36 15.30
N LEU A 325 1.22 3.21 16.56
CA LEU A 325 -0.19 3.18 16.94
C LEU A 325 -0.73 4.57 17.31
N THR A 326 -0.50 5.56 16.45
CA THR A 326 -0.89 6.94 16.72
C THR A 326 -1.49 7.63 15.50
N PRO A 327 -2.31 8.66 15.71
CA PRO A 327 -2.82 9.50 14.62
C PRO A 327 -1.71 10.11 13.76
N ALA A 328 -0.61 10.49 14.41
CA ALA A 328 0.53 11.09 13.72
C ALA A 328 1.12 10.15 12.69
N ALA A 329 1.10 8.86 12.99
CA ALA A 329 1.67 7.84 12.11
C ALA A 329 0.68 7.41 11.03
N VAL A 330 -0.61 7.42 11.35
CA VAL A 330 -1.63 6.85 10.48
C VAL A 330 -2.18 7.86 9.48
N THR A 331 -2.18 9.13 9.86
CA THR A 331 -2.80 10.21 9.08
C THR A 331 -2.46 10.18 7.58
N GLY A 332 -3.50 10.09 6.75
CA GLY A 332 -3.34 10.13 5.32
C GLY A 332 -3.02 8.79 4.67
N THR A 333 -2.99 7.73 5.49
CA THR A 333 -2.66 6.40 4.98
C THR A 333 -3.85 5.45 5.06
N LEU A 334 -3.80 4.38 4.28
CA LEU A 334 -4.86 3.38 4.27
C LEU A 334 -4.59 2.28 5.30
N SER A 335 -3.53 2.47 6.09
CA SER A 335 -3.17 1.50 7.10
C SER A 335 -4.05 1.64 8.34
N VAL A 336 -4.49 0.50 8.87
CA VAL A 336 -5.33 0.49 10.07
C VAL A 336 -4.66 -0.35 11.15
N PRO A 337 -3.70 0.23 11.87
CA PRO A 337 -2.98 -0.51 12.91
C PRO A 337 -3.83 -0.82 14.14
N VAL A 338 -3.66 -2.02 14.67
CA VAL A 338 -4.31 -2.41 15.93
C VAL A 338 -3.25 -3.03 16.83
N GLY A 339 -3.20 -2.59 18.08
CA GLY A 339 -2.20 -3.07 19.02
C GLY A 339 -2.71 -3.16 20.44
N ARG A 340 -1.76 -3.25 21.39
CA ARG A 340 -2.08 -3.44 22.81
C ARG A 340 -2.96 -4.66 23.01
N LEU A 341 -2.78 -5.67 22.15
CA LEU A 341 -3.59 -6.87 22.21
C LEU A 341 -3.13 -7.79 23.33
N ARG A 342 -4.03 -8.03 24.29
CA ARG A 342 -3.72 -8.86 25.45
C ARG A 342 -4.99 -9.24 26.19
N LYS A 343 -4.93 -10.35 26.92
CA LYS A 343 -6.05 -10.75 27.76
C LYS A 343 -6.09 -9.88 29.00
N LEU A 344 -7.29 -9.42 29.36
CA LEU A 344 -7.45 -8.50 30.48
C LEU A 344 -7.62 -9.25 31.79
N ASN A 345 -7.46 -8.52 32.90
CA ASN A 345 -7.49 -9.12 34.24
C ASN A 345 -8.83 -9.73 34.60
N MET A 346 -9.88 -9.34 33.88
CA MET A 346 -11.23 -9.82 34.18
C MET A 346 -11.40 -11.30 33.83
N GLY A 347 -10.59 -11.78 32.88
CA GLY A 347 -10.67 -13.16 32.46
C GLY A 347 -10.04 -13.42 31.11
N SER A 348 -9.81 -14.70 30.80
CA SER A 348 -9.13 -15.09 29.56
C SER A 348 -9.97 -14.84 28.31
N GLN A 349 -11.25 -14.59 28.49
CA GLN A 349 -12.14 -14.34 27.36
C GLN A 349 -12.35 -12.84 27.16
N TYR A 350 -11.66 -12.04 27.96
CA TYR A 350 -11.71 -10.60 27.82
C TYR A 350 -10.46 -10.09 27.10
N LEU A 351 -10.67 -9.46 25.95
CA LEU A 351 -9.56 -9.02 25.11
C LEU A 351 -9.50 -7.50 25.03
N GLY A 352 -8.32 -6.95 25.30
CA GLY A 352 -8.09 -5.52 25.15
C GLY A 352 -7.44 -5.22 23.83
N ALA A 353 -7.77 -4.07 23.25
CA ALA A 353 -7.24 -3.69 21.94
C ALA A 353 -7.31 -2.17 21.72
N PHE A 354 -6.30 -1.64 21.05
CA PHE A 354 -6.27 -0.23 20.68
C PHE A 354 -5.99 -0.10 19.19
N THR A 355 -6.83 0.64 18.49
CA THR A 355 -6.67 0.78 17.04
C THR A 355 -6.77 2.23 16.58
N VAL A 356 -6.06 2.56 15.51
CA VAL A 356 -6.09 3.90 14.95
C VAL A 356 -6.36 3.79 13.45
N GLY A 357 -7.19 4.70 12.93
CA GLY A 357 -7.50 4.71 11.51
C GLY A 357 -7.85 6.09 10.99
N ASP A 358 -7.54 6.33 9.72
CA ASP A 358 -7.82 7.62 9.09
C ASP A 358 -9.31 7.74 8.79
N GLN A 359 -9.92 8.82 9.27
CA GLN A 359 -11.36 9.00 9.19
C GLN A 359 -11.85 9.31 7.77
N LEU A 360 -10.99 9.92 6.96
CA LEU A 360 -11.40 10.36 5.62
C LEU A 360 -11.25 9.26 4.58
N LEU A 361 -10.43 8.26 4.86
CA LEU A 361 -10.17 7.20 3.89
C LEU A 361 -11.10 6.01 4.11
N TRP A 362 -10.69 5.05 4.93
CA TRP A 362 -11.54 3.89 5.23
C TRP A 362 -12.79 4.31 5.99
N GLY A 363 -12.74 5.47 6.63
CA GLY A 363 -13.88 5.96 7.39
C GLY A 363 -14.87 6.76 6.58
N ALA A 364 -14.56 6.98 5.29
CA ALA A 364 -15.44 7.78 4.44
C ALA A 364 -15.32 7.44 2.95
N ALA A 365 -14.25 7.92 2.33
CA ALA A 365 -14.14 7.90 0.87
C ALA A 365 -13.84 6.53 0.27
N GLU A 366 -12.97 5.77 0.92
CA GLU A 366 -12.46 4.53 0.34
C GLU A 366 -13.51 3.44 0.08
N PRO A 367 -14.42 3.18 1.04
CA PRO A 367 -15.41 2.15 0.74
C PRO A 367 -16.34 2.51 -0.42
N LEU A 368 -16.43 3.80 -0.73
CA LEU A 368 -17.32 4.28 -1.78
C LEU A 368 -16.76 4.03 -3.17
N ARG A 369 -15.48 4.35 -3.37
CA ARG A 369 -14.85 4.12 -4.67
C ARG A 369 -14.68 2.62 -4.91
N ARG A 370 -14.49 1.86 -3.84
CA ARG A 370 -14.36 0.42 -3.94
C ARG A 370 -15.68 -0.21 -4.33
N MET A 371 -16.78 0.35 -3.82
CA MET A 371 -18.11 -0.13 -4.17
C MET A 371 -18.38 0.14 -5.64
N LEU A 372 -17.90 1.29 -6.12
CA LEU A 372 -18.04 1.64 -7.53
C LEU A 372 -17.33 0.63 -8.41
N ARG A 373 -16.11 0.25 -8.01
CA ARG A 373 -15.34 -0.75 -8.74
C ARG A 373 -16.08 -2.08 -8.81
N ILE A 374 -16.73 -2.46 -7.71
CA ILE A 374 -17.50 -3.69 -7.64
C ILE A 374 -18.62 -3.68 -8.68
N LEU A 375 -19.29 -2.53 -8.81
CA LEU A 375 -20.35 -2.37 -9.80
C LEU A 375 -19.83 -2.53 -11.22
N LEU A 376 -18.61 -2.04 -11.46
CA LEU A 376 -18.02 -2.10 -12.79
C LEU A 376 -17.58 -3.52 -13.14
N GLU A 377 -17.38 -4.33 -12.11
CA GLU A 377 -16.92 -5.72 -12.31
C GLU A 377 -18.09 -6.68 -12.44
N ARG A 378 -19.31 -6.14 -12.44
CA ARG A 378 -20.51 -6.97 -12.57
C ARG A 378 -20.58 -7.62 -13.94
N HIS B 8 6.40 21.57 71.26
CA HIS B 8 5.45 20.49 71.02
C HIS B 8 4.90 20.55 69.60
N MET B 9 5.18 21.65 68.90
CA MET B 9 4.75 21.81 67.52
C MET B 9 5.67 21.01 66.60
N LYS B 10 5.06 20.15 65.78
CA LYS B 10 5.81 19.21 64.95
C LYS B 10 6.67 19.92 63.89
N ARG B 11 7.90 19.45 63.73
CA ARG B 11 8.78 19.94 62.67
C ARG B 11 8.59 19.10 61.42
N VAL B 12 8.15 19.75 60.34
CA VAL B 12 7.85 19.05 59.09
C VAL B 12 8.89 19.37 58.03
N GLY B 13 9.50 18.32 57.49
CA GLY B 13 10.46 18.48 56.42
C GLY B 13 9.81 18.49 55.05
N LEU B 14 10.04 19.58 54.31
CA LEU B 14 9.48 19.71 52.97
C LEU B 14 10.57 19.46 51.94
N ILE B 15 10.39 18.41 51.14
CA ILE B 15 11.35 18.05 50.10
C ILE B 15 10.64 18.00 48.76
N GLY B 16 11.28 18.56 47.73
CA GLY B 16 10.69 18.61 46.41
C GLY B 16 9.62 19.68 46.29
N TRP B 17 9.66 20.63 47.21
CA TRP B 17 8.71 21.74 47.23
C TRP B 17 8.86 22.64 46.00
N ARG B 18 10.09 22.72 45.48
CA ARG B 18 10.39 23.60 44.36
C ARG B 18 9.90 23.01 43.04
N GLY B 19 9.77 21.69 43.01
CA GLY B 19 9.26 21.00 41.83
C GLY B 19 7.82 21.34 41.53
N MET B 20 7.29 20.78 40.45
CA MET B 20 5.94 21.12 40.00
C MET B 20 4.86 20.67 40.98
N VAL B 21 4.83 19.38 41.29
CA VAL B 21 3.86 18.83 42.23
C VAL B 21 4.02 19.51 43.58
N GLY B 22 5.27 19.71 43.99
CA GLY B 22 5.57 20.42 45.21
C GLY B 22 5.07 21.85 45.20
N SER B 23 5.13 22.49 44.03
CA SER B 23 4.66 23.86 43.88
C SER B 23 3.14 23.93 44.02
N VAL B 24 2.45 22.91 43.53
CA VAL B 24 1.01 22.82 43.69
C VAL B 24 0.70 22.58 45.17
N LEU B 25 1.51 21.73 45.80
CA LEU B 25 1.39 21.45 47.22
C LEU B 25 1.57 22.73 48.03
N MET B 26 2.61 23.49 47.69
CA MET B 26 2.89 24.77 48.35
C MET B 26 1.69 25.71 48.24
N GLN B 27 1.15 25.81 47.03
CA GLN B 27 0.00 26.68 46.76
C GLN B 27 -1.20 26.31 47.63
N ARG B 28 -1.48 25.02 47.71
CA ARG B 28 -2.61 24.52 48.50
C ARG B 28 -2.38 24.72 50.00
N MET B 29 -1.17 24.42 50.45
CA MET B 29 -0.84 24.56 51.87
C MET B 29 -0.88 26.03 52.30
N LEU B 30 -0.55 26.93 51.38
CA LEU B 30 -0.64 28.36 51.64
C LEU B 30 -2.10 28.80 51.73
N GLU B 31 -2.92 28.31 50.80
CA GLU B 31 -4.33 28.63 50.76
C GLU B 31 -5.06 28.14 52.01
N GLU B 32 -4.67 26.96 52.48
CA GLU B 32 -5.32 26.35 53.64
C GLU B 32 -4.63 26.73 54.95
N ARG B 33 -3.59 27.56 54.84
CA ARG B 33 -2.81 28.01 56.00
C ARG B 33 -2.23 26.84 56.79
N ASP B 34 -1.74 25.83 56.08
CA ASP B 34 -1.19 24.64 56.73
C ASP B 34 0.09 24.93 57.50
N PHE B 35 0.82 25.96 57.07
CA PHE B 35 2.10 26.30 57.69
C PHE B 35 1.92 26.96 59.06
N ASP B 36 0.70 27.35 59.38
CA ASP B 36 0.41 27.99 60.66
C ASP B 36 0.50 26.98 61.81
N LEU B 37 0.32 25.71 61.50
CA LEU B 37 0.20 24.68 62.53
C LEU B 37 1.45 23.82 62.67
N ILE B 38 2.43 24.04 61.79
CA ILE B 38 3.65 23.24 61.81
C ILE B 38 4.90 24.13 61.81
N GLU B 39 6.05 23.52 62.08
CA GLU B 39 7.33 24.20 61.93
C GLU B 39 8.00 23.71 60.64
N PRO B 40 7.86 24.48 59.56
CA PRO B 40 8.34 24.07 58.25
C PRO B 40 9.86 24.10 58.12
N VAL B 41 10.45 22.97 57.72
CA VAL B 41 11.87 22.88 57.46
C VAL B 41 12.07 22.47 56.01
N PHE B 42 12.52 23.41 55.18
CA PHE B 42 12.66 23.16 53.75
C PHE B 42 14.03 22.61 53.39
N PHE B 43 14.04 21.48 52.69
CA PHE B 43 15.28 20.83 52.29
C PHE B 43 15.52 20.97 50.79
N THR B 44 16.76 20.76 50.37
CA THR B 44 17.16 20.92 48.99
C THR B 44 18.24 19.93 48.60
N THR B 45 18.36 19.68 47.31
CA THR B 45 19.39 18.77 46.80
C THR B 45 20.37 19.50 45.90
N SER B 46 20.37 20.84 45.98
CA SER B 46 21.20 21.64 45.10
C SER B 46 21.66 22.96 45.73
N ASN B 47 20.80 23.58 46.53
CA ASN B 47 21.09 24.90 47.07
C ASN B 47 21.06 24.93 48.60
N VAL B 48 22.04 24.27 49.23
CA VAL B 48 22.12 24.23 50.68
C VAL B 48 22.52 25.60 51.22
N GLY B 49 21.72 26.12 52.14
CA GLY B 49 21.97 27.43 52.73
C GLY B 49 21.20 28.54 52.06
N GLY B 50 20.61 28.23 50.90
CA GLY B 50 19.85 29.21 50.15
C GLY B 50 18.56 29.62 50.83
N GLN B 51 17.85 30.56 50.21
CA GLN B 51 16.59 31.07 50.78
C GLN B 51 15.42 30.14 50.46
N GLY B 52 14.59 29.90 51.46
CA GLY B 52 13.39 29.10 51.27
C GLY B 52 12.20 29.93 50.84
N PRO B 53 11.09 29.27 50.47
CA PRO B 53 9.89 29.97 50.02
C PRO B 53 9.20 30.72 51.16
N GLU B 54 8.49 31.79 50.83
CA GLU B 54 7.80 32.59 51.84
C GLU B 54 6.52 31.90 52.29
N VAL B 55 6.40 31.68 53.60
CA VAL B 55 5.23 31.02 54.16
C VAL B 55 4.63 31.86 55.30
N GLY B 56 4.92 33.15 55.30
CA GLY B 56 4.36 34.06 56.28
C GLY B 56 5.02 34.01 57.64
N LYS B 57 6.10 33.24 57.76
CA LYS B 57 6.82 33.12 59.01
C LYS B 57 8.32 32.95 58.76
N ASP B 58 9.13 33.21 59.78
CA ASP B 58 10.56 33.02 59.69
C ASP B 58 10.90 31.54 59.64
N ILE B 59 11.72 31.15 58.66
CA ILE B 59 12.15 29.76 58.52
C ILE B 59 13.67 29.71 58.44
N ALA B 60 14.22 28.54 58.74
CA ALA B 60 15.66 28.32 58.64
C ALA B 60 16.05 28.23 57.16
N PRO B 61 17.31 28.57 56.85
CA PRO B 61 17.81 28.42 55.47
C PRO B 61 17.68 26.99 54.96
N LEU B 62 17.75 26.82 53.64
CA LEU B 62 17.63 25.50 53.02
C LEU B 62 18.68 24.54 53.56
N LYS B 63 18.23 23.35 53.97
CA LYS B 63 19.13 22.36 54.56
C LYS B 63 19.32 21.16 53.64
N ASP B 64 20.37 20.38 53.91
CA ASP B 64 20.74 19.25 53.07
C ASP B 64 19.71 18.13 53.12
N ALA B 65 19.14 17.79 51.97
CA ALA B 65 18.12 16.75 51.90
C ALA B 65 18.73 15.36 51.93
N TYR B 66 20.06 15.29 51.95
CA TYR B 66 20.76 14.01 52.01
C TYR B 66 21.42 13.81 53.37
N SER B 67 21.29 14.82 54.24
CA SER B 67 21.87 14.75 55.57
C SER B 67 20.93 14.01 56.52
N ILE B 68 21.32 12.79 56.89
CA ILE B 68 20.52 11.95 57.78
C ILE B 68 20.38 12.59 59.15
N ASP B 69 21.44 13.27 59.59
CA ASP B 69 21.44 13.94 60.88
C ASP B 69 20.38 15.04 60.95
N GLU B 70 20.20 15.74 59.83
CA GLU B 70 19.20 16.79 59.74
C GLU B 70 17.79 16.21 59.74
N LEU B 71 17.60 15.17 58.92
CA LEU B 71 16.29 14.56 58.73
C LEU B 71 15.80 13.82 59.98
N LYS B 72 16.74 13.31 60.78
CA LYS B 72 16.41 12.53 61.96
C LYS B 72 15.71 13.37 63.03
N THR B 73 15.89 14.69 62.94
CA THR B 73 15.31 15.60 63.92
C THR B 73 13.86 15.95 63.59
N LEU B 74 13.41 15.51 62.42
CA LEU B 74 12.06 15.82 61.97
C LEU B 74 11.03 14.85 62.52
N ASP B 75 9.82 15.35 62.73
CA ASP B 75 8.70 14.50 63.13
C ASP B 75 8.00 13.94 61.90
N VAL B 76 7.90 14.77 60.86
CA VAL B 76 7.24 14.38 59.62
C VAL B 76 8.12 14.75 58.43
N ILE B 77 8.14 13.90 57.41
CA ILE B 77 8.78 14.24 56.14
C ILE B 77 7.74 14.21 55.02
N LEU B 78 7.58 15.34 54.36
CA LEU B 78 6.64 15.46 53.24
C LEU B 78 7.41 15.73 51.96
N THR B 79 7.55 14.71 51.13
CA THR B 79 8.43 14.79 49.97
C THR B 79 7.71 14.62 48.63
N CYS B 80 8.07 15.48 47.67
CA CYS B 80 7.61 15.36 46.30
C CYS B 80 8.83 15.32 45.39
N GLN B 81 9.98 14.99 45.97
CA GLN B 81 11.26 15.02 45.26
C GLN B 81 11.34 13.94 44.19
N GLY B 82 10.70 12.80 44.43
CA GLY B 82 10.66 11.72 43.46
C GLY B 82 11.08 10.37 43.97
N GLY B 83 10.87 9.34 43.15
CA GLY B 83 11.17 7.98 43.53
C GLY B 83 12.66 7.68 43.71
N ASP B 84 13.49 8.35 42.92
CA ASP B 84 14.93 8.18 43.02
C ASP B 84 15.45 8.66 44.38
N TYR B 85 14.91 9.78 44.84
CA TYR B 85 15.30 10.33 46.13
C TYR B 85 14.85 9.43 47.27
N THR B 86 13.61 8.96 47.20
CA THR B 86 13.04 8.09 48.21
C THR B 86 13.85 6.79 48.31
N SER B 87 14.19 6.23 47.16
CA SER B 87 14.92 4.96 47.12
C SER B 87 16.29 5.07 47.77
N GLU B 88 16.87 6.27 47.74
CA GLU B 88 18.22 6.48 48.25
C GLU B 88 18.24 6.86 49.73
N VAL B 89 17.34 7.76 50.12
CA VAL B 89 17.39 8.35 51.46
C VAL B 89 16.58 7.56 52.49
N PHE B 90 15.37 7.14 52.11
CA PHE B 90 14.46 6.47 53.05
C PHE B 90 15.05 5.24 53.76
N PRO B 91 15.71 4.32 53.03
CA PRO B 91 16.25 3.17 53.78
C PRO B 91 17.40 3.55 54.71
N LYS B 92 18.22 4.51 54.30
CA LYS B 92 19.34 4.96 55.12
C LYS B 92 18.85 5.69 56.36
N LEU B 93 17.73 6.38 56.22
CA LEU B 93 17.16 7.16 57.31
C LEU B 93 16.53 6.26 58.37
N ARG B 94 15.78 5.25 57.92
CA ARG B 94 15.14 4.31 58.81
C ARG B 94 16.18 3.49 59.58
N GLU B 95 17.28 3.16 58.90
CA GLU B 95 18.35 2.39 59.51
C GLU B 95 19.03 3.19 60.63
N ALA B 96 18.98 4.51 60.53
CA ALA B 96 19.57 5.38 61.53
C ALA B 96 18.68 5.51 62.76
N GLY B 97 17.51 4.88 62.71
CA GLY B 97 16.61 4.84 63.85
C GLY B 97 15.52 5.90 63.84
N TRP B 98 15.33 6.55 62.69
CA TRP B 98 14.30 7.58 62.56
C TRP B 98 12.91 6.95 62.59
N GLN B 99 12.08 7.40 63.53
CA GLN B 99 10.76 6.81 63.73
C GLN B 99 9.63 7.78 63.38
N GLY B 100 9.96 8.79 62.59
CA GLY B 100 8.97 9.80 62.19
C GLY B 100 8.04 9.33 61.09
N TYR B 101 7.19 10.23 60.62
CA TYR B 101 6.22 9.90 59.58
C TYR B 101 6.70 10.33 58.20
N TRP B 102 6.55 9.43 57.22
CA TRP B 102 7.02 9.66 55.87
C TRP B 102 5.86 9.77 54.89
N ILE B 103 5.59 10.99 54.42
CA ILE B 103 4.52 11.20 53.45
C ILE B 103 5.16 11.45 52.08
N ASP B 104 4.75 10.65 51.10
CA ASP B 104 5.44 10.62 49.81
C ASP B 104 4.46 10.65 48.64
N ALA B 105 4.85 11.36 47.59
CA ALA B 105 4.07 11.41 46.36
C ALA B 105 4.50 10.31 45.40
N ALA B 106 5.75 9.88 45.53
CA ALA B 106 6.34 8.90 44.62
C ALA B 106 5.77 7.49 44.84
N SER B 107 5.87 6.65 43.83
CA SER B 107 5.29 5.32 43.84
C SER B 107 6.13 4.30 44.61
N SER B 108 7.34 4.70 44.97
CA SER B 108 8.35 3.80 45.53
C SER B 108 7.86 2.89 46.65
N LEU B 109 7.14 3.46 47.62
CA LEU B 109 6.77 2.71 48.81
C LEU B 109 5.31 2.31 48.85
N ARG B 110 4.59 2.54 47.76
CA ARG B 110 3.15 2.29 47.70
C ARG B 110 2.76 0.86 48.06
N MET B 111 3.47 -0.12 47.50
CA MET B 111 3.12 -1.51 47.68
C MET B 111 3.91 -2.17 48.81
N GLU B 112 4.59 -1.36 49.62
CA GLU B 112 5.34 -1.88 50.75
C GLU B 112 4.40 -2.30 51.87
N ASP B 113 4.77 -3.35 52.59
CA ASP B 113 3.92 -3.94 53.61
C ASP B 113 3.71 -3.01 54.81
N ASP B 114 4.66 -2.12 55.05
CA ASP B 114 4.59 -1.22 56.18
C ASP B 114 4.17 0.19 55.76
N ALA B 115 3.48 0.28 54.62
CA ALA B 115 3.04 1.57 54.10
C ALA B 115 1.57 1.54 53.71
N VAL B 116 0.93 2.70 53.73
CA VAL B 116 -0.47 2.81 53.38
C VAL B 116 -0.66 3.82 52.25
N ILE B 117 -1.40 3.45 51.22
CA ILE B 117 -1.76 4.37 50.16
C ILE B 117 -2.89 5.26 50.65
N VAL B 118 -2.66 6.57 50.69
CA VAL B 118 -3.60 7.48 51.31
C VAL B 118 -4.52 8.18 50.31
N LEU B 119 -5.81 8.14 50.62
CA LEU B 119 -6.84 8.88 49.90
C LEU B 119 -8.02 8.99 50.85
N ASP B 120 -7.86 9.85 51.85
CA ASP B 120 -8.74 9.86 53.03
C ASP B 120 -10.24 10.08 52.75
N PRO B 121 -10.62 10.73 51.63
CA PRO B 121 -12.07 10.70 51.41
C PRO B 121 -12.58 9.29 51.09
N VAL B 122 -11.69 8.39 50.70
CA VAL B 122 -12.06 7.04 50.33
C VAL B 122 -11.72 6.04 51.45
N ASN B 123 -10.51 6.12 52.00
CA ASN B 123 -10.07 5.13 52.98
C ASN B 123 -9.58 5.75 54.29
N ARG B 124 -10.33 6.71 54.83
CA ARG B 124 -9.97 7.36 56.08
C ARG B 124 -9.86 6.35 57.22
N LYS B 125 -10.75 5.37 57.24
CA LYS B 125 -10.76 4.36 58.30
C LYS B 125 -9.51 3.48 58.21
N VAL B 126 -9.05 3.21 57.00
CA VAL B 126 -7.82 2.44 56.80
C VAL B 126 -6.64 3.21 57.36
N ILE B 127 -6.63 4.52 57.12
CA ILE B 127 -5.56 5.38 57.59
C ILE B 127 -5.55 5.46 59.11
N ASP B 128 -6.73 5.63 59.70
CA ASP B 128 -6.86 5.74 61.15
C ASP B 128 -6.40 4.47 61.86
N GLN B 129 -6.79 3.32 61.33
CA GLN B 129 -6.42 2.04 61.90
C GLN B 129 -4.92 1.81 61.78
N ALA B 130 -4.33 2.25 60.67
CA ALA B 130 -2.91 2.13 60.46
C ALA B 130 -2.13 3.00 61.43
N LEU B 131 -2.67 4.18 61.71
CA LEU B 131 -2.05 5.11 62.65
C LEU B 131 -2.02 4.53 64.06
N ASP B 132 -3.09 3.84 64.43
CA ASP B 132 -3.17 3.20 65.75
C ASP B 132 -2.27 1.98 65.81
N ALA B 133 -2.02 1.37 64.66
CA ALA B 133 -1.19 0.17 64.58
C ALA B 133 0.30 0.52 64.59
N GLY B 134 0.61 1.80 64.41
CA GLY B 134 1.99 2.26 64.46
C GLY B 134 2.64 2.47 63.11
N THR B 135 1.86 2.37 62.04
CA THR B 135 2.38 2.58 60.69
C THR B 135 2.82 4.03 60.53
N ARG B 136 4.00 4.23 59.94
CA ARG B 136 4.58 5.56 59.82
C ARG B 136 4.78 5.98 58.36
N ASN B 137 4.39 5.12 57.42
CA ASN B 137 4.58 5.39 56.01
C ASN B 137 3.24 5.57 55.30
N TYR B 138 3.03 6.74 54.70
CA TYR B 138 1.77 7.06 54.06
C TYR B 138 2.01 7.69 52.70
N ILE B 139 1.63 6.95 51.65
CA ILE B 139 2.02 7.28 50.30
C ILE B 139 0.82 7.65 49.44
N GLY B 140 0.96 8.72 48.66
CA GLY B 140 -0.06 9.11 47.72
C GLY B 140 -0.21 8.09 46.60
N GLY B 141 -1.45 7.83 46.19
CA GLY B 141 -1.70 6.87 45.13
C GLY B 141 -1.46 7.44 43.75
N ASN B 142 -1.41 6.57 42.75
CA ASN B 142 -1.26 7.01 41.37
C ASN B 142 -2.44 7.88 40.99
N CYS B 143 -2.18 8.89 40.17
CA CYS B 143 -3.20 9.88 39.81
C CYS B 143 -4.45 9.23 39.21
N THR B 144 -4.25 8.24 38.35
CA THR B 144 -5.35 7.54 37.70
C THR B 144 -6.29 6.88 38.71
N VAL B 145 -5.70 6.16 39.67
CA VAL B 145 -6.48 5.43 40.66
C VAL B 145 -7.19 6.39 41.61
N SER B 146 -6.46 7.40 42.07
CA SER B 146 -7.03 8.39 43.00
C SER B 146 -8.23 9.11 42.41
N LEU B 147 -8.08 9.60 41.18
CA LEU B 147 -9.15 10.34 40.51
C LEU B 147 -10.35 9.44 40.21
N MET B 148 -10.09 8.17 39.93
CA MET B 148 -11.17 7.22 39.65
C MET B 148 -11.98 6.95 40.91
N LEU B 149 -11.28 6.72 42.03
CA LEU B 149 -11.93 6.40 43.29
C LEU B 149 -12.67 7.60 43.88
N MET B 150 -12.15 8.80 43.62
CA MET B 150 -12.82 10.02 44.07
C MET B 150 -14.15 10.20 43.37
N ALA B 151 -14.26 9.62 42.18
CA ALA B 151 -15.48 9.73 41.37
C ALA B 151 -16.43 8.56 41.62
N LEU B 152 -15.87 7.37 41.82
CA LEU B 152 -16.69 6.16 41.91
C LEU B 152 -16.60 5.46 43.26
N GLY B 153 -16.15 6.18 44.29
CA GLY B 153 -16.00 5.61 45.60
C GLY B 153 -17.27 5.01 46.17
N GLY B 154 -18.40 5.62 45.85
CA GLY B 154 -19.69 5.17 46.32
C GLY B 154 -20.09 3.78 45.85
N LEU B 155 -19.67 3.44 44.63
CA LEU B 155 -19.99 2.12 44.07
C LEU B 155 -19.20 1.02 44.77
N PHE B 156 -17.91 1.26 44.99
CA PHE B 156 -17.08 0.31 45.71
C PHE B 156 -17.50 0.19 47.16
N ASP B 157 -17.87 1.32 47.75
CA ASP B 157 -18.29 1.37 49.15
C ASP B 157 -19.58 0.58 49.35
N ALA B 158 -20.37 0.47 48.29
CA ALA B 158 -21.62 -0.28 48.33
C ALA B 158 -21.38 -1.75 48.01
N GLY B 159 -20.16 -2.08 47.60
CA GLY B 159 -19.80 -3.44 47.27
C GLY B 159 -20.50 -3.97 46.03
N LEU B 160 -20.65 -3.11 45.03
CA LEU B 160 -21.37 -3.46 43.82
C LEU B 160 -20.45 -3.82 42.65
N VAL B 161 -19.22 -3.33 42.70
CA VAL B 161 -18.30 -3.50 41.57
C VAL B 161 -17.77 -4.92 41.45
N GLU B 162 -18.01 -5.54 40.30
CA GLU B 162 -17.47 -6.87 40.00
C GLU B 162 -16.12 -6.73 39.30
N TRP B 163 -16.10 -5.99 38.19
CA TRP B 163 -14.85 -5.58 37.58
C TRP B 163 -15.01 -4.23 36.88
N MET B 164 -13.89 -3.68 36.42
CA MET B 164 -13.89 -2.40 35.75
C MET B 164 -12.84 -2.34 34.65
N SER B 165 -13.25 -1.86 33.47
CA SER B 165 -12.32 -1.61 32.38
C SER B 165 -12.15 -0.11 32.17
N ALA B 166 -10.94 0.39 32.42
CA ALA B 166 -10.70 1.83 32.39
C ALA B 166 -9.84 2.24 31.20
N MET B 167 -10.43 3.02 30.29
CA MET B 167 -9.70 3.60 29.18
C MET B 167 -9.46 5.08 29.47
N THR B 168 -8.21 5.44 29.70
CA THR B 168 -7.90 6.78 30.20
C THR B 168 -7.47 7.77 29.12
N TYR B 169 -7.68 9.05 29.43
CA TYR B 169 -7.28 10.16 28.56
C TYR B 169 -6.41 11.07 29.41
N GLN B 170 -5.13 10.74 29.53
CA GLN B 170 -4.29 11.36 30.54
C GLN B 170 -3.51 12.57 30.04
N ALA B 171 -3.44 13.59 30.90
CA ALA B 171 -2.83 14.87 30.54
C ALA B 171 -1.31 14.82 30.61
N ALA B 172 -0.67 15.83 30.02
CA ALA B 172 0.78 15.90 29.94
C ALA B 172 1.42 16.14 31.30
N SER B 173 0.66 16.71 32.23
CA SER B 173 1.16 17.05 33.55
C SER B 173 1.68 15.82 34.30
N GLY B 174 1.07 14.67 34.01
CA GLY B 174 1.47 13.42 34.64
C GLY B 174 2.89 13.02 34.27
N ALA B 175 3.39 13.54 33.16
CA ALA B 175 4.73 13.20 32.68
C ALA B 175 5.76 14.21 33.19
N GLY B 176 5.33 15.41 33.55
CA GLY B 176 6.22 16.41 34.09
C GLY B 176 6.03 17.81 33.54
N ALA B 177 6.74 18.77 34.13
CA ALA B 177 6.64 20.17 33.72
C ALA B 177 7.13 20.37 32.30
N GLN B 178 8.24 19.73 31.96
CA GLN B 178 8.85 19.87 30.64
C GLN B 178 7.97 19.27 29.55
N ASN B 179 7.14 18.30 29.93
CA ASN B 179 6.22 17.66 28.98
C ASN B 179 5.03 18.56 28.70
N MET B 180 4.59 19.31 29.70
CA MET B 180 3.52 20.28 29.52
C MET B 180 3.97 21.40 28.58
N ARG B 181 5.21 21.84 28.77
CA ARG B 181 5.79 22.86 27.92
C ARG B 181 5.92 22.35 26.49
N GLU B 182 6.27 21.08 26.35
CA GLU B 182 6.45 20.47 25.04
C GLU B 182 5.12 20.36 24.30
N LEU B 183 4.07 19.99 25.03
CA LEU B 183 2.72 19.91 24.46
C LEU B 183 2.30 21.26 23.88
N LEU B 184 2.59 22.32 24.64
CA LEU B 184 2.26 23.67 24.22
C LEU B 184 3.08 24.11 23.00
N LYS B 185 4.36 23.74 22.99
CA LYS B 185 5.23 24.04 21.86
C LYS B 185 4.78 23.28 20.62
N GLN B 186 4.33 22.05 20.82
CA GLN B 186 3.84 21.22 19.72
C GLN B 186 2.57 21.81 19.12
N MET B 187 1.69 22.32 19.98
CA MET B 187 0.49 23.00 19.51
C MET B 187 0.83 24.24 18.72
N GLY B 188 1.80 25.01 19.22
CA GLY B 188 2.25 26.21 18.55
C GLY B 188 2.91 25.93 17.21
N ALA B 189 3.68 24.86 17.15
CA ALA B 189 4.37 24.46 15.93
C ALA B 189 3.36 24.00 14.86
N ALA B 190 2.33 23.29 15.31
CA ALA B 190 1.30 22.79 14.40
C ALA B 190 0.52 23.93 13.77
N HIS B 191 0.17 24.92 14.59
CA HIS B 191 -0.61 26.07 14.13
C HIS B 191 0.21 27.00 13.23
N ALA B 192 1.47 27.19 13.58
CA ALA B 192 2.34 28.12 12.87
C ALA B 192 2.56 27.71 11.42
N SER B 193 2.51 26.40 11.16
CA SER B 193 2.77 25.87 9.83
C SER B 193 1.66 26.23 8.84
N VAL B 194 0.48 26.56 9.37
CA VAL B 194 -0.67 26.88 8.52
C VAL B 194 -1.33 28.18 8.98
N ALA B 195 -0.57 29.01 9.70
CA ALA B 195 -1.10 30.26 10.25
C ALA B 195 -1.65 31.17 9.16
N ASP B 196 -0.95 31.25 8.04
CA ASP B 196 -1.38 32.07 6.90
C ASP B 196 -2.65 31.50 6.28
N ASP B 197 -2.67 30.19 6.10
CA ASP B 197 -3.79 29.50 5.46
C ASP B 197 -5.07 29.61 6.27
N LEU B 198 -4.94 29.67 7.60
CA LEU B 198 -6.09 29.75 8.48
C LEU B 198 -6.80 31.10 8.36
N ALA B 199 -6.04 32.12 7.96
CA ALA B 199 -6.62 33.44 7.76
C ALA B 199 -7.36 33.51 6.43
N ASN B 200 -6.91 32.70 5.47
CA ASN B 200 -7.54 32.63 4.16
C ASN B 200 -8.71 31.67 4.19
N PRO B 201 -9.93 32.19 3.96
CA PRO B 201 -11.13 31.37 3.94
C PRO B 201 -11.20 30.43 2.73
N ALA B 202 -10.53 30.82 1.65
CA ALA B 202 -10.57 30.04 0.41
C ALA B 202 -9.45 29.00 0.36
N SER B 203 -8.65 28.94 1.42
CA SER B 203 -7.58 27.95 1.50
C SER B 203 -8.16 26.54 1.60
N ALA B 204 -7.58 25.62 0.85
CA ALA B 204 -8.07 24.23 0.84
C ALA B 204 -7.74 23.53 2.14
N ILE B 205 -8.73 22.83 2.70
CA ILE B 205 -8.58 22.16 3.98
C ILE B 205 -7.57 21.01 3.88
N LEU B 206 -7.52 20.36 2.72
CA LEU B 206 -6.62 19.24 2.52
C LEU B 206 -5.17 19.70 2.41
N ASP B 207 -4.97 20.94 1.95
CA ASP B 207 -3.64 21.53 1.91
C ASP B 207 -3.18 21.84 3.32
N ILE B 208 -4.10 22.39 4.12
CA ILE B 208 -3.83 22.68 5.53
C ILE B 208 -3.50 21.39 6.27
N ASP B 209 -4.31 20.36 6.05
CA ASP B 209 -4.13 19.08 6.70
C ASP B 209 -2.80 18.43 6.33
N ARG B 210 -2.43 18.56 5.06
CA ARG B 210 -1.18 17.98 4.57
CA ARG B 210 -1.17 17.98 4.57
C ARG B 210 0.03 18.62 5.26
N LYS B 211 0.00 19.94 5.38
CA LYS B 211 1.11 20.68 5.99
C LYS B 211 1.21 20.42 7.50
N VAL B 212 0.07 20.25 8.16
CA VAL B 212 0.04 19.97 9.59
C VAL B 212 0.62 18.58 9.86
N ALA B 213 0.25 17.61 9.03
CA ALA B 213 0.72 16.24 9.18
C ALA B 213 2.23 16.17 8.98
N GLU B 214 2.74 16.92 8.00
CA GLU B 214 4.18 16.96 7.73
C GLU B 214 4.93 17.57 8.90
N THR B 215 4.31 18.57 9.54
CA THR B 215 4.91 19.26 10.67
C THR B 215 5.07 18.34 11.87
N LEU B 216 4.03 17.56 12.16
CA LEU B 216 4.06 16.62 13.27
C LEU B 216 5.13 15.55 13.07
N ARG B 217 5.37 15.18 11.82
CA ARG B 217 6.32 14.13 11.48
C ARG B 217 7.74 14.68 11.30
N SER B 218 7.85 15.99 11.13
CA SER B 218 9.14 16.63 10.89
C SER B 218 10.06 16.50 12.11
N GLU B 219 11.37 16.51 11.86
CA GLU B 219 12.36 16.43 12.92
C GLU B 219 12.30 17.66 13.83
N ALA B 220 12.01 18.81 13.25
CA ALA B 220 11.98 20.07 13.98
C ALA B 220 10.85 20.11 15.02
N PHE B 221 9.88 19.22 14.87
CA PHE B 221 8.78 19.12 15.82
C PHE B 221 9.32 18.72 17.19
N PRO B 222 9.04 19.53 18.22
CA PRO B 222 9.57 19.30 19.56
C PRO B 222 9.05 18.01 20.19
N THR B 223 9.87 16.96 20.17
CA THR B 223 9.46 15.66 20.68
C THR B 223 10.51 15.05 21.61
N GLU B 224 11.31 15.91 22.23
CA GLU B 224 12.39 15.45 23.10
C GLU B 224 11.88 14.65 24.29
N HIS B 225 10.81 15.13 24.91
CA HIS B 225 10.35 14.57 26.17
C HIS B 225 9.31 13.45 26.01
N PHE B 226 8.52 13.52 24.93
CA PHE B 226 7.51 12.48 24.69
C PHE B 226 8.02 11.41 23.74
N GLY B 227 9.02 11.75 22.92
CA GLY B 227 9.56 10.82 21.94
C GLY B 227 8.65 10.67 20.73
N ALA B 228 7.55 11.42 20.75
CA ALA B 228 6.54 11.36 19.70
C ALA B 228 5.62 12.56 19.84
N PRO B 229 4.90 12.93 18.76
CA PRO B 229 3.93 14.02 18.87
C PRO B 229 2.81 13.70 19.85
N LEU B 230 2.43 14.68 20.66
CA LEU B 230 1.25 14.55 21.51
C LEU B 230 0.15 15.48 21.00
N GLY B 231 0.52 16.74 20.79
CA GLY B 231 -0.39 17.70 20.20
C GLY B 231 -0.76 17.28 18.79
N GLY B 232 -2.06 17.18 18.53
CA GLY B 232 -2.54 16.72 17.25
C GLY B 232 -2.56 15.20 17.14
N SER B 233 -2.24 14.53 18.24
CA SER B 233 -2.16 13.08 18.27
C SER B 233 -2.44 12.52 19.66
N LEU B 234 -1.97 11.30 19.91
CA LEU B 234 -2.06 10.67 21.21
C LEU B 234 -1.03 9.54 21.31
N ILE B 235 -0.76 9.07 22.53
CA ILE B 235 0.22 8.02 22.75
C ILE B 235 -0.36 6.93 23.64
N PRO B 236 -0.63 5.75 23.07
CA PRO B 236 -1.27 4.65 23.79
C PRO B 236 -0.31 3.82 24.65
N TRP B 237 0.63 4.49 25.32
CA TRP B 237 1.55 3.82 26.23
C TRP B 237 2.13 4.80 27.24
N ILE B 238 1.93 4.53 28.51
CA ILE B 238 2.45 5.37 29.57
C ILE B 238 3.30 4.53 30.53
N ASP B 239 4.52 5.00 30.78
CA ASP B 239 5.48 4.37 31.70
C ASP B 239 6.03 3.05 31.14
N LYS B 240 6.86 2.39 31.94
CA LYS B 240 7.64 1.24 31.51
C LYS B 240 6.81 0.04 31.07
N GLU B 241 7.35 -0.72 30.13
CA GLU B 241 6.74 -1.96 29.67
C GLU B 241 6.99 -3.08 30.66
N LEU B 242 5.94 -3.86 30.95
CA LEU B 242 6.07 -5.00 31.85
C LEU B 242 5.99 -6.30 31.06
N PRO B 243 6.59 -7.38 31.59
CA PRO B 243 6.65 -8.68 30.89
C PRO B 243 5.28 -9.33 30.64
N ASN B 244 4.20 -8.75 31.16
CA ASN B 244 2.87 -9.33 30.97
C ASN B 244 2.10 -8.64 29.85
N GLY B 245 2.69 -7.59 29.28
CA GLY B 245 2.04 -6.87 28.20
C GLY B 245 1.38 -5.59 28.67
N GLN B 246 1.36 -5.39 29.99
CA GLN B 246 0.85 -4.15 30.58
C GLN B 246 1.96 -3.11 30.64
N SER B 247 1.55 -1.84 30.61
CA SER B 247 2.46 -0.78 31.00
C SER B 247 2.35 -0.66 32.51
N ARG B 248 3.36 -0.06 33.14
CA ARG B 248 3.35 0.08 34.60
C ARG B 248 2.14 0.88 35.06
N GLU B 249 1.76 1.87 34.26
CA GLU B 249 0.61 2.72 34.55
C GLU B 249 -0.68 1.88 34.61
N GLU B 250 -0.82 0.94 33.70
CA GLU B 250 -1.99 0.08 33.65
C GLU B 250 -1.96 -0.96 34.77
N TRP B 251 -0.77 -1.41 35.13
CA TRP B 251 -0.59 -2.38 36.20
C TRP B 251 -1.04 -1.81 37.54
N LYS B 252 -0.79 -0.51 37.73
CA LYS B 252 -1.10 0.16 38.98
C LYS B 252 -2.60 0.21 39.27
N ALA B 253 -3.40 0.18 38.20
CA ALA B 253 -4.84 0.30 38.31
C ALA B 253 -5.44 -0.75 39.26
N GLN B 254 -5.04 -2.00 39.07
CA GLN B 254 -5.57 -3.09 39.88
C GLN B 254 -4.87 -3.19 41.23
N ALA B 255 -3.56 -3.02 41.21
CA ALA B 255 -2.75 -3.16 42.43
C ALA B 255 -3.08 -2.09 43.47
N GLU B 256 -3.18 -0.84 43.04
CA GLU B 256 -3.39 0.27 43.96
C GLU B 256 -4.85 0.43 44.38
N THR B 257 -5.77 0.08 43.49
CA THR B 257 -7.19 0.16 43.82
C THR B 257 -7.54 -0.78 44.97
N ASN B 258 -7.05 -2.01 44.88
CA ASN B 258 -7.39 -3.03 45.87
C ASN B 258 -6.64 -2.83 47.19
N LYS B 259 -5.50 -2.14 47.15
CA LYS B 259 -4.79 -1.86 48.39
C LYS B 259 -5.45 -0.71 49.14
N ILE B 260 -5.89 0.31 48.40
CA ILE B 260 -6.61 1.43 48.98
C ILE B 260 -7.89 0.93 49.65
N LEU B 261 -8.59 0.04 48.95
CA LEU B 261 -9.86 -0.49 49.44
C LEU B 261 -9.65 -1.67 50.38
N ALA B 262 -8.39 -2.05 50.59
CA ALA B 262 -8.02 -3.16 51.45
C ALA B 262 -8.67 -4.47 51.02
N ARG B 263 -8.77 -4.69 49.71
CA ARG B 263 -9.30 -5.93 49.16
C ARG B 263 -8.17 -6.92 48.90
N PHE B 264 -7.64 -7.51 49.98
CA PHE B 264 -6.51 -8.41 49.86
C PHE B 264 -6.94 -9.84 49.55
N LYS B 265 -8.05 -10.27 50.14
CA LYS B 265 -8.55 -11.62 49.96
C LYS B 265 -9.08 -11.83 48.54
N ASN B 266 -10.14 -11.12 48.19
CA ASN B 266 -10.73 -11.22 46.87
C ASN B 266 -10.64 -9.89 46.13
N PRO B 267 -9.53 -9.68 45.41
CA PRO B 267 -9.29 -8.41 44.71
C PRO B 267 -10.25 -8.19 43.54
N ILE B 268 -10.61 -6.94 43.31
CA ILE B 268 -11.48 -6.58 42.19
C ILE B 268 -10.64 -6.40 40.93
N PRO B 269 -10.97 -7.16 39.87
CA PRO B 269 -10.27 -7.02 38.58
C PRO B 269 -10.42 -5.62 37.99
N VAL B 270 -9.30 -4.93 37.82
CA VAL B 270 -9.29 -3.63 37.17
C VAL B 270 -8.24 -3.64 36.07
N ASP B 271 -8.65 -3.30 34.85
CA ASP B 271 -7.73 -3.29 33.72
C ASP B 271 -8.13 -2.23 32.70
N GLY B 272 -7.38 -2.15 31.61
CA GLY B 272 -7.67 -1.19 30.57
C GLY B 272 -6.43 -0.70 29.85
N ILE B 273 -6.58 0.41 29.13
CA ILE B 273 -5.49 0.99 28.37
C ILE B 273 -5.25 2.43 28.80
N CYS B 274 -4.00 2.76 29.11
CA CYS B 274 -3.66 4.11 29.54
C CYS B 274 -3.08 4.91 28.39
N VAL B 275 -3.79 5.95 27.98
CA VAL B 275 -3.44 6.73 26.79
C VAL B 275 -3.14 8.18 27.14
N ARG B 276 -2.04 8.69 26.60
CA ARG B 276 -1.68 10.09 26.77
C ARG B 276 -2.38 10.93 25.71
N VAL B 277 -3.06 11.99 26.14
CA VAL B 277 -3.74 12.89 25.21
C VAL B 277 -3.23 14.32 25.40
N GLY B 278 -3.64 15.21 24.49
CA GLY B 278 -3.16 16.58 24.50
C GLY B 278 -3.90 17.52 25.44
N ALA B 279 -3.99 17.13 26.71
CA ALA B 279 -4.58 17.99 27.74
C ALA B 279 -3.50 18.43 28.71
N MET B 280 -3.72 19.55 29.39
CA MET B 280 -2.70 20.14 30.25
C MET B 280 -2.50 19.38 31.57
N ARG B 281 -3.51 19.37 32.43
CA ARG B 281 -3.35 18.76 33.75
C ARG B 281 -4.57 18.02 34.28
N CYS B 282 -5.47 17.62 33.39
CA CYS B 282 -6.64 16.85 33.80
C CYS B 282 -6.69 15.48 33.15
N HIS B 283 -6.86 14.45 33.99
CA HIS B 283 -7.05 13.10 33.49
C HIS B 283 -8.54 12.83 33.25
N SER B 284 -8.86 12.24 32.10
CA SER B 284 -10.22 11.82 31.82
C SER B 284 -10.25 10.31 31.66
N GLN B 285 -11.33 9.68 32.11
CA GLN B 285 -11.44 8.23 32.05
C GLN B 285 -12.82 7.78 31.58
N ALA B 286 -12.84 6.94 30.54
CA ALA B 286 -14.07 6.32 30.06
C ALA B 286 -14.12 4.89 30.58
N LEU B 287 -15.17 4.59 31.34
CA LEU B 287 -15.19 3.36 32.14
C LEU B 287 -16.32 2.39 31.77
N THR B 288 -15.96 1.13 31.62
CA THR B 288 -16.94 0.05 31.51
C THR B 288 -16.99 -0.69 32.84
N ILE B 289 -18.11 -0.55 33.55
CA ILE B 289 -18.20 -1.05 34.92
C ILE B 289 -19.20 -2.19 35.02
N LYS B 290 -18.73 -3.35 35.47
CA LYS B 290 -19.60 -4.49 35.72
C LYS B 290 -20.04 -4.51 37.17
N LEU B 291 -21.34 -4.38 37.40
CA LEU B 291 -21.89 -4.46 38.74
C LEU B 291 -22.37 -5.89 39.00
N ASN B 292 -22.38 -6.29 40.26
CA ASN B 292 -22.71 -7.67 40.60
C ASN B 292 -24.22 -7.90 40.72
N LYS B 293 -25.00 -6.86 40.45
CA LYS B 293 -26.46 -6.98 40.41
C LYS B 293 -27.10 -5.80 39.69
N ASP B 294 -28.37 -5.96 39.31
CA ASP B 294 -29.11 -4.92 38.61
C ASP B 294 -29.58 -3.85 39.59
N VAL B 295 -28.96 -2.67 39.53
CA VAL B 295 -29.32 -1.56 40.38
C VAL B 295 -29.92 -0.44 39.52
N PRO B 296 -31.05 0.14 39.96
CA PRO B 296 -31.65 1.28 39.26
C PRO B 296 -30.64 2.42 39.08
N LEU B 297 -30.64 3.03 37.91
CA LEU B 297 -29.67 4.05 37.55
C LEU B 297 -29.67 5.23 38.53
N THR B 298 -30.87 5.66 38.91
CA THR B 298 -31.01 6.78 39.84
C THR B 298 -30.42 6.47 41.21
N ASP B 299 -30.49 5.20 41.61
CA ASP B 299 -29.87 4.75 42.85
C ASP B 299 -28.36 4.78 42.72
N ILE B 300 -27.87 4.36 41.56
CA ILE B 300 -26.44 4.39 41.26
C ILE B 300 -25.91 5.81 41.33
N GLU B 301 -26.65 6.73 40.73
CA GLU B 301 -26.30 8.16 40.78
C GLU B 301 -26.26 8.66 42.21
N GLY B 302 -27.19 8.17 43.03
CA GLY B 302 -27.25 8.53 44.43
C GLY B 302 -26.05 8.03 45.21
N LEU B 303 -25.67 6.77 44.98
CA LEU B 303 -24.52 6.18 45.65
C LEU B 303 -23.23 6.91 45.29
N ILE B 304 -23.14 7.36 44.04
CA ILE B 304 -21.96 8.06 43.55
C ILE B 304 -21.84 9.46 44.15
N SER B 305 -22.92 10.23 44.06
CA SER B 305 -22.90 11.64 44.45
C SER B 305 -22.82 11.84 45.97
N GLN B 306 -23.26 10.84 46.73
CA GLN B 306 -23.32 10.99 48.19
C GLN B 306 -22.03 10.53 48.88
N HIS B 307 -21.08 10.00 48.12
CA HIS B 307 -19.86 9.47 48.71
C HIS B 307 -18.98 10.56 49.32
N ASN B 308 -18.77 11.64 48.58
CA ASN B 308 -17.94 12.74 49.06
C ASN B 308 -18.42 14.06 48.45
N PRO B 309 -18.07 15.20 49.08
CA PRO B 309 -18.53 16.49 48.56
C PRO B 309 -17.76 17.05 47.37
N TRP B 310 -16.81 16.28 46.83
CA TRP B 310 -16.03 16.78 45.70
C TRP B 310 -16.48 16.19 44.37
N VAL B 311 -17.05 15.00 44.41
CA VAL B 311 -17.58 14.37 43.20
C VAL B 311 -18.82 15.14 42.74
N LYS B 312 -18.91 15.38 41.44
CA LYS B 312 -20.01 16.15 40.89
C LYS B 312 -20.75 15.37 39.81
N LEU B 313 -21.97 14.94 40.12
CA LEU B 313 -22.80 14.25 39.15
C LEU B 313 -23.25 15.20 38.05
N VAL B 314 -22.77 14.96 36.84
CA VAL B 314 -23.20 15.75 35.68
C VAL B 314 -24.32 14.99 34.98
N PRO B 315 -25.50 15.61 34.89
CA PRO B 315 -26.66 15.02 34.21
C PRO B 315 -26.32 14.57 32.78
N ASN B 316 -26.80 13.40 32.39
CA ASN B 316 -26.47 12.84 31.09
C ASN B 316 -27.22 13.55 29.96
N HIS B 317 -26.96 14.83 29.79
CA HIS B 317 -27.52 15.59 28.69
C HIS B 317 -26.38 16.30 27.96
N ARG B 318 -26.58 16.63 26.69
CA ARG B 318 -25.48 17.02 25.82
C ARG B 318 -24.76 18.30 26.23
N GLU B 319 -25.46 19.42 26.21
CA GLU B 319 -24.81 20.72 26.38
C GLU B 319 -24.22 20.91 27.79
N VAL B 320 -24.78 20.25 28.78
CA VAL B 320 -24.25 20.34 30.13
C VAL B 320 -23.00 19.46 30.25
N SER B 321 -23.00 18.32 29.55
CA SER B 321 -21.84 17.43 29.55
C SER B 321 -20.67 18.09 28.83
N VAL B 322 -20.98 18.78 27.73
CA VAL B 322 -19.99 19.47 26.93
C VAL B 322 -19.31 20.57 27.74
N ARG B 323 -20.07 21.19 28.64
CA ARG B 323 -19.57 22.33 29.41
C ARG B 323 -18.89 21.94 30.72
N GLU B 324 -19.37 20.87 31.35
CA GLU B 324 -18.90 20.50 32.69
CA GLU B 324 -18.92 20.50 32.69
C GLU B 324 -17.87 19.37 32.67
N LEU B 325 -18.14 18.33 31.89
CA LEU B 325 -17.33 17.12 31.91
C LEU B 325 -16.08 17.18 31.02
N THR B 326 -15.26 18.22 31.19
CA THR B 326 -14.06 18.40 30.38
C THR B 326 -12.87 18.90 31.20
N PRO B 327 -11.64 18.64 30.73
CA PRO B 327 -10.43 19.20 31.35
C PRO B 327 -10.46 20.72 31.45
N ALA B 328 -11.06 21.37 30.45
CA ALA B 328 -11.13 22.83 30.41
C ALA B 328 -11.95 23.38 31.57
N ALA B 329 -12.91 22.61 32.05
CA ALA B 329 -13.78 23.04 33.12
C ALA B 329 -13.27 22.64 34.50
N VAL B 330 -12.44 21.60 34.54
CA VAL B 330 -12.00 21.01 35.80
C VAL B 330 -10.65 21.55 36.26
N THR B 331 -9.80 21.91 35.30
CA THR B 331 -8.41 22.29 35.58
C THR B 331 -8.27 23.31 36.72
N GLY B 332 -7.39 23.00 37.65
CA GLY B 332 -7.13 23.89 38.77
C GLY B 332 -8.14 23.81 39.90
N THR B 333 -9.14 22.95 39.77
CA THR B 333 -10.17 22.83 40.78
C THR B 333 -10.18 21.46 41.46
N LEU B 334 -10.76 21.40 42.64
CA LEU B 334 -10.84 20.15 43.41
C LEU B 334 -12.10 19.36 43.06
N SER B 335 -12.79 19.79 42.02
CA SER B 335 -14.02 19.13 41.59
C SER B 335 -13.74 17.91 40.73
N VAL B 336 -14.46 16.82 40.99
CA VAL B 336 -14.31 15.60 40.22
C VAL B 336 -15.65 15.22 39.61
N PRO B 337 -15.98 15.81 38.46
CA PRO B 337 -17.25 15.50 37.80
C PRO B 337 -17.28 14.11 37.18
N VAL B 338 -18.43 13.44 37.29
CA VAL B 338 -18.64 12.18 36.62
C VAL B 338 -19.99 12.23 35.90
N GLY B 339 -19.99 11.83 34.64
CA GLY B 339 -21.21 11.90 33.84
C GLY B 339 -21.35 10.76 32.85
N ARG B 340 -22.24 10.94 31.88
CA ARG B 340 -22.56 9.93 30.88
C ARG B 340 -22.98 8.61 31.54
N LEU B 341 -23.50 8.70 32.75
CA LEU B 341 -23.90 7.52 33.51
C LEU B 341 -25.17 6.90 32.92
N ARG B 342 -25.04 5.67 32.44
CA ARG B 342 -26.15 4.96 31.84
C ARG B 342 -25.85 3.46 31.76
N LYS B 343 -26.91 2.66 31.65
CA LYS B 343 -26.74 1.22 31.46
C LYS B 343 -26.35 0.94 30.01
N LEU B 344 -25.31 0.13 29.84
CA LEU B 344 -24.82 -0.19 28.51
C LEU B 344 -25.62 -1.34 27.89
N ASN B 345 -25.51 -1.50 26.58
CA ASN B 345 -26.35 -2.45 25.84
C ASN B 345 -26.06 -3.92 26.17
N MET B 346 -24.92 -4.17 26.81
CA MET B 346 -24.55 -5.54 27.15
C MET B 346 -25.49 -6.14 28.19
N GLY B 347 -26.08 -5.29 29.02
CA GLY B 347 -26.99 -5.75 30.06
C GLY B 347 -27.17 -4.75 31.19
N SER B 348 -28.12 -5.05 32.07
CA SER B 348 -28.46 -4.15 33.16
C SER B 348 -27.39 -4.06 34.25
N GLN B 349 -26.41 -4.96 34.19
CA GLN B 349 -25.32 -4.95 35.17
C GLN B 349 -24.07 -4.28 34.60
N TYR B 350 -24.21 -3.67 33.43
CA TYR B 350 -23.09 -2.99 32.78
C TYR B 350 -23.28 -1.48 32.82
N LEU B 351 -22.41 -0.80 33.55
CA LEU B 351 -22.52 0.64 33.74
C LEU B 351 -21.42 1.39 32.98
N GLY B 352 -21.84 2.37 32.18
CA GLY B 352 -20.90 3.26 31.52
C GLY B 352 -20.72 4.54 32.30
N ALA B 353 -19.51 5.10 32.25
CA ALA B 353 -19.22 6.31 33.01
C ALA B 353 -18.03 7.07 32.44
N PHE B 354 -18.12 8.40 32.45
CA PHE B 354 -17.01 9.24 32.05
C PHE B 354 -16.73 10.25 33.16
N THR B 355 -15.46 10.34 33.58
CA THR B 355 -15.09 11.23 34.65
C THR B 355 -13.84 12.04 34.32
N VAL B 356 -13.75 13.24 34.90
CA VAL B 356 -12.60 14.10 34.70
C VAL B 356 -12.09 14.57 36.06
N GLY B 357 -10.77 14.62 36.23
CA GLY B 357 -10.17 15.07 37.46
C GLY B 357 -8.81 15.71 37.28
N ASP B 358 -8.52 16.72 38.10
CA ASP B 358 -7.23 17.40 38.03
C ASP B 358 -6.12 16.49 38.54
N GLN B 359 -5.12 16.25 37.69
CA GLN B 359 -4.04 15.32 38.00
C GLN B 359 -3.15 15.83 39.15
N LEU B 360 -3.02 17.15 39.24
CA LEU B 360 -2.08 17.74 40.20
C LEU B 360 -2.66 17.89 41.60
N LEU B 361 -3.99 17.90 41.71
CA LEU B 361 -4.62 18.11 43.00
C LEU B 361 -4.96 16.79 43.69
N TRP B 362 -6.14 16.24 43.41
CA TRP B 362 -6.54 14.98 44.02
C TRP B 362 -5.66 13.82 43.53
N GLY B 363 -5.05 14.00 42.37
CA GLY B 363 -4.20 12.99 41.79
C GLY B 363 -2.75 13.05 42.26
N ALA B 364 -2.44 14.00 43.13
CA ALA B 364 -1.08 14.17 43.61
C ALA B 364 -0.98 14.91 44.94
N ALA B 365 -1.11 16.24 44.89
CA ALA B 365 -0.79 17.09 46.04
C ALA B 365 -1.80 17.01 47.18
N GLU B 366 -3.08 17.06 46.84
CA GLU B 366 -4.13 17.19 47.86
C GLU B 366 -4.18 16.05 48.90
N PRO B 367 -4.05 14.78 48.47
CA PRO B 367 -4.05 13.73 49.51
C PRO B 367 -2.87 13.83 50.47
N LEU B 368 -1.79 14.45 50.04
CA LEU B 368 -0.58 14.55 50.85
C LEU B 368 -0.75 15.57 51.97
N ARG B 369 -1.25 16.75 51.64
CA ARG B 369 -1.45 17.80 52.63
C ARG B 369 -2.58 17.43 53.58
N ARG B 370 -3.56 16.69 53.07
CA ARG B 370 -4.66 16.22 53.90
C ARG B 370 -4.18 15.15 54.88
N MET B 371 -3.24 14.33 54.43
CA MET B 371 -2.64 13.32 55.30
C MET B 371 -1.82 13.99 56.40
N LEU B 372 -1.22 15.14 56.06
CA LEU B 372 -0.45 15.91 57.03
C LEU B 372 -1.36 16.46 58.12
N ARG B 373 -2.52 16.97 57.72
CA ARG B 373 -3.49 17.52 58.67
C ARG B 373 -4.02 16.43 59.60
N ILE B 374 -4.20 15.23 59.04
CA ILE B 374 -4.68 14.09 59.82
C ILE B 374 -3.70 13.76 60.94
N LEU B 375 -2.40 13.83 60.64
CA LEU B 375 -1.36 13.60 61.64
C LEU B 375 -1.44 14.62 62.76
N LEU B 376 -1.79 15.86 62.40
CA LEU B 376 -1.85 16.95 63.37
C LEU B 376 -3.08 16.84 64.27
N GLU B 377 -4.12 16.19 63.77
CA GLU B 377 -5.36 16.03 64.52
C GLU B 377 -5.30 14.83 65.47
N ARG B 378 -4.16 14.13 65.44
CA ARG B 378 -3.97 12.97 66.29
C ARG B 378 -3.04 13.31 67.46
N LYS C 10 -4.64 -16.88 -66.48
CA LYS C 10 -5.73 -16.96 -65.51
C LYS C 10 -6.01 -15.61 -64.88
N ARG C 11 -7.29 -15.31 -64.67
CA ARG C 11 -7.68 -14.05 -64.07
C ARG C 11 -7.66 -14.14 -62.54
N VAL C 12 -6.74 -13.40 -61.93
CA VAL C 12 -6.57 -13.48 -60.48
C VAL C 12 -7.07 -12.21 -59.81
N GLY C 13 -8.01 -12.38 -58.88
CA GLY C 13 -8.54 -11.27 -58.11
C GLY C 13 -7.74 -10.97 -56.87
N LEU C 14 -7.38 -9.71 -56.68
CA LEU C 14 -6.58 -9.30 -55.53
C LEU C 14 -7.42 -8.54 -54.50
N ILE C 15 -7.60 -9.15 -53.34
CA ILE C 15 -8.33 -8.50 -52.25
C ILE C 15 -7.36 -8.21 -51.11
N GLY C 16 -7.56 -7.09 -50.43
CA GLY C 16 -6.72 -6.72 -49.30
C GLY C 16 -5.31 -6.33 -49.69
N TRP C 17 -5.15 -5.81 -50.89
CA TRP C 17 -3.85 -5.45 -51.43
C TRP C 17 -3.25 -4.21 -50.77
N ARG C 18 -4.10 -3.40 -50.16
CA ARG C 18 -3.68 -2.11 -49.62
C ARG C 18 -3.16 -2.20 -48.19
N GLY C 19 -3.56 -3.26 -47.48
CA GLY C 19 -3.20 -3.43 -46.09
C GLY C 19 -1.74 -3.77 -45.84
N MET C 20 -1.45 -4.12 -44.59
CA MET C 20 -0.09 -4.44 -44.16
C MET C 20 0.46 -5.65 -44.92
N VAL C 21 -0.31 -6.73 -44.94
CA VAL C 21 0.10 -7.94 -45.64
C VAL C 21 0.05 -7.75 -47.15
N GLY C 22 -1.04 -7.16 -47.63
CA GLY C 22 -1.24 -6.94 -49.05
C GLY C 22 -0.14 -6.14 -49.72
N SER C 23 0.32 -5.08 -49.05
CA SER C 23 1.38 -4.23 -49.57
C SER C 23 2.67 -5.02 -49.73
N VAL C 24 2.97 -5.87 -48.74
CA VAL C 24 4.14 -6.73 -48.79
C VAL C 24 3.99 -7.73 -49.91
N LEU C 25 2.77 -8.25 -50.08
CA LEU C 25 2.48 -9.22 -51.13
C LEU C 25 2.70 -8.61 -52.51
N MET C 26 2.26 -7.37 -52.70
CA MET C 26 2.42 -6.68 -53.97
C MET C 26 3.89 -6.51 -54.31
N GLN C 27 4.68 -6.08 -53.32
CA GLN C 27 6.11 -5.88 -53.51
C GLN C 27 6.81 -7.16 -53.95
N ARG C 28 6.54 -8.26 -53.23
CA ARG C 28 7.17 -9.54 -53.53
C ARG C 28 6.77 -10.08 -54.90
N MET C 29 5.51 -9.90 -55.27
CA MET C 29 5.02 -10.37 -56.56
C MET C 29 5.66 -9.59 -57.71
N LEU C 30 5.92 -8.30 -57.46
CA LEU C 30 6.60 -7.48 -58.45
C LEU C 30 8.06 -7.90 -58.59
N GLU C 31 8.72 -8.12 -57.46
CA GLU C 31 10.12 -8.52 -57.46
C GLU C 31 10.33 -9.88 -58.11
N GLU C 32 9.34 -10.76 -57.98
CA GLU C 32 9.44 -12.10 -58.54
C GLU C 32 8.73 -12.21 -59.88
N ARG C 33 8.23 -11.07 -60.38
CA ARG C 33 7.56 -10.99 -61.68
C ARG C 33 6.38 -11.95 -61.78
N ASP C 34 5.55 -11.99 -60.74
CA ASP C 34 4.40 -12.89 -60.71
C ASP C 34 3.27 -12.40 -61.61
N PHE C 35 3.19 -11.09 -61.80
CA PHE C 35 2.09 -10.50 -62.56
C PHE C 35 2.19 -10.73 -64.06
N ASP C 36 3.34 -11.24 -64.51
CA ASP C 36 3.56 -11.48 -65.94
C ASP C 36 2.73 -12.66 -66.45
N LEU C 37 2.38 -13.57 -65.54
CA LEU C 37 1.71 -14.81 -65.94
C LEU C 37 0.20 -14.76 -65.74
N ILE C 38 -0.29 -13.74 -65.05
CA ILE C 38 -1.72 -13.66 -64.74
C ILE C 38 -2.35 -12.36 -65.21
N GLU C 39 -3.68 -12.32 -65.15
CA GLU C 39 -4.43 -11.09 -65.41
C GLU C 39 -4.97 -10.57 -64.09
N PRO C 40 -4.24 -9.64 -63.45
CA PRO C 40 -4.59 -9.15 -62.12
C PRO C 40 -5.80 -8.23 -62.11
N VAL C 41 -6.81 -8.60 -61.31
CA VAL C 41 -7.99 -7.77 -61.14
C VAL C 41 -8.07 -7.34 -59.67
N PHE C 42 -8.01 -6.04 -59.43
CA PHE C 42 -7.96 -5.53 -58.07
C PHE C 42 -9.33 -5.07 -57.57
N PHE C 43 -9.66 -5.44 -56.33
CA PHE C 43 -10.94 -5.09 -55.74
C PHE C 43 -10.73 -4.24 -54.50
N THR C 44 -11.81 -3.73 -53.93
CA THR C 44 -11.73 -2.85 -52.77
C THR C 44 -13.01 -2.88 -51.94
N THR C 45 -12.88 -2.54 -50.66
CA THR C 45 -14.02 -2.51 -49.76
C THR C 45 -14.35 -1.08 -49.34
N SER C 46 -13.68 -0.11 -49.94
CA SER C 46 -13.82 1.28 -49.49
C SER C 46 -13.75 2.31 -50.62
N ASN C 47 -13.17 1.94 -51.75
CA ASN C 47 -12.96 2.91 -52.83
C ASN C 47 -13.32 2.34 -54.19
N VAL C 48 -14.59 2.01 -54.38
CA VAL C 48 -15.07 1.43 -55.64
C VAL C 48 -14.91 2.43 -56.78
N GLY C 49 -14.06 2.08 -57.74
CA GLY C 49 -13.80 2.94 -58.88
C GLY C 49 -12.50 3.72 -58.76
N GLY C 50 -11.75 3.43 -57.70
CA GLY C 50 -10.50 4.11 -57.46
C GLY C 50 -9.33 3.54 -58.24
N GLN C 51 -8.13 4.05 -57.95
CA GLN C 51 -6.93 3.61 -58.66
C GLN C 51 -6.21 2.50 -57.90
N GLY C 52 -5.87 1.43 -58.61
CA GLY C 52 -5.15 0.33 -58.01
C GLY C 52 -3.65 0.59 -57.96
N PRO C 53 -2.88 -0.35 -57.39
CA PRO C 53 -1.43 -0.20 -57.29
C PRO C 53 -0.74 -0.40 -58.63
N GLU C 54 0.42 0.24 -58.81
CA GLU C 54 1.18 0.11 -60.04
C GLU C 54 1.81 -1.28 -60.14
N VAL C 55 1.30 -2.09 -61.05
CA VAL C 55 1.79 -3.45 -61.23
C VAL C 55 2.68 -3.55 -62.46
N GLY C 56 2.97 -2.40 -63.06
CA GLY C 56 3.82 -2.36 -64.25
C GLY C 56 3.09 -2.63 -65.53
N LYS C 57 1.79 -2.91 -65.42
CA LYS C 57 0.97 -3.18 -66.59
C LYS C 57 -0.42 -2.53 -66.43
N ASP C 58 -1.09 -2.31 -67.55
CA ASP C 58 -2.41 -1.70 -67.54
C ASP C 58 -3.42 -2.61 -66.83
N ILE C 59 -4.09 -2.08 -65.82
CA ILE C 59 -5.06 -2.85 -65.06
C ILE C 59 -6.38 -2.07 -64.94
N ALA C 60 -7.47 -2.80 -64.72
CA ALA C 60 -8.78 -2.19 -64.57
C ALA C 60 -8.87 -1.45 -63.25
N PRO C 61 -9.75 -0.43 -63.18
CA PRO C 61 -9.98 0.31 -61.92
C PRO C 61 -10.50 -0.61 -60.81
N LEU C 62 -10.49 -0.11 -59.58
CA LEU C 62 -10.92 -0.89 -58.42
C LEU C 62 -12.38 -1.29 -58.53
N LYS C 63 -12.65 -2.58 -58.35
CA LYS C 63 -14.01 -3.10 -58.42
C LYS C 63 -14.54 -3.44 -57.03
N ASP C 64 -15.84 -3.65 -56.94
CA ASP C 64 -16.49 -3.98 -55.67
C ASP C 64 -16.07 -5.37 -55.19
N ALA C 65 -15.43 -5.42 -54.03
CA ALA C 65 -14.96 -6.69 -53.47
C ALA C 65 -16.12 -7.55 -52.96
N TYR C 66 -17.30 -6.94 -52.84
CA TYR C 66 -18.47 -7.66 -52.35
C TYR C 66 -19.39 -8.06 -53.50
N SER C 67 -19.02 -7.68 -54.72
CA SER C 67 -19.82 -8.02 -55.89
C SER C 67 -19.57 -9.46 -56.32
N ILE C 68 -20.54 -10.32 -56.05
CA ILE C 68 -20.43 -11.74 -56.36
C ILE C 68 -20.31 -11.96 -57.88
N ASP C 69 -21.03 -11.15 -58.64
CA ASP C 69 -21.01 -11.25 -60.10
C ASP C 69 -19.61 -11.04 -60.66
N GLU C 70 -18.89 -10.07 -60.11
CA GLU C 70 -17.54 -9.78 -60.56
C GLU C 70 -16.54 -10.84 -60.10
N LEU C 71 -16.77 -11.38 -58.90
CA LEU C 71 -15.87 -12.37 -58.33
C LEU C 71 -16.01 -13.72 -59.04
N LYS C 72 -17.20 -14.01 -59.55
CA LYS C 72 -17.44 -15.28 -60.24
C LYS C 72 -16.67 -15.37 -61.55
N THR C 73 -16.27 -14.22 -62.07
CA THR C 73 -15.54 -14.17 -63.34
C THR C 73 -14.07 -14.53 -63.17
N LEU C 74 -13.64 -14.66 -61.92
CA LEU C 74 -12.25 -14.91 -61.61
C LEU C 74 -11.91 -16.40 -61.59
N ASP C 75 -10.66 -16.73 -61.88
CA ASP C 75 -10.18 -18.09 -61.78
C ASP C 75 -9.60 -18.35 -60.39
N VAL C 76 -8.85 -17.37 -59.89
CA VAL C 76 -8.23 -17.47 -58.58
C VAL C 76 -8.54 -16.21 -57.78
N ILE C 77 -8.80 -16.38 -56.49
CA ILE C 77 -8.95 -15.24 -55.59
C ILE C 77 -7.87 -15.25 -54.53
N LEU C 78 -7.00 -14.25 -54.59
CA LEU C 78 -5.92 -14.09 -53.61
C LEU C 78 -6.24 -12.93 -52.69
N THR C 79 -6.75 -13.25 -51.50
CA THR C 79 -7.27 -12.23 -50.60
C THR C 79 -6.45 -12.06 -49.33
N CYS C 80 -6.16 -10.80 -48.99
CA CYS C 80 -5.50 -10.46 -47.74
C CYS C 80 -6.37 -9.48 -46.95
N GLN C 81 -7.67 -9.48 -47.25
CA GLN C 81 -8.59 -8.51 -46.67
C GLN C 81 -8.86 -8.81 -45.20
N GLY C 82 -9.16 -10.08 -44.88
CA GLY C 82 -9.39 -10.47 -43.51
C GLY C 82 -10.54 -11.43 -43.31
N GLY C 83 -10.72 -11.86 -42.05
CA GLY C 83 -11.73 -12.85 -41.71
C GLY C 83 -13.16 -12.40 -41.90
N ASP C 84 -13.45 -11.15 -41.54
CA ASP C 84 -14.80 -10.60 -41.66
C ASP C 84 -15.25 -10.57 -43.11
N TYR C 85 -14.30 -10.34 -44.02
CA TYR C 85 -14.59 -10.32 -45.45
C TYR C 85 -14.86 -11.72 -45.99
N THR C 86 -13.99 -12.65 -45.61
CA THR C 86 -14.10 -14.04 -46.08
C THR C 86 -15.39 -14.68 -45.56
N SER C 87 -15.70 -14.45 -44.29
CA SER C 87 -16.88 -15.03 -43.67
C SER C 87 -18.18 -14.64 -44.36
N GLU C 88 -18.18 -13.46 -44.98
CA GLU C 88 -19.37 -12.95 -45.66
C GLU C 88 -19.41 -13.35 -47.13
N VAL C 89 -18.27 -13.21 -47.81
CA VAL C 89 -18.22 -13.40 -49.26
C VAL C 89 -18.12 -14.87 -49.67
N PHE C 90 -17.16 -15.58 -49.08
CA PHE C 90 -16.88 -16.98 -49.47
C PHE C 90 -18.10 -17.89 -49.48
N PRO C 91 -18.97 -17.84 -48.43
CA PRO C 91 -20.15 -18.71 -48.50
C PRO C 91 -21.09 -18.36 -49.66
N LYS C 92 -21.31 -17.07 -49.87
CA LYS C 92 -22.20 -16.61 -50.94
C LYS C 92 -21.62 -16.95 -52.31
N LEU C 93 -20.30 -16.92 -52.41
CA LEU C 93 -19.61 -17.19 -53.68
C LEU C 93 -19.73 -18.67 -54.05
N ARG C 94 -19.43 -19.54 -53.10
CA ARG C 94 -19.53 -20.98 -53.32
C ARG C 94 -20.97 -21.39 -53.55
N GLU C 95 -21.90 -20.71 -52.88
CA GLU C 95 -23.32 -20.96 -53.05
C GLU C 95 -23.74 -20.65 -54.48
N ALA C 96 -23.07 -19.68 -55.10
CA ALA C 96 -23.33 -19.32 -56.48
C ALA C 96 -22.71 -20.33 -57.45
N GLY C 97 -21.97 -21.30 -56.89
CA GLY C 97 -21.39 -22.37 -57.68
C GLY C 97 -20.02 -22.05 -58.25
N TRP C 98 -19.32 -21.12 -57.61
CA TRP C 98 -17.99 -20.72 -58.05
C TRP C 98 -17.01 -21.89 -57.95
N GLN C 99 -16.25 -22.12 -59.02
CA GLN C 99 -15.36 -23.27 -59.11
C GLN C 99 -13.90 -22.89 -58.90
N GLY C 100 -13.64 -21.61 -58.68
CA GLY C 100 -12.28 -21.10 -58.60
C GLY C 100 -11.51 -21.49 -57.36
N TYR C 101 -10.24 -21.09 -57.33
CA TYR C 101 -9.37 -21.34 -56.19
C TYR C 101 -9.35 -20.16 -55.23
N TRP C 102 -9.42 -20.45 -53.93
CA TRP C 102 -9.46 -19.41 -52.91
C TRP C 102 -8.19 -19.44 -52.07
N ILE C 103 -7.30 -18.49 -52.30
CA ILE C 103 -6.08 -18.37 -51.51
C ILE C 103 -6.25 -17.22 -50.52
N ASP C 104 -6.11 -17.52 -49.23
CA ASP C 104 -6.51 -16.59 -48.18
C ASP C 104 -5.45 -16.46 -47.09
N ALA C 105 -5.35 -15.26 -46.52
CA ALA C 105 -4.44 -15.00 -45.41
C ALA C 105 -5.18 -15.12 -44.08
N ALA C 106 -6.50 -14.90 -44.13
CA ALA C 106 -7.33 -14.89 -42.92
C ALA C 106 -7.45 -16.29 -42.31
N SER C 107 -7.86 -16.34 -41.04
CA SER C 107 -7.92 -17.59 -40.30
C SER C 107 -9.23 -18.34 -40.49
N SER C 108 -10.16 -17.72 -41.22
CA SER C 108 -11.54 -18.21 -41.35
C SER C 108 -11.65 -19.68 -41.76
N LEU C 109 -10.94 -20.06 -42.82
CA LEU C 109 -11.11 -21.39 -43.40
C LEU C 109 -9.97 -22.36 -43.07
N ARG C 110 -9.06 -21.95 -42.20
CA ARG C 110 -7.87 -22.74 -41.90
C ARG C 110 -8.17 -24.14 -41.39
N MET C 111 -9.17 -24.27 -40.53
CA MET C 111 -9.46 -25.56 -39.90
C MET C 111 -10.57 -26.32 -40.61
N GLU C 112 -11.00 -25.81 -41.76
CA GLU C 112 -12.06 -26.46 -42.53
C GLU C 112 -11.52 -27.72 -43.20
N ASP C 113 -12.38 -28.73 -43.32
CA ASP C 113 -11.98 -30.04 -43.80
C ASP C 113 -11.60 -30.02 -45.28
N ASP C 114 -12.17 -29.08 -46.04
CA ASP C 114 -11.87 -28.98 -47.46
C ASP C 114 -10.91 -27.83 -47.74
N ALA C 115 -10.05 -27.54 -46.77
CA ALA C 115 -9.05 -26.49 -46.92
C ALA C 115 -7.70 -26.92 -46.36
N VAL C 116 -6.63 -26.50 -47.01
CA VAL C 116 -5.29 -26.85 -46.59
C VAL C 116 -4.53 -25.61 -46.13
N ILE C 117 -3.84 -25.73 -45.00
CA ILE C 117 -2.98 -24.66 -44.52
C ILE C 117 -1.65 -24.76 -45.25
N VAL C 118 -1.31 -23.72 -46.02
CA VAL C 118 -0.16 -23.78 -46.91
C VAL C 118 1.11 -23.21 -46.28
N LEU C 119 2.14 -24.05 -46.26
CA LEU C 119 3.49 -23.65 -45.91
C LEU C 119 4.42 -24.62 -46.63
N ASP C 120 4.55 -24.44 -47.94
CA ASP C 120 5.17 -25.43 -48.82
C ASP C 120 6.62 -25.82 -48.50
N PRO C 121 7.39 -24.97 -47.80
CA PRO C 121 8.66 -25.56 -47.38
C PRO C 121 8.50 -26.62 -46.29
N VAL C 122 7.29 -26.78 -45.77
CA VAL C 122 7.01 -27.75 -44.72
C VAL C 122 6.09 -28.87 -45.22
N ASN C 123 5.04 -28.50 -45.94
CA ASN C 123 4.05 -29.50 -46.37
C ASN C 123 3.73 -29.43 -47.86
N ARG C 124 4.76 -29.33 -48.69
CA ARG C 124 4.59 -29.26 -50.14
C ARG C 124 3.86 -30.50 -50.68
N LYS C 125 4.19 -31.65 -50.11
CA LYS C 125 3.58 -32.91 -50.53
C LYS C 125 2.07 -32.91 -50.28
N VAL C 126 1.67 -32.36 -49.14
CA VAL C 126 0.26 -32.26 -48.79
C VAL C 126 -0.47 -31.36 -49.78
N ILE C 127 0.20 -30.28 -50.18
CA ILE C 127 -0.37 -29.32 -51.12
C ILE C 127 -0.56 -29.97 -52.49
N ASP C 128 0.42 -30.75 -52.93
CA ASP C 128 0.36 -31.42 -54.22
C ASP C 128 -0.78 -32.45 -54.25
N GLN C 129 -0.90 -33.22 -53.18
CA GLN C 129 -1.94 -34.24 -53.07
C GLN C 129 -3.33 -33.61 -53.02
N ALA C 130 -3.43 -32.46 -52.35
CA ALA C 130 -4.70 -31.75 -52.23
C ALA C 130 -5.15 -31.21 -53.58
N LEU C 131 -4.20 -30.70 -54.35
CA LEU C 131 -4.48 -30.20 -55.70
C LEU C 131 -4.99 -31.32 -56.59
N ASP C 132 -4.46 -32.53 -56.38
CA ASP C 132 -4.88 -33.69 -57.14
C ASP C 132 -6.30 -34.12 -56.76
N ALA C 133 -6.61 -34.02 -55.47
CA ALA C 133 -7.90 -34.46 -54.95
C ALA C 133 -9.04 -33.52 -55.33
N GLY C 134 -8.67 -32.30 -55.74
CA GLY C 134 -9.66 -31.32 -56.15
C GLY C 134 -9.92 -30.23 -55.14
N THR C 135 -9.07 -30.17 -54.11
CA THR C 135 -9.17 -29.13 -53.09
C THR C 135 -8.91 -27.76 -53.71
N ARG C 136 -9.77 -26.80 -53.39
CA ARG C 136 -9.68 -25.47 -54.00
C ARG C 136 -9.40 -24.37 -52.99
N ASN C 137 -9.34 -24.74 -51.71
CA ASN C 137 -9.13 -23.76 -50.65
C ASN C 137 -7.76 -23.91 -50.01
N TYR C 138 -6.93 -22.89 -50.15
CA TYR C 138 -5.56 -22.93 -49.63
C TYR C 138 -5.27 -21.69 -48.80
N ILE C 139 -5.11 -21.89 -47.50
CA ILE C 139 -5.06 -20.80 -46.55
C ILE C 139 -3.69 -20.69 -45.89
N GLY C 140 -3.17 -19.47 -45.82
CA GLY C 140 -1.93 -19.24 -45.09
C GLY C 140 -2.14 -19.43 -43.60
N GLY C 141 -1.15 -20.01 -42.93
CA GLY C 141 -1.24 -20.23 -41.50
C GLY C 141 -1.05 -18.97 -40.70
N ASN C 142 -1.32 -19.05 -39.40
CA ASN C 142 -1.06 -17.93 -38.51
C ASN C 142 0.43 -17.64 -38.52
N CYS C 143 0.78 -16.35 -38.44
CA CYS C 143 2.17 -15.92 -38.54
C CYS C 143 3.06 -16.58 -37.48
N THR C 144 2.53 -16.75 -36.28
CA THR C 144 3.26 -17.39 -35.20
C THR C 144 3.61 -18.84 -35.52
N VAL C 145 2.66 -19.55 -36.12
CA VAL C 145 2.84 -20.96 -36.44
C VAL C 145 3.81 -21.13 -37.61
N SER C 146 3.62 -20.32 -38.65
CA SER C 146 4.46 -20.39 -39.84
C SER C 146 5.92 -20.13 -39.51
N LEU C 147 6.17 -19.07 -38.77
CA LEU C 147 7.55 -18.68 -38.42
C LEU C 147 8.22 -19.69 -37.51
N MET C 148 7.42 -20.35 -36.67
CA MET C 148 7.95 -21.37 -35.77
C MET C 148 8.38 -22.61 -36.57
N LEU C 149 7.54 -23.00 -37.52
CA LEU C 149 7.82 -24.19 -38.32
C LEU C 149 8.91 -23.94 -39.35
N MET C 150 9.04 -22.70 -39.81
CA MET C 150 10.12 -22.34 -40.72
C MET C 150 11.47 -22.41 -40.00
N ALA C 151 11.43 -22.24 -38.68
CA ALA C 151 12.64 -22.25 -37.87
C ALA C 151 12.96 -23.63 -37.34
N LEU C 152 11.93 -24.34 -36.88
CA LEU C 152 12.12 -25.62 -36.19
C LEU C 152 11.57 -26.82 -36.96
N GLY C 153 11.34 -26.65 -38.26
CA GLY C 153 10.79 -27.71 -39.08
C GLY C 153 11.60 -29.00 -39.06
N GLY C 154 12.92 -28.86 -38.90
CA GLY C 154 13.80 -30.02 -38.86
C GLY C 154 13.55 -30.94 -37.67
N LEU C 155 13.21 -30.35 -36.53
CA LEU C 155 12.97 -31.13 -35.32
C LEU C 155 11.69 -31.97 -35.43
N PHE C 156 10.65 -31.38 -36.02
CA PHE C 156 9.38 -32.08 -36.19
C PHE C 156 9.50 -33.17 -37.24
N ASP C 157 10.28 -32.91 -38.28
CA ASP C 157 10.53 -33.88 -39.34
C ASP C 157 11.21 -35.13 -38.79
N ALA C 158 12.09 -34.95 -37.82
CA ALA C 158 12.82 -36.06 -37.21
C ALA C 158 11.97 -36.75 -36.14
N GLY C 159 10.78 -36.20 -35.89
CA GLY C 159 9.87 -36.76 -34.91
C GLY C 159 10.42 -36.72 -33.49
N LEU C 160 11.16 -35.67 -33.17
CA LEU C 160 11.82 -35.56 -31.88
C LEU C 160 11.00 -34.77 -30.86
N VAL C 161 10.05 -33.97 -31.34
CA VAL C 161 9.31 -33.07 -30.47
C VAL C 161 8.22 -33.79 -29.67
N GLU C 162 8.35 -33.76 -28.34
CA GLU C 162 7.33 -34.32 -27.46
C GLU C 162 6.28 -33.27 -27.14
N TRP C 163 6.72 -32.09 -26.72
CA TRP C 163 5.84 -30.93 -26.61
C TRP C 163 6.65 -29.65 -26.69
N MET C 164 5.95 -28.53 -26.79
CA MET C 164 6.59 -27.22 -26.94
C MET C 164 5.84 -26.11 -26.22
N SER C 165 6.57 -25.32 -25.44
CA SER C 165 6.00 -24.14 -24.81
C SER C 165 6.54 -22.88 -25.50
N ALA C 166 5.65 -22.09 -26.08
CA ALA C 166 6.05 -20.94 -26.88
C ALA C 166 5.63 -19.62 -26.25
N MET C 167 6.61 -18.83 -25.82
CA MET C 167 6.37 -17.48 -25.34
C MET C 167 6.79 -16.49 -26.43
N THR C 168 5.82 -15.78 -26.99
CA THR C 168 6.07 -14.97 -28.18
C THR C 168 6.29 -13.49 -27.87
N TYR C 169 6.96 -12.82 -28.80
CA TYR C 169 7.22 -11.39 -28.74
C TYR C 169 6.74 -10.78 -30.05
N GLN C 170 5.43 -10.55 -30.14
CA GLN C 170 4.82 -10.24 -31.42
C GLN C 170 4.74 -8.75 -31.72
N ALA C 171 5.07 -8.40 -32.96
CA ALA C 171 5.21 -7.01 -33.37
C ALA C 171 3.87 -6.32 -33.59
N ALA C 172 3.89 -4.99 -33.57
CA ALA C 172 2.69 -4.18 -33.71
C ALA C 172 2.06 -4.35 -35.09
N SER C 173 2.89 -4.54 -36.10
CA SER C 173 2.40 -4.68 -37.47
C SER C 173 1.54 -5.93 -37.67
N GLY C 174 1.61 -6.83 -36.70
CA GLY C 174 0.80 -8.04 -36.72
C GLY C 174 -0.67 -7.76 -36.54
N ALA C 175 -1.01 -6.57 -36.08
CA ALA C 175 -2.39 -6.20 -35.82
C ALA C 175 -2.95 -5.30 -36.91
N GLY C 176 -2.14 -4.97 -37.90
CA GLY C 176 -2.60 -4.16 -39.02
C GLY C 176 -1.79 -2.89 -39.26
N ALA C 177 -2.07 -2.23 -40.39
CA ALA C 177 -1.37 -1.01 -40.78
C ALA C 177 -1.59 0.10 -39.76
N GLN C 178 -2.83 0.27 -39.33
CA GLN C 178 -3.20 1.31 -38.38
C GLN C 178 -2.51 1.12 -37.03
N ASN C 179 -2.25 -0.13 -36.68
CA ASN C 179 -1.63 -0.46 -35.39
C ASN C 179 -0.12 -0.16 -35.40
N MET C 180 0.51 -0.32 -36.56
CA MET C 180 1.92 0.01 -36.69
C MET C 180 2.10 1.52 -36.61
N ARG C 181 1.16 2.24 -37.19
CA ARG C 181 1.13 3.70 -37.11
C ARG C 181 1.00 4.14 -35.65
N GLU C 182 0.15 3.44 -34.91
CA GLU C 182 -0.12 3.79 -33.52
C GLU C 182 1.11 3.61 -32.63
N LEU C 183 1.86 2.53 -32.86
CA LEU C 183 3.09 2.28 -32.11
C LEU C 183 4.07 3.43 -32.30
N LEU C 184 4.25 3.83 -33.56
CA LEU C 184 5.15 4.94 -33.89
C LEU C 184 4.66 6.24 -33.28
N LYS C 185 3.34 6.46 -33.31
CA LYS C 185 2.75 7.64 -32.70
C LYS C 185 2.95 7.62 -31.20
N GLN C 186 2.87 6.43 -30.61
CA GLN C 186 3.08 6.27 -29.17
C GLN C 186 4.53 6.53 -28.81
N MET C 187 5.45 6.06 -29.64
CA MET C 187 6.88 6.29 -29.43
C MET C 187 7.20 7.78 -29.48
N GLY C 188 6.58 8.48 -30.43
CA GLY C 188 6.76 9.91 -30.56
C GLY C 188 6.21 10.67 -29.38
N ALA C 189 5.02 10.27 -28.92
CA ALA C 189 4.37 10.90 -27.78
C ALA C 189 5.21 10.71 -26.51
N ALA C 190 5.76 9.51 -26.36
CA ALA C 190 6.58 9.20 -25.19
C ALA C 190 7.85 10.05 -25.16
N HIS C 191 8.50 10.17 -26.33
CA HIS C 191 9.75 10.92 -26.44
C HIS C 191 9.53 12.42 -26.28
N ALA C 192 8.45 12.92 -26.85
CA ALA C 192 8.16 14.35 -26.86
C ALA C 192 7.96 14.91 -25.45
N SER C 193 7.51 14.05 -24.54
CA SER C 193 7.22 14.46 -23.17
C SER C 193 8.50 14.77 -22.38
N VAL C 194 9.61 14.20 -22.83
CA VAL C 194 10.88 14.40 -22.13
C VAL C 194 11.97 14.83 -23.11
N ALA C 195 11.56 15.40 -24.24
CA ALA C 195 12.49 15.79 -25.31
C ALA C 195 13.57 16.75 -24.81
N ASP C 196 13.17 17.76 -24.05
CA ASP C 196 14.11 18.74 -23.53
C ASP C 196 15.03 18.14 -22.47
N ASP C 197 14.47 17.27 -21.63
CA ASP C 197 15.23 16.62 -20.58
C ASP C 197 16.31 15.69 -21.13
N LEU C 198 15.99 15.03 -22.25
CA LEU C 198 16.95 14.13 -22.88
C LEU C 198 18.13 14.89 -23.47
N ALA C 199 17.90 16.14 -23.84
CA ALA C 199 18.95 16.99 -24.38
C ALA C 199 19.80 17.59 -23.26
N ASN C 200 19.29 17.49 -22.03
CA ASN C 200 20.01 17.97 -20.86
C ASN C 200 20.63 16.80 -20.10
N PRO C 201 21.96 16.64 -20.22
CA PRO C 201 22.66 15.52 -19.58
C PRO C 201 22.63 15.58 -18.05
N ALA C 202 22.34 16.75 -17.50
CA ALA C 202 22.32 16.93 -16.06
C ALA C 202 20.94 16.64 -15.47
N SER C 203 19.97 16.34 -16.34
CA SER C 203 18.61 16.06 -15.91
C SER C 203 18.53 14.73 -15.15
N ALA C 204 17.63 14.68 -14.17
CA ALA C 204 17.44 13.47 -13.37
C ALA C 204 16.61 12.44 -14.12
N ILE C 205 17.03 11.18 -14.08
CA ILE C 205 16.37 10.11 -14.82
C ILE C 205 14.99 9.82 -14.23
N LEU C 206 14.85 10.02 -12.93
CA LEU C 206 13.57 9.75 -12.26
C LEU C 206 12.50 10.76 -12.67
N ASP C 207 12.93 12.00 -12.95
CA ASP C 207 12.02 13.01 -13.46
C ASP C 207 11.58 12.65 -14.87
N ILE C 208 12.53 12.16 -15.66
CA ILE C 208 12.26 11.72 -17.02
C ILE C 208 11.31 10.52 -17.00
N ASP C 209 11.59 9.58 -16.11
CA ASP C 209 10.76 8.38 -15.98
C ASP C 209 9.35 8.71 -15.54
N ARG C 210 9.23 9.70 -14.65
CA ARG C 210 7.93 10.12 -14.14
CA ARG C 210 7.93 10.12 -14.14
C ARG C 210 7.06 10.68 -15.27
N LYS C 211 7.62 11.59 -16.05
CA LYS C 211 6.90 12.24 -17.14
C LYS C 211 6.47 11.23 -18.20
N VAL C 212 7.32 10.26 -18.50
CA VAL C 212 7.02 9.24 -19.49
C VAL C 212 5.88 8.34 -19.02
N ALA C 213 5.94 7.95 -17.76
CA ALA C 213 4.91 7.08 -17.18
C ALA C 213 3.55 7.75 -17.19
N GLU C 214 3.54 9.06 -16.93
CA GLU C 214 2.29 9.84 -16.97
C GLU C 214 1.73 9.90 -18.38
N THR C 215 2.63 10.07 -19.36
CA THR C 215 2.25 10.19 -20.75
C THR C 215 1.58 8.91 -21.26
N LEU C 216 2.16 7.76 -20.91
CA LEU C 216 1.61 6.47 -21.32
C LEU C 216 0.21 6.25 -20.75
N ARG C 217 -0.02 6.76 -19.54
CA ARG C 217 -1.30 6.58 -18.88
C ARG C 217 -2.31 7.67 -19.25
N SER C 218 -1.82 8.76 -19.81
CA SER C 218 -2.67 9.90 -20.14
C SER C 218 -3.70 9.56 -21.22
N GLU C 219 -4.81 10.30 -21.22
CA GLU C 219 -5.87 10.10 -22.19
C GLU C 219 -5.41 10.45 -23.60
N ALA C 220 -4.52 11.44 -23.69
CA ALA C 220 -4.04 11.94 -24.97
C ALA C 220 -3.17 10.93 -25.70
N PHE C 221 -2.66 9.94 -24.95
CA PHE C 221 -1.81 8.90 -25.52
C PHE C 221 -2.62 8.08 -26.53
N PRO C 222 -2.17 8.07 -27.80
CA PRO C 222 -2.88 7.38 -28.88
C PRO C 222 -2.99 5.87 -28.65
N THR C 223 -4.14 5.44 -28.16
CA THR C 223 -4.35 4.03 -27.83
C THR C 223 -5.63 3.47 -28.46
N GLU C 224 -6.11 4.14 -29.50
CA GLU C 224 -7.37 3.77 -30.15
C GLU C 224 -7.40 2.33 -30.63
N HIS C 225 -6.31 1.89 -31.26
CA HIS C 225 -6.30 0.59 -31.93
C HIS C 225 -5.84 -0.55 -31.03
N PHE C 226 -4.93 -0.26 -30.10
CA PHE C 226 -4.44 -1.29 -29.19
C PHE C 226 -5.25 -1.36 -27.90
N GLY C 227 -5.92 -0.27 -27.56
CA GLY C 227 -6.71 -0.20 -26.34
C GLY C 227 -5.85 -0.05 -25.10
N ALA C 228 -4.55 0.10 -25.30
CA ALA C 228 -3.59 0.20 -24.22
C ALA C 228 -2.25 0.66 -24.78
N PRO C 229 -1.35 1.17 -23.92
CA PRO C 229 -0.01 1.51 -24.39
C PRO C 229 0.76 0.28 -24.87
N LEU C 230 1.47 0.42 -25.98
CA LEU C 230 2.38 -0.63 -26.44
C LEU C 230 3.80 -0.13 -26.38
N GLY C 231 4.04 1.06 -26.94
CA GLY C 231 5.33 1.70 -26.86
C GLY C 231 5.71 1.99 -25.42
N GLY C 232 6.81 1.41 -24.97
CA GLY C 232 7.23 1.54 -23.59
C GLY C 232 6.58 0.52 -22.68
N SER C 233 5.86 -0.43 -23.27
CA SER C 233 5.15 -1.44 -22.50
C SER C 233 4.96 -2.72 -23.31
N LEU C 234 3.99 -3.53 -22.91
CA LEU C 234 3.62 -4.74 -23.65
C LEU C 234 2.20 -5.16 -23.30
N ILE C 235 1.63 -6.05 -24.10
CA ILE C 235 0.27 -6.52 -23.87
C ILE C 235 0.21 -8.04 -23.94
N PRO C 236 0.02 -8.69 -22.77
CA PRO C 236 0.01 -10.16 -22.69
C PRO C 236 -1.32 -10.79 -23.10
N TRP C 237 -1.93 -10.28 -24.16
CA TRP C 237 -3.16 -10.85 -24.69
C TRP C 237 -3.38 -10.42 -26.13
N ILE C 238 -3.51 -11.39 -27.02
CA ILE C 238 -3.75 -11.12 -28.43
C ILE C 238 -4.99 -11.88 -28.88
N ASP C 239 -5.91 -11.17 -29.54
CA ASP C 239 -7.15 -11.72 -30.09
C ASP C 239 -8.15 -12.13 -29.00
N LYS C 240 -9.25 -12.75 -29.42
CA LYS C 240 -10.40 -13.01 -28.55
C LYS C 240 -10.12 -13.99 -27.41
N GLU C 241 -10.83 -13.79 -26.30
CA GLU C 241 -10.77 -14.69 -25.17
C GLU C 241 -11.58 -15.95 -25.43
N LEU C 242 -11.01 -17.10 -25.11
CA LEU C 242 -11.71 -18.38 -25.24
C LEU C 242 -12.09 -18.90 -23.85
N PRO C 243 -13.16 -19.71 -23.77
CA PRO C 243 -13.66 -20.19 -22.48
C PRO C 243 -12.69 -21.10 -21.71
N ASN C 244 -11.55 -21.44 -22.31
CA ASN C 244 -10.59 -22.33 -21.66
C ASN C 244 -9.43 -21.55 -21.03
N GLY C 245 -9.48 -20.23 -21.12
CA GLY C 245 -8.45 -19.39 -20.55
C GLY C 245 -7.38 -18.98 -21.56
N GLN C 246 -7.46 -19.56 -22.75
CA GLN C 246 -6.54 -19.22 -23.83
C GLN C 246 -7.06 -18.04 -24.64
N SER C 247 -6.15 -17.30 -25.24
CA SER C 247 -6.52 -16.35 -26.28
C SER C 247 -6.59 -17.13 -27.59
N ARG C 248 -7.32 -16.61 -28.57
CA ARG C 248 -7.45 -17.29 -29.85
C ARG C 248 -6.08 -17.45 -30.50
N GLU C 249 -5.20 -16.48 -30.26
CA GLU C 249 -3.85 -16.50 -30.80
C GLU C 249 -3.06 -17.68 -30.23
N GLU C 250 -3.22 -17.93 -28.93
CA GLU C 250 -2.53 -19.03 -28.27
C GLU C 250 -3.13 -20.38 -28.68
N TRP C 251 -4.44 -20.39 -28.91
CA TRP C 251 -5.13 -21.61 -29.31
C TRP C 251 -4.69 -22.09 -30.69
N LYS C 252 -4.34 -21.14 -31.56
CA LYS C 252 -3.94 -21.44 -32.93
C LYS C 252 -2.65 -22.25 -32.98
N ALA C 253 -1.81 -22.10 -31.96
CA ALA C 253 -0.52 -22.77 -31.93
C ALA C 253 -0.65 -24.29 -32.07
N GLN C 254 -1.43 -24.90 -31.18
CA GLN C 254 -1.60 -26.34 -31.18
C GLN C 254 -2.45 -26.82 -32.36
N ALA C 255 -3.52 -26.10 -32.64
CA ALA C 255 -4.46 -26.50 -33.68
C ALA C 255 -3.84 -26.48 -35.07
N GLU C 256 -3.16 -25.38 -35.40
CA GLU C 256 -2.63 -25.19 -36.75
C GLU C 256 -1.34 -25.97 -36.98
N THR C 257 -0.51 -26.09 -35.96
CA THR C 257 0.74 -26.82 -36.07
C THR C 257 0.50 -28.29 -36.39
N ASN C 258 -0.47 -28.88 -35.70
CA ASN C 258 -0.78 -30.30 -35.87
C ASN C 258 -1.52 -30.59 -37.16
N LYS C 259 -2.20 -29.57 -37.71
CA LYS C 259 -2.87 -29.75 -39.00
C LYS C 259 -1.85 -29.68 -40.14
N ILE C 260 -0.94 -28.72 -40.04
CA ILE C 260 0.13 -28.56 -41.03
C ILE C 260 0.97 -29.82 -41.10
N LEU C 261 1.33 -30.35 -39.94
CA LEU C 261 2.18 -31.54 -39.85
C LEU C 261 1.38 -32.83 -40.00
N ALA C 262 0.06 -32.69 -40.16
CA ALA C 262 -0.84 -33.82 -40.30
C ALA C 262 -0.71 -34.81 -39.15
N ARG C 263 -0.60 -34.28 -37.94
CA ARG C 263 -0.50 -35.11 -36.73
C ARG C 263 -1.87 -35.26 -36.08
N PHE C 264 -2.78 -35.94 -36.77
CA PHE C 264 -4.15 -36.11 -36.30
C PHE C 264 -4.25 -37.20 -35.24
N LYS C 265 -3.57 -38.32 -35.48
CA LYS C 265 -3.61 -39.45 -34.57
C LYS C 265 -2.95 -39.13 -33.24
N ASN C 266 -1.69 -38.69 -33.30
CA ASN C 266 -0.94 -38.33 -32.09
C ASN C 266 -0.49 -36.88 -32.15
N PRO C 267 -1.39 -35.95 -31.78
CA PRO C 267 -1.10 -34.51 -31.84
C PRO C 267 -0.01 -34.09 -30.85
N ILE C 268 0.81 -33.11 -31.27
CA ILE C 268 1.86 -32.59 -30.41
C ILE C 268 1.34 -31.43 -29.58
N PRO C 269 1.44 -31.53 -28.25
CA PRO C 269 1.03 -30.45 -27.35
C PRO C 269 1.84 -29.17 -27.56
N VAL C 270 1.16 -28.11 -28.00
CA VAL C 270 1.80 -26.81 -28.15
C VAL C 270 0.99 -25.79 -27.36
N ASP C 271 1.66 -25.04 -26.48
CA ASP C 271 0.98 -24.04 -25.67
C ASP C 271 1.93 -22.88 -25.35
N GLY C 272 1.44 -21.92 -24.58
CA GLY C 272 2.25 -20.78 -24.20
C GLY C 272 1.49 -19.49 -24.02
N ILE C 273 2.21 -18.38 -24.08
CA ILE C 273 1.61 -17.06 -23.91
C ILE C 273 1.99 -16.16 -25.08
N CYS C 274 0.98 -15.56 -25.72
CA CYS C 274 1.24 -14.69 -26.86
C CYS C 274 1.19 -13.22 -26.44
N VAL C 275 2.33 -12.55 -26.55
CA VAL C 275 2.47 -11.20 -26.03
C VAL C 275 2.79 -10.19 -27.14
N ARG C 276 2.07 -9.07 -27.13
CA ARG C 276 2.33 -7.97 -28.06
C ARG C 276 3.44 -7.08 -27.51
N VAL C 277 4.49 -6.87 -28.30
CA VAL C 277 5.60 -6.02 -27.88
C VAL C 277 5.79 -4.87 -28.85
N GLY C 278 6.62 -3.91 -28.46
CA GLY C 278 6.83 -2.70 -29.24
C GLY C 278 7.79 -2.84 -30.41
N ALA C 279 7.69 -3.96 -31.12
CA ALA C 279 8.51 -4.17 -32.31
C ALA C 279 7.75 -3.74 -33.57
N MET C 280 8.47 -3.22 -34.55
CA MET C 280 7.86 -2.76 -35.80
C MET C 280 7.22 -3.94 -36.52
N ARG C 281 8.05 -4.74 -37.19
CA ARG C 281 7.60 -6.04 -37.68
C ARG C 281 8.56 -7.11 -37.15
N CYS C 282 8.31 -8.36 -37.56
CA CYS C 282 9.02 -9.56 -37.08
C CYS C 282 8.50 -10.05 -35.72
N HIS C 283 8.09 -11.31 -35.69
CA HIS C 283 7.73 -11.97 -34.44
C HIS C 283 8.95 -12.68 -33.88
N SER C 284 9.16 -12.54 -32.58
CA SER C 284 10.21 -13.28 -31.89
C SER C 284 9.58 -14.29 -30.94
N GLN C 285 10.20 -15.45 -30.78
CA GLN C 285 9.64 -16.50 -29.95
C GLN C 285 10.70 -17.17 -29.08
N ALA C 286 10.44 -17.23 -27.78
CA ALA C 286 11.31 -17.94 -26.85
C ALA C 286 10.67 -19.28 -26.49
N LEU C 287 11.35 -20.37 -26.81
CA LEU C 287 10.73 -21.69 -26.79
C LEU C 287 11.34 -22.66 -25.79
N THR C 288 10.48 -23.36 -25.07
CA THR C 288 10.90 -24.50 -24.26
C THR C 288 10.45 -25.77 -24.98
N ILE C 289 11.41 -26.55 -25.46
CA ILE C 289 11.10 -27.71 -26.28
C ILE C 289 11.51 -29.00 -25.59
N LYS C 290 10.54 -29.86 -25.34
CA LYS C 290 10.82 -31.18 -24.79
C LYS C 290 10.99 -32.19 -25.90
N LEU C 291 12.16 -32.82 -25.95
CA LEU C 291 12.43 -33.85 -26.94
C LEU C 291 12.16 -35.23 -26.35
N ASN C 292 11.80 -36.18 -27.20
CA ASN C 292 11.45 -37.51 -26.76
C ASN C 292 12.67 -38.43 -26.74
N LYS C 293 13.82 -37.89 -27.13
CA LYS C 293 15.06 -38.66 -27.14
C LYS C 293 16.24 -37.78 -26.76
N ASP C 294 17.31 -38.39 -26.27
CA ASP C 294 18.53 -37.67 -25.93
C ASP C 294 19.40 -37.52 -27.16
N VAL C 295 19.42 -36.32 -27.72
CA VAL C 295 20.17 -36.06 -28.95
C VAL C 295 21.21 -34.98 -28.68
N PRO C 296 22.46 -35.21 -29.13
CA PRO C 296 23.52 -34.21 -29.00
C PRO C 296 23.13 -32.86 -29.62
N LEU C 297 23.56 -31.77 -28.99
CA LEU C 297 23.18 -30.42 -29.42
C LEU C 297 23.61 -30.15 -30.86
N THR C 298 24.77 -30.67 -31.25
CA THR C 298 25.29 -30.46 -32.60
C THR C 298 24.40 -31.13 -33.65
N ASP C 299 23.84 -32.29 -33.29
CA ASP C 299 22.92 -32.98 -34.18
C ASP C 299 21.60 -32.22 -34.29
N ILE C 300 21.17 -31.62 -33.18
CA ILE C 300 19.97 -30.80 -33.15
C ILE C 300 20.14 -29.60 -34.06
N GLU C 301 21.29 -28.95 -33.95
CA GLU C 301 21.62 -27.79 -34.78
C GLU C 301 21.61 -28.17 -36.26
N GLY C 302 22.14 -29.35 -36.57
CA GLY C 302 22.19 -29.83 -37.93
C GLY C 302 20.81 -30.12 -38.51
N LEU C 303 19.95 -30.73 -37.71
CA LEU C 303 18.59 -31.04 -38.12
C LEU C 303 17.80 -29.77 -38.41
N ILE C 304 18.03 -28.74 -37.59
CA ILE C 304 17.37 -27.46 -37.74
C ILE C 304 17.83 -26.74 -39.02
N SER C 305 19.14 -26.72 -39.22
CA SER C 305 19.75 -25.94 -40.30
C SER C 305 19.43 -26.47 -41.70
N GLN C 306 19.30 -27.79 -41.81
CA GLN C 306 19.18 -28.42 -43.14
C GLN C 306 17.76 -28.41 -43.71
N HIS C 307 16.77 -28.10 -42.87
CA HIS C 307 15.37 -28.22 -43.27
C HIS C 307 15.01 -27.33 -44.46
N ASN C 308 15.42 -26.06 -44.41
CA ASN C 308 15.14 -25.13 -45.50
C ASN C 308 16.26 -24.09 -45.60
N PRO C 309 16.41 -23.46 -46.77
CA PRO C 309 17.52 -22.51 -46.96
C PRO C 309 17.31 -21.15 -46.29
N TRP C 310 16.17 -20.93 -45.63
CA TRP C 310 15.88 -19.62 -45.06
C TRP C 310 16.14 -19.58 -43.55
N VAL C 311 16.01 -20.72 -42.89
CA VAL C 311 16.35 -20.80 -41.47
C VAL C 311 17.85 -20.61 -41.33
N LYS C 312 18.26 -19.79 -40.37
CA LYS C 312 19.68 -19.50 -40.17
C LYS C 312 20.11 -19.80 -38.75
N LEU C 313 21.17 -20.59 -38.62
CA LEU C 313 21.67 -20.97 -37.31
C LEU C 313 22.59 -19.89 -36.76
N VAL C 314 22.19 -19.30 -35.64
CA VAL C 314 22.99 -18.28 -34.97
C VAL C 314 23.71 -18.89 -33.79
N PRO C 315 25.05 -18.91 -33.82
CA PRO C 315 25.88 -19.44 -32.74
C PRO C 315 25.53 -18.83 -31.39
N ASN C 316 25.44 -19.64 -30.35
CA ASN C 316 25.04 -19.18 -29.04
C ASN C 316 26.14 -18.36 -28.37
N HIS C 317 26.40 -17.17 -28.91
CA HIS C 317 27.39 -16.26 -28.35
C HIS C 317 26.88 -14.83 -28.42
N ARG C 318 27.42 -13.95 -27.59
CA ARG C 318 26.81 -12.65 -27.33
C ARG C 318 26.72 -11.73 -28.55
N GLU C 319 27.87 -11.34 -29.11
CA GLU C 319 27.89 -10.33 -30.16
C GLU C 319 27.12 -10.74 -31.41
N VAL C 320 27.18 -12.02 -31.76
CA VAL C 320 26.48 -12.49 -32.95
C VAL C 320 24.98 -12.59 -32.69
N SER C 321 24.61 -12.85 -31.43
CA SER C 321 23.20 -12.93 -31.07
C SER C 321 22.55 -11.55 -31.11
N VAL C 322 23.26 -10.57 -30.57
CA VAL C 322 22.79 -9.20 -30.54
C VAL C 322 22.68 -8.64 -31.95
N ARG C 323 23.58 -9.08 -32.83
CA ARG C 323 23.61 -8.56 -34.20
C ARG C 323 22.59 -9.23 -35.12
N GLU C 324 22.43 -10.55 -34.98
CA GLU C 324 21.66 -11.31 -35.95
C GLU C 324 20.25 -11.68 -35.48
N LEU C 325 20.10 -11.93 -34.18
CA LEU C 325 18.86 -12.49 -33.65
C LEU C 325 17.88 -11.42 -33.17
N THR C 326 17.63 -10.41 -33.99
CA THR C 326 16.75 -9.30 -33.61
C THR C 326 15.80 -8.92 -34.75
N PRO C 327 14.63 -8.34 -34.42
CA PRO C 327 13.72 -7.82 -35.44
C PRO C 327 14.35 -6.76 -36.33
N ALA C 328 15.25 -5.96 -35.77
CA ALA C 328 15.92 -4.90 -36.52
C ALA C 328 16.80 -5.47 -37.63
N ALA C 329 17.32 -6.68 -37.40
CA ALA C 329 18.18 -7.32 -38.38
C ALA C 329 17.38 -8.12 -39.40
N VAL C 330 16.28 -8.72 -38.94
CA VAL C 330 15.50 -9.65 -39.75
C VAL C 330 14.49 -8.92 -40.65
N THR C 331 14.02 -7.75 -40.21
CA THR C 331 12.93 -7.05 -40.90
C THR C 331 13.19 -6.84 -42.40
N GLY C 332 12.20 -7.17 -43.21
CA GLY C 332 12.29 -7.00 -44.65
C GLY C 332 13.01 -8.13 -45.36
N THR C 333 13.42 -9.16 -44.62
CA THR C 333 14.16 -10.27 -45.20
C THR C 333 13.44 -11.59 -45.00
N LEU C 334 13.78 -12.57 -45.83
CA LEU C 334 13.17 -13.90 -45.77
C LEU C 334 13.95 -14.82 -44.82
N SER C 335 14.93 -14.26 -44.14
CA SER C 335 15.77 -15.04 -43.22
C SER C 335 15.04 -15.31 -41.91
N VAL C 336 15.16 -16.54 -41.41
CA VAL C 336 14.54 -16.92 -40.14
C VAL C 336 15.61 -17.46 -39.19
N PRO C 337 16.31 -16.55 -38.49
CA PRO C 337 17.36 -16.96 -37.55
C PRO C 337 16.84 -17.71 -36.33
N VAL C 338 17.59 -18.73 -35.89
CA VAL C 338 17.29 -19.41 -34.65
C VAL C 338 18.58 -19.52 -33.84
N GLY C 339 18.54 -19.00 -32.62
CA GLY C 339 19.72 -18.97 -31.78
C GLY C 339 19.43 -19.33 -30.33
N ARG C 340 20.40 -19.06 -29.46
CA ARG C 340 20.33 -19.39 -28.04
C ARG C 340 20.02 -20.86 -27.83
N LEU C 341 20.42 -21.69 -28.78
CA LEU C 341 20.17 -23.13 -28.72
C LEU C 341 21.07 -23.81 -27.70
N ARG C 342 20.45 -24.37 -26.66
CA ARG C 342 21.18 -25.07 -25.62
C ARG C 342 20.26 -25.95 -24.79
N LYS C 343 20.82 -27.00 -24.21
CA LYS C 343 20.06 -27.85 -23.29
C LYS C 343 19.77 -27.07 -22.01
N LEU C 344 18.53 -27.17 -21.53
CA LEU C 344 18.14 -26.43 -20.33
C LEU C 344 18.43 -27.25 -19.08
N ASN C 345 18.41 -26.59 -17.93
CA ASN C 345 18.83 -27.20 -16.67
C ASN C 345 17.91 -28.32 -16.20
N MET C 346 16.70 -28.38 -16.76
CA MET C 346 15.73 -29.39 -16.36
C MET C 346 16.15 -30.79 -16.78
N GLY C 347 16.96 -30.87 -17.84
CA GLY C 347 17.43 -32.15 -18.34
C GLY C 347 17.95 -32.09 -19.76
N SER C 348 18.64 -33.15 -20.17
CA SER C 348 19.28 -33.20 -21.48
C SER C 348 18.26 -33.29 -22.63
N GLN C 349 17.02 -33.60 -22.30
CA GLN C 349 15.97 -33.70 -23.32
C GLN C 349 15.16 -32.42 -23.40
N TYR C 350 15.53 -31.42 -22.61
CA TYR C 350 14.88 -30.12 -22.64
C TYR C 350 15.73 -29.12 -23.43
N LEU C 351 15.17 -28.60 -24.51
CA LEU C 351 15.89 -27.70 -25.39
C LEU C 351 15.28 -26.29 -25.39
N GLY C 352 16.13 -25.29 -25.25
CA GLY C 352 15.70 -23.90 -25.34
C GLY C 352 16.07 -23.31 -26.69
N ALA C 353 15.26 -22.36 -27.16
CA ALA C 353 15.50 -21.74 -28.46
C ALA C 353 14.86 -20.36 -28.56
N PHE C 354 15.53 -19.45 -29.25
CA PHE C 354 14.98 -18.14 -29.56
C PHE C 354 15.07 -17.89 -31.05
N THR C 355 13.94 -17.56 -31.67
CA THR C 355 13.91 -17.35 -33.11
C THR C 355 13.20 -16.05 -33.48
N VAL C 356 13.65 -15.45 -34.58
CA VAL C 356 13.05 -14.22 -35.08
C VAL C 356 12.69 -14.42 -36.54
N GLY C 357 11.55 -13.87 -36.95
CA GLY C 357 11.12 -13.98 -38.34
C GLY C 357 10.14 -12.90 -38.74
N ASP C 358 10.30 -12.38 -39.95
CA ASP C 358 9.38 -11.39 -40.49
C ASP C 358 8.00 -12.01 -40.68
N GLN C 359 7.02 -11.51 -39.95
CA GLN C 359 5.69 -12.12 -39.93
C GLN C 359 4.84 -11.66 -41.11
N LEU C 360 5.37 -10.75 -41.91
CA LEU C 360 4.68 -10.27 -43.09
C LEU C 360 5.11 -11.06 -44.33
N LEU C 361 6.29 -11.66 -44.25
CA LEU C 361 6.81 -12.46 -45.35
C LEU C 361 6.43 -13.93 -45.18
N TRP C 362 7.28 -14.70 -44.52
CA TRP C 362 6.99 -16.11 -44.28
C TRP C 362 5.78 -16.29 -43.38
N GLY C 363 5.50 -15.28 -42.56
CA GLY C 363 4.35 -15.33 -41.67
C GLY C 363 3.04 -14.94 -42.33
N ALA C 364 3.11 -14.48 -43.57
CA ALA C 364 1.91 -13.98 -44.25
C ALA C 364 1.97 -14.10 -45.77
N ALA C 365 2.61 -13.13 -46.41
CA ALA C 365 2.51 -12.96 -47.85
C ALA C 365 3.24 -14.03 -48.65
N GLU C 366 4.44 -14.42 -48.21
CA GLU C 366 5.28 -15.32 -48.98
C GLU C 366 4.67 -16.72 -49.22
N PRO C 367 4.07 -17.35 -48.18
CA PRO C 367 3.45 -18.65 -48.47
C PRO C 367 2.30 -18.56 -49.48
N LEU C 368 1.67 -17.40 -49.56
CA LEU C 368 0.51 -17.21 -50.43
C LEU C 368 0.91 -17.08 -51.89
N ARG C 369 1.92 -16.26 -52.16
CA ARG C 369 2.39 -16.05 -53.52
C ARG C 369 3.10 -17.31 -54.03
N ARG C 370 3.75 -18.04 -53.13
CA ARG C 370 4.39 -19.31 -53.48
C ARG C 370 3.33 -20.34 -53.82
N MET C 371 2.22 -20.30 -53.09
CA MET C 371 1.09 -21.19 -53.37
C MET C 371 0.51 -20.89 -54.74
N LEU C 372 0.43 -19.61 -55.08
CA LEU C 372 -0.09 -19.18 -56.37
C LEU C 372 0.78 -19.70 -57.51
N ARG C 373 2.09 -19.66 -57.32
CA ARG C 373 3.03 -20.14 -58.33
C ARG C 373 2.90 -21.65 -58.51
N ILE C 374 2.62 -22.36 -57.42
CA ILE C 374 2.40 -23.80 -57.47
C ILE C 374 1.13 -24.10 -58.27
N LEU C 375 0.08 -23.34 -57.99
CA LEU C 375 -1.20 -23.52 -58.65
C LEU C 375 -1.09 -23.28 -60.16
N LEU C 376 -0.30 -22.28 -60.54
CA LEU C 376 -0.13 -21.93 -61.94
C LEU C 376 0.83 -22.88 -62.65
N GLU C 377 1.68 -23.55 -61.88
CA GLU C 377 2.64 -24.49 -62.43
C GLU C 377 2.13 -25.92 -62.33
N HIS D 8 22.80 6.86 21.02
CA HIS D 8 22.24 5.51 21.13
C HIS D 8 21.65 5.05 19.80
N MET D 9 21.47 5.99 18.89
CA MET D 9 20.90 5.69 17.58
C MET D 9 21.98 5.17 16.63
N LYS D 10 21.63 4.18 15.81
CA LYS D 10 22.59 3.55 14.92
C LYS D 10 23.00 4.48 13.77
N ARG D 11 24.29 4.47 13.45
CA ARG D 11 24.81 5.29 12.36
C ARG D 11 24.87 4.45 11.09
N VAL D 12 24.11 4.85 10.08
CA VAL D 12 24.00 4.08 8.85
C VAL D 12 24.62 4.85 7.68
N GLY D 13 25.59 4.22 7.03
CA GLY D 13 26.23 4.82 5.86
C GLY D 13 25.45 4.57 4.59
N LEU D 14 25.22 5.63 3.82
CA LEU D 14 24.51 5.51 2.56
C LEU D 14 25.45 5.74 1.40
N ILE D 15 25.68 4.71 0.61
CA ILE D 15 26.53 4.81 -0.57
C ILE D 15 25.69 4.62 -1.82
N GLY D 16 25.96 5.42 -2.86
CA GLY D 16 25.22 5.32 -4.09
C GLY D 16 23.81 5.88 -4.02
N TRP D 17 23.60 6.80 -3.09
CA TRP D 17 22.29 7.41 -2.88
C TRP D 17 21.88 8.30 -4.05
N ARG D 18 22.86 8.81 -4.78
CA ARG D 18 22.60 9.78 -5.84
C ARG D 18 22.24 9.11 -7.16
N GLY D 19 22.64 7.86 -7.31
CA GLY D 19 22.33 7.10 -8.52
C GLY D 19 20.85 6.81 -8.68
N MET D 20 20.52 6.00 -9.68
CA MET D 20 19.12 5.71 -10.00
C MET D 20 18.44 4.87 -8.92
N VAL D 21 19.04 3.73 -8.60
CA VAL D 21 18.50 2.85 -7.57
C VAL D 21 18.53 3.57 -6.23
N GLY D 22 19.62 4.28 -5.97
CA GLY D 22 19.78 5.04 -4.75
C GLY D 22 18.72 6.10 -4.57
N SER D 23 18.35 6.77 -5.65
CA SER D 23 17.33 7.81 -5.61
C SER D 23 15.95 7.22 -5.32
N VAL D 24 15.68 6.04 -5.89
CA VAL D 24 14.45 5.32 -5.61
C VAL D 24 14.44 4.90 -4.14
N LEU D 25 15.60 4.45 -3.66
CA LEU D 25 15.77 4.04 -2.27
C LEU D 25 15.51 5.20 -1.32
N MET D 26 16.08 6.36 -1.64
CA MET D 26 15.89 7.56 -0.83
C MET D 26 14.43 7.93 -0.72
N GLN D 27 13.72 7.89 -1.84
CA GLN D 27 12.32 8.26 -1.88
CA GLN D 27 12.32 8.23 -1.91
C GLN D 27 11.47 7.30 -1.03
N ARG D 28 11.75 6.00 -1.14
CA ARG D 28 11.02 5.00 -0.38
C ARG D 28 11.31 5.09 1.12
N MET D 29 12.57 5.36 1.46
CA MET D 29 12.96 5.51 2.85
C MET D 29 12.30 6.73 3.47
N LEU D 30 12.15 7.79 2.69
CA LEU D 30 11.44 8.99 3.13
C LEU D 30 9.97 8.70 3.34
N GLU D 31 9.37 8.00 2.38
CA GLU D 31 7.95 7.66 2.45
C GLU D 31 7.62 6.81 3.67
N GLU D 32 8.54 5.95 4.04
CA GLU D 32 8.33 5.04 5.17
C GLU D 32 8.93 5.61 6.46
N ARG D 33 9.45 6.83 6.38
CA ARG D 33 10.05 7.51 7.53
C ARG D 33 11.16 6.69 8.19
N ASP D 34 11.98 6.05 7.37
CA ASP D 34 13.08 5.23 7.88
C ASP D 34 14.15 6.08 8.55
N PHE D 35 14.28 7.33 8.11
CA PHE D 35 15.32 8.22 8.59
C PHE D 35 15.06 8.71 10.02
N ASP D 36 13.84 8.50 10.51
CA ASP D 36 13.50 8.83 11.88
C ASP D 36 14.24 7.90 12.85
N LEU D 37 14.55 6.70 12.36
CA LEU D 37 15.08 5.63 13.22
C LEU D 37 16.60 5.53 13.19
N ILE D 38 17.25 6.25 12.29
CA ILE D 38 18.69 6.13 12.13
C ILE D 38 19.39 7.49 12.07
N GLU D 39 20.71 7.46 12.21
CA GLU D 39 21.55 8.62 11.92
C GLU D 39 22.20 8.42 10.57
N PRO D 40 21.61 9.01 9.52
CA PRO D 40 22.10 8.80 8.15
C PRO D 40 23.40 9.51 7.85
N VAL D 41 24.42 8.76 7.43
CA VAL D 41 25.69 9.35 7.05
C VAL D 41 25.92 9.09 5.56
N PHE D 42 25.84 10.16 4.76
CA PHE D 42 25.94 10.03 3.32
C PHE D 42 27.38 10.16 2.84
N PHE D 43 27.78 9.25 1.96
CA PHE D 43 29.13 9.24 1.42
C PHE D 43 29.13 9.53 -0.07
N THR D 44 30.29 9.89 -0.59
CA THR D 44 30.41 10.28 -1.99
C THR D 44 31.73 9.83 -2.61
N THR D 45 31.74 9.64 -3.91
CA THR D 45 32.95 9.26 -4.62
C THR D 45 33.43 10.42 -5.50
N SER D 46 32.80 11.57 -5.38
CA SER D 46 33.09 12.68 -6.29
C SER D 46 32.89 14.08 -5.68
N ASN D 47 32.19 14.17 -4.56
CA ASN D 47 31.83 15.48 -4.01
C ASN D 47 32.06 15.56 -2.50
N VAL D 48 33.30 15.31 -2.07
CA VAL D 48 33.64 15.32 -0.65
C VAL D 48 33.46 16.72 -0.06
N GLY D 49 32.67 16.81 1.00
CA GLY D 49 32.41 18.08 1.66
C GLY D 49 31.15 18.77 1.17
N GLY D 50 30.58 18.22 0.09
CA GLY D 50 29.37 18.78 -0.49
C GLY D 50 28.11 18.48 0.29
N GLN D 51 26.97 18.94 -0.22
CA GLN D 51 25.70 18.74 0.45
C GLN D 51 25.04 17.44 0.01
N GLY D 52 24.54 16.68 0.98
CA GLY D 52 23.82 15.45 0.70
C GLY D 52 22.39 15.73 0.27
N PRO D 53 21.61 14.66 0.05
CA PRO D 53 20.22 14.82 -0.39
C PRO D 53 19.32 15.36 0.72
N GLU D 54 18.16 15.89 0.35
CA GLU D 54 17.21 16.38 1.33
C GLU D 54 16.38 15.22 1.86
N VAL D 55 16.56 14.90 3.14
CA VAL D 55 15.87 13.78 3.76
C VAL D 55 15.08 14.21 4.98
N GLY D 56 14.68 15.48 5.00
CA GLY D 56 13.83 16.00 6.06
C GLY D 56 14.47 16.10 7.43
N LYS D 57 15.80 16.07 7.47
CA LYS D 57 16.52 16.19 8.72
C LYS D 57 17.96 16.65 8.48
N ASP D 58 18.54 17.31 9.48
CA ASP D 58 19.91 17.81 9.39
C ASP D 58 20.89 16.65 9.25
N ILE D 59 21.72 16.71 8.21
CA ILE D 59 22.73 15.68 7.97
C ILE D 59 24.09 16.33 7.80
N ALA D 60 25.14 15.56 8.10
CA ALA D 60 26.50 16.03 7.93
C ALA D 60 26.84 16.13 6.45
N PRO D 61 27.81 17.01 6.11
CA PRO D 61 28.30 17.09 4.73
C PRO D 61 28.83 15.75 4.23
N LEU D 62 28.89 15.58 2.92
CA LEU D 62 29.30 14.31 2.31
C LEU D 62 30.70 13.88 2.74
N LYS D 63 30.84 12.61 3.09
CA LYS D 63 32.12 12.04 3.46
C LYS D 63 32.72 11.22 2.31
N ASP D 64 34.02 11.01 2.36
CA ASP D 64 34.71 10.21 1.34
C ASP D 64 34.27 8.76 1.43
N ALA D 65 33.70 8.24 0.36
CA ALA D 65 33.21 6.87 0.33
C ALA D 65 34.34 5.85 0.32
N TYR D 66 35.57 6.32 0.10
CA TYR D 66 36.73 5.44 0.09
C TYR D 66 37.53 5.58 1.38
N SER D 67 36.99 6.33 2.33
CA SER D 67 37.63 6.50 3.63
C SER D 67 37.29 5.33 4.55
N ILE D 68 38.24 4.41 4.69
CA ILE D 68 38.06 3.23 5.53
C ILE D 68 37.90 3.66 6.99
N ASP D 69 38.62 4.71 7.38
CA ASP D 69 38.55 5.25 8.73
C ASP D 69 37.12 5.63 9.12
N GLU D 70 36.41 6.30 8.21
CA GLU D 70 35.06 6.75 8.48
C GLU D 70 34.04 5.62 8.35
N LEU D 71 34.27 4.75 7.38
CA LEU D 71 33.33 3.66 7.10
C LEU D 71 33.27 2.63 8.23
N LYS D 72 34.41 2.38 8.87
CA LYS D 72 34.51 1.34 9.88
C LYS D 72 33.96 1.80 11.24
N THR D 73 33.39 3.00 11.26
CA THR D 73 32.74 3.50 12.47
C THR D 73 31.23 3.30 12.38
N LEU D 74 30.77 2.89 11.20
CA LEU D 74 29.35 2.76 10.93
C LEU D 74 28.80 1.41 11.39
N ASP D 75 27.63 1.44 12.03
CA ASP D 75 26.96 0.21 12.44
C ASP D 75 26.46 -0.56 11.22
N VAL D 76 25.93 0.17 10.25
CA VAL D 76 25.38 -0.42 9.04
C VAL D 76 25.84 0.36 7.82
N ILE D 77 26.13 -0.34 6.73
CA ILE D 77 26.38 0.30 5.45
C ILE D 77 25.35 -0.18 4.42
N LEU D 78 24.62 0.77 3.84
CA LEU D 78 23.65 0.47 2.81
C LEU D 78 24.10 1.09 1.49
N THR D 79 24.61 0.26 0.59
CA THR D 79 25.26 0.77 -0.61
C THR D 79 24.54 0.38 -1.91
N CYS D 80 24.39 1.37 -2.79
CA CYS D 80 23.86 1.15 -4.13
C CYS D 80 24.88 1.62 -5.16
N GLN D 81 26.13 1.79 -4.71
CA GLN D 81 27.18 2.36 -5.53
C GLN D 81 27.59 1.44 -6.67
N GLY D 82 27.52 0.13 -6.45
CA GLY D 82 27.81 -0.84 -7.49
C GLY D 82 28.84 -1.89 -7.13
N GLY D 83 29.03 -2.85 -8.03
CA GLY D 83 29.94 -3.96 -7.80
C GLY D 83 31.40 -3.58 -7.71
N ASP D 84 31.83 -2.66 -8.55
CA ASP D 84 33.23 -2.23 -8.57
C ASP D 84 33.61 -1.54 -7.26
N TYR D 85 32.66 -0.84 -6.67
CA TYR D 85 32.88 -0.19 -5.37
C TYR D 85 33.01 -1.24 -4.28
N THR D 86 32.07 -2.18 -4.26
CA THR D 86 32.04 -3.23 -3.25
C THR D 86 33.32 -4.07 -3.29
N SER D 87 33.72 -4.49 -4.48
CA SER D 87 34.91 -5.31 -4.66
C SER D 87 36.17 -4.61 -4.16
N GLU D 88 36.16 -3.28 -4.16
CA GLU D 88 37.31 -2.51 -3.73
C GLU D 88 37.28 -2.21 -2.23
N VAL D 89 36.12 -1.81 -1.72
CA VAL D 89 36.01 -1.31 -0.35
C VAL D 89 35.74 -2.42 0.66
N PHE D 90 34.79 -3.29 0.36
CA PHE D 90 34.37 -4.35 1.29
C PHE D 90 35.53 -5.19 1.87
N PRO D 91 36.45 -5.69 1.02
CA PRO D 91 37.51 -6.50 1.63
C PRO D 91 38.45 -5.69 2.53
N LYS D 92 38.68 -4.43 2.19
CA LYS D 92 39.53 -3.56 2.99
C LYS D 92 38.87 -3.26 4.32
N LEU D 93 37.54 -3.23 4.31
CA LEU D 93 36.76 -2.88 5.49
C LEU D 93 36.77 -4.02 6.52
N ARG D 94 36.51 -5.23 6.05
CA ARG D 94 36.54 -6.41 6.92
C ARG D 94 37.96 -6.68 7.42
N GLU D 95 38.94 -6.33 6.60
CA GLU D 95 40.35 -6.48 6.98
C GLU D 95 40.67 -5.55 8.15
N ALA D 96 39.99 -4.41 8.18
CA ALA D 96 40.19 -3.42 9.24
C ALA D 96 39.44 -3.80 10.51
N GLY D 97 38.77 -4.95 10.48
CA GLY D 97 38.09 -5.46 11.65
C GLY D 97 36.65 -5.01 11.80
N TRP D 98 36.13 -4.35 10.77
CA TRP D 98 34.75 -3.86 10.80
C TRP D 98 33.77 -5.03 10.88
N GLN D 99 32.96 -5.03 11.93
CA GLN D 99 32.00 -6.11 12.15
C GLN D 99 30.55 -5.62 12.01
N GLY D 100 30.37 -4.49 11.33
CA GLY D 100 29.04 -3.95 11.09
C GLY D 100 28.31 -4.70 9.98
N TYR D 101 27.06 -4.30 9.72
CA TYR D 101 26.24 -4.98 8.73
C TYR D 101 26.39 -4.34 7.35
N TRP D 102 26.49 -5.18 6.33
CA TRP D 102 26.67 -4.72 4.96
C TRP D 102 25.46 -5.08 4.11
N ILE D 103 24.69 -4.06 3.72
CA ILE D 103 23.53 -4.27 2.87
C ILE D 103 23.84 -3.73 1.48
N ASP D 104 23.73 -4.58 0.47
CA ASP D 104 24.25 -4.27 -0.86
C ASP D 104 23.27 -4.61 -1.98
N ALA D 105 23.24 -3.75 -3.00
CA ALA D 105 22.41 -3.98 -4.17
C ALA D 105 23.20 -4.73 -5.24
N ALA D 106 24.52 -4.60 -5.20
CA ALA D 106 25.40 -5.22 -6.18
C ALA D 106 25.43 -6.74 -6.03
N SER D 107 25.75 -7.44 -7.11
CA SER D 107 25.74 -8.90 -7.13
C SER D 107 27.02 -9.52 -6.60
N SER D 108 27.98 -8.66 -6.25
CA SER D 108 29.33 -9.08 -5.86
C SER D 108 29.37 -10.19 -4.82
N LEU D 109 28.62 -10.01 -3.73
CA LEU D 109 28.74 -10.90 -2.57
C LEU D 109 27.59 -11.91 -2.46
N ARG D 110 26.71 -11.94 -3.45
CA ARG D 110 25.50 -12.76 -3.40
C ARG D 110 25.77 -14.24 -3.13
N MET D 111 26.77 -14.80 -3.80
CA MET D 111 27.02 -16.23 -3.70
C MET D 111 28.10 -16.58 -2.67
N GLU D 112 28.47 -15.59 -1.86
CA GLU D 112 29.43 -15.82 -0.79
C GLU D 112 28.77 -16.59 0.36
N ASP D 113 29.51 -17.52 0.96
CA ASP D 113 28.96 -18.38 2.00
C ASP D 113 28.62 -17.62 3.28
N ASP D 114 29.28 -16.49 3.51
CA ASP D 114 28.99 -15.67 4.68
C ASP D 114 28.05 -14.53 4.33
N ALA D 115 27.23 -14.74 3.30
CA ALA D 115 26.29 -13.72 2.85
C ALA D 115 24.92 -14.34 2.55
N VAL D 116 23.87 -13.56 2.80
CA VAL D 116 22.51 -14.02 2.55
C VAL D 116 21.84 -13.12 1.52
N ILE D 117 21.18 -13.72 0.54
CA ILE D 117 20.40 -12.96 -0.42
C ILE D 117 19.04 -12.67 0.19
N VAL D 118 18.68 -11.39 0.23
CA VAL D 118 17.51 -10.96 1.01
C VAL D 118 16.29 -10.64 0.14
N LEU D 119 15.16 -11.24 0.52
CA LEU D 119 13.85 -10.92 -0.02
C LEU D 119 12.84 -11.35 1.04
N ASP D 120 12.77 -10.58 2.11
CA ASP D 120 12.11 -11.00 3.35
C ASP D 120 10.63 -11.39 3.26
N PRO D 121 9.88 -10.90 2.26
CA PRO D 121 8.55 -11.51 2.18
C PRO D 121 8.60 -12.99 1.80
N VAL D 122 9.71 -13.41 1.21
CA VAL D 122 9.88 -14.78 0.79
C VAL D 122 10.71 -15.58 1.79
N ASN D 123 11.82 -15.02 2.25
CA ASN D 123 12.75 -15.77 3.09
C ASN D 123 13.10 -15.09 4.42
N ARG D 124 12.07 -14.60 5.12
CA ARG D 124 12.27 -13.95 6.41
C ARG D 124 12.92 -14.89 7.42
N LYS D 125 12.51 -16.16 7.40
CA LYS D 125 13.06 -17.16 8.30
C LYS D 125 14.55 -17.38 8.05
N VAL D 126 14.92 -17.37 6.77
CA VAL D 126 16.32 -17.53 6.38
C VAL D 126 17.15 -16.36 6.92
N ILE D 127 16.58 -15.16 6.84
CA ILE D 127 17.25 -13.96 7.30
C ILE D 127 17.39 -13.98 8.82
N ASP D 128 16.32 -14.34 9.51
CA ASP D 128 16.31 -14.36 10.97
C ASP D 128 17.35 -15.34 11.54
N GLN D 129 17.43 -16.52 10.93
CA GLN D 129 18.37 -17.54 11.37
C GLN D 129 19.80 -17.11 11.09
N ALA D 130 19.99 -16.38 9.99
CA ALA D 130 21.31 -15.87 9.62
C ALA D 130 21.77 -14.80 10.62
N LEU D 131 20.83 -13.96 11.04
CA LEU D 131 21.11 -12.93 12.04
C LEU D 131 21.51 -13.56 13.37
N ASP D 132 20.79 -14.62 13.75
CA ASP D 132 21.08 -15.35 14.97
C ASP D 132 22.44 -16.03 14.90
N ALA D 133 22.84 -16.42 13.69
CA ALA D 133 24.11 -17.11 13.49
C ALA D 133 25.29 -16.14 13.43
N GLY D 134 24.98 -14.85 13.30
CA GLY D 134 26.00 -13.82 13.29
C GLY D 134 26.41 -13.35 11.91
N THR D 135 25.66 -13.74 10.89
CA THR D 135 25.93 -13.32 9.52
C THR D 135 25.76 -11.80 9.40
N ARG D 136 26.72 -11.16 8.74
CA ARG D 136 26.74 -9.69 8.68
C ARG D 136 26.50 -9.16 7.27
N ASN D 137 26.44 -10.06 6.29
CA ASN D 137 26.30 -9.64 4.89
C ASN D 137 24.93 -10.01 4.33
N TYR D 138 24.20 -9.00 3.87
CA TYR D 138 22.86 -9.22 3.35
C TYR D 138 22.67 -8.49 2.02
N ILE D 139 22.52 -9.28 0.96
CA ILE D 139 22.62 -8.77 -0.40
C ILE D 139 21.30 -8.89 -1.14
N GLY D 140 20.93 -7.84 -1.87
CA GLY D 140 19.75 -7.90 -2.71
C GLY D 140 19.96 -8.83 -3.89
N GLY D 141 18.93 -9.61 -4.21
CA GLY D 141 19.00 -10.52 -5.34
C GLY D 141 18.84 -9.82 -6.67
N ASN D 142 19.06 -10.56 -7.76
CA ASN D 142 18.86 -10.01 -9.09
C ASN D 142 17.39 -9.69 -9.29
N CYS D 143 17.12 -8.64 -10.07
CA CYS D 143 15.76 -8.13 -10.25
C CYS D 143 14.81 -9.20 -10.78
N THR D 144 15.29 -10.03 -11.70
CA THR D 144 14.46 -11.07 -12.31
C THR D 144 13.99 -12.10 -11.28
N VAL D 145 14.89 -12.50 -10.39
CA VAL D 145 14.58 -13.52 -9.39
C VAL D 145 13.66 -12.96 -8.32
N SER D 146 13.94 -11.74 -7.87
CA SER D 146 13.14 -11.10 -6.83
C SER D 146 11.69 -10.91 -7.26
N LEU D 147 11.50 -10.39 -8.48
CA LEU D 147 10.17 -10.14 -9.00
C LEU D 147 9.39 -11.43 -9.24
N MET D 148 10.09 -12.47 -9.66
CA MET D 148 9.46 -13.77 -9.88
C MET D 148 8.99 -14.37 -8.56
N LEU D 149 9.86 -14.29 -7.55
CA LEU D 149 9.56 -14.89 -6.25
C LEU D 149 8.50 -14.10 -5.48
N MET D 150 8.41 -12.80 -5.73
CA MET D 150 7.37 -11.99 -5.11
C MET D 150 6.01 -12.36 -5.68
N ALA D 151 6.01 -12.84 -6.92
CA ALA D 151 4.78 -13.22 -7.60
C ALA D 151 4.37 -14.66 -7.29
N LEU D 152 5.36 -15.55 -7.23
CA LEU D 152 5.09 -16.98 -7.10
C LEU D 152 5.62 -17.58 -5.80
N GLY D 153 5.81 -16.75 -4.78
CA GLY D 153 6.29 -17.21 -3.49
C GLY D 153 5.44 -18.31 -2.89
N GLY D 154 4.13 -18.23 -3.14
CA GLY D 154 3.20 -19.20 -2.60
C GLY D 154 3.42 -20.62 -3.08
N LEU D 155 3.85 -20.76 -4.34
CA LEU D 155 4.07 -22.07 -4.92
C LEU D 155 5.34 -22.74 -4.37
N PHE D 156 6.41 -21.96 -4.27
CA PHE D 156 7.66 -22.47 -3.71
C PHE D 156 7.49 -22.77 -2.22
N ASP D 157 6.74 -21.92 -1.53
CA ASP D 157 6.49 -22.09 -0.11
C ASP D 157 5.70 -23.37 0.17
N ALA D 158 4.89 -23.78 -0.81
CA ALA D 158 4.09 -24.99 -0.68
C ALA D 158 4.86 -26.22 -1.14
N GLY D 159 6.05 -25.99 -1.70
CA GLY D 159 6.89 -27.07 -2.18
C GLY D 159 6.30 -27.80 -3.37
N LEU D 160 5.71 -27.04 -4.29
CA LEU D 160 5.00 -27.62 -5.43
C LEU D 160 5.79 -27.52 -6.73
N VAL D 161 6.86 -26.72 -6.75
CA VAL D 161 7.58 -26.46 -7.99
C VAL D 161 8.64 -27.51 -8.28
N GLU D 162 8.46 -28.23 -9.38
CA GLU D 162 9.44 -29.22 -9.83
C GLU D 162 10.53 -28.53 -10.64
N TRP D 163 10.13 -27.73 -11.63
CA TRP D 163 11.06 -26.85 -12.32
C TRP D 163 10.32 -25.68 -12.96
N MET D 164 11.07 -24.70 -13.45
CA MET D 164 10.50 -23.50 -14.03
C MET D 164 11.30 -22.98 -15.22
N SER D 165 10.62 -22.76 -16.34
CA SER D 165 11.24 -22.15 -17.51
C SER D 165 10.78 -20.70 -17.60
N ALA D 166 11.73 -19.76 -17.56
CA ALA D 166 11.40 -18.34 -17.52
C ALA D 166 11.86 -17.61 -18.77
N MET D 167 10.91 -17.15 -19.57
CA MET D 167 11.20 -16.29 -20.71
C MET D 167 10.84 -14.85 -20.35
N THR D 168 11.86 -13.99 -20.24
CA THR D 168 11.65 -12.68 -19.65
C THR D 168 11.56 -11.55 -20.68
N TYR D 169 10.91 -10.47 -20.26
CA TYR D 169 10.74 -9.26 -21.06
C TYR D 169 11.27 -8.10 -20.23
N GLN D 170 12.59 -7.90 -20.25
CA GLN D 170 13.23 -7.02 -19.28
C GLN D 170 13.41 -5.58 -19.76
N ALA D 171 13.22 -4.65 -18.84
CA ALA D 171 13.24 -3.22 -19.15
C ALA D 171 14.66 -2.66 -19.23
N ALA D 172 14.77 -1.43 -19.71
CA ALA D 172 16.06 -0.79 -19.91
C ALA D 172 16.69 -0.33 -18.59
N SER D 173 15.85 -0.17 -17.58
CA SER D 173 16.31 0.31 -16.28
C SER D 173 17.33 -0.62 -15.65
N GLY D 174 17.21 -1.92 -15.94
CA GLY D 174 18.13 -2.91 -15.43
C GLY D 174 19.54 -2.78 -15.99
N ALA D 175 19.67 -2.00 -17.06
CA ALA D 175 20.96 -1.80 -17.69
C ALA D 175 21.58 -0.47 -17.29
N GLY D 176 20.75 0.48 -16.87
CA GLY D 176 21.24 1.76 -16.40
C GLY D 176 20.41 2.96 -16.83
N ALA D 177 20.69 4.11 -16.22
CA ALA D 177 19.98 5.34 -16.51
C ALA D 177 20.20 5.80 -17.96
N GLN D 178 21.45 5.68 -18.42
CA GLN D 178 21.80 6.07 -19.78
C GLN D 178 21.14 5.16 -20.81
N ASN D 179 20.87 3.92 -20.40
CA ASN D 179 20.20 2.96 -21.28
C ASN D 179 18.74 3.35 -21.47
N MET D 180 18.13 3.85 -20.40
CA MET D 180 16.75 4.32 -20.46
C MET D 180 16.63 5.55 -21.34
N ARG D 181 17.62 6.44 -21.24
CA ARG D 181 17.66 7.64 -22.05
C ARG D 181 17.85 7.28 -23.52
N GLU D 182 18.70 6.29 -23.78
CA GLU D 182 18.96 5.85 -25.14
C GLU D 182 17.71 5.24 -25.76
N LEU D 183 16.98 4.46 -24.97
CA LEU D 183 15.73 3.85 -25.42
C LEU D 183 14.74 4.93 -25.87
N LEU D 184 14.63 5.99 -25.07
CA LEU D 184 13.73 7.09 -25.37
C LEU D 184 14.21 7.87 -26.59
N LYS D 185 15.52 8.00 -26.73
CA LYS D 185 16.10 8.68 -27.89
C LYS D 185 15.93 7.83 -29.13
N GLN D 186 15.96 6.51 -28.97
CA GLN D 186 15.74 5.59 -30.06
C GLN D 186 14.29 5.66 -30.53
N MET D 187 13.37 5.75 -29.57
CA MET D 187 11.95 5.91 -29.88
C MET D 187 11.70 7.21 -30.61
N GLY D 188 12.39 8.27 -30.18
CA GLY D 188 12.26 9.57 -30.81
C GLY D 188 12.78 9.61 -32.22
N ALA D 189 13.89 8.93 -32.46
CA ALA D 189 14.50 8.90 -33.79
C ALA D 189 13.63 8.11 -34.77
N ALA D 190 13.03 7.04 -34.29
CA ALA D 190 12.18 6.19 -35.13
C ALA D 190 10.94 6.95 -35.60
N HIS D 191 10.29 7.64 -34.67
CA HIS D 191 9.09 8.41 -34.99
C HIS D 191 9.39 9.59 -35.90
N ALA D 192 10.50 10.28 -35.62
CA ALA D 192 10.87 11.49 -36.35
C ALA D 192 11.10 11.22 -37.83
N SER D 193 11.56 10.03 -38.16
CA SER D 193 11.88 9.67 -39.53
C SER D 193 10.62 9.55 -40.40
N VAL D 194 9.48 9.35 -39.76
CA VAL D 194 8.22 9.17 -40.49
C VAL D 194 7.14 10.08 -39.92
N ALA D 195 7.56 11.17 -39.27
CA ALA D 195 6.63 12.09 -38.64
C ALA D 195 5.64 12.69 -39.64
N ASP D 196 6.15 13.07 -40.80
CA ASP D 196 5.31 13.67 -41.84
C ASP D 196 4.30 12.67 -42.39
N ASP D 197 4.75 11.43 -42.59
CA ASP D 197 3.90 10.38 -43.15
C ASP D 197 2.79 9.98 -42.18
N LEU D 198 3.07 10.07 -40.88
CA LEU D 198 2.09 9.67 -39.86
C LEU D 198 0.93 10.65 -39.79
N ALA D 199 1.18 11.92 -40.12
CA ALA D 199 0.14 12.93 -40.10
C ALA D 199 -0.81 12.77 -41.28
N ASN D 200 -0.32 12.09 -42.32
CA ASN D 200 -1.12 11.85 -43.52
C ASN D 200 -1.51 10.37 -43.61
N PRO D 201 -2.78 10.06 -43.28
CA PRO D 201 -3.29 8.69 -43.26
C PRO D 201 -3.35 8.02 -44.63
N ALA D 202 -3.23 8.81 -45.69
CA ALA D 202 -3.32 8.30 -47.05
C ALA D 202 -2.01 7.65 -47.49
N SER D 203 -0.96 7.87 -46.71
CA SER D 203 0.37 7.36 -47.03
C SER D 203 0.41 5.83 -47.06
N ALA D 204 1.25 5.28 -47.94
CA ALA D 204 1.44 3.84 -48.00
C ALA D 204 2.20 3.36 -46.78
N ILE D 205 1.64 2.37 -46.08
CA ILE D 205 2.20 1.88 -44.84
C ILE D 205 3.57 1.23 -45.07
N LEU D 206 3.80 0.77 -46.29
CA LEU D 206 5.06 0.09 -46.62
C LEU D 206 6.20 1.10 -46.71
N ASP D 207 5.88 2.32 -47.14
CA ASP D 207 6.88 3.39 -47.21
C ASP D 207 7.33 3.78 -45.80
N ILE D 208 6.39 3.83 -44.88
CA ILE D 208 6.67 4.18 -43.48
C ILE D 208 7.59 3.13 -42.86
N ASP D 209 7.29 1.87 -43.11
CA ASP D 209 8.08 0.77 -42.57
C ASP D 209 9.50 0.76 -43.11
N ARG D 210 9.63 1.04 -44.41
CA ARG D 210 10.93 1.06 -45.06
CA ARG D 210 10.93 1.05 -45.06
C ARG D 210 11.87 2.09 -44.42
N LYS D 211 11.32 3.27 -44.14
CA LYS D 211 12.11 4.36 -43.59
C LYS D 211 12.49 4.10 -42.12
N VAL D 212 11.58 3.49 -41.37
CA VAL D 212 11.83 3.20 -39.96
C VAL D 212 12.92 2.13 -39.83
N ALA D 213 12.80 1.06 -40.61
CA ALA D 213 13.78 -0.02 -40.61
C ALA D 213 15.15 0.50 -41.03
N GLU D 214 15.16 1.44 -41.97
CA GLU D 214 16.38 2.07 -42.43
C GLU D 214 16.99 2.93 -41.32
N THR D 215 16.13 3.58 -40.54
CA THR D 215 16.56 4.46 -39.46
C THR D 215 17.22 3.67 -38.35
N LEU D 216 16.63 2.54 -37.98
CA LEU D 216 17.18 1.67 -36.93
C LEU D 216 18.53 1.10 -37.33
N ARG D 217 18.76 0.99 -38.63
CA ARG D 217 20.01 0.42 -39.14
C ARG D 217 21.05 1.48 -39.46
N SER D 218 20.65 2.75 -39.41
CA SER D 218 21.55 3.85 -39.74
C SER D 218 22.56 4.10 -38.63
N GLU D 219 23.69 4.70 -38.98
CA GLU D 219 24.74 5.00 -38.02
C GLU D 219 24.29 6.06 -37.02
N ALA D 220 23.46 6.98 -37.48
CA ALA D 220 22.98 8.08 -36.66
C ALA D 220 22.08 7.60 -35.52
N PHE D 221 21.54 6.39 -35.67
CA PHE D 221 20.71 5.79 -34.64
C PHE D 221 21.55 5.54 -33.38
N PRO D 222 21.06 6.05 -32.23
CA PRO D 222 21.82 5.99 -30.98
C PRO D 222 21.86 4.59 -30.39
N THR D 223 22.98 3.90 -30.52
CA THR D 223 23.12 2.54 -30.04
C THR D 223 24.40 2.36 -29.21
N GLU D 224 24.85 3.44 -28.59
CA GLU D 224 26.11 3.42 -27.84
C GLU D 224 26.08 2.44 -26.67
N HIS D 225 24.99 2.43 -25.92
CA HIS D 225 24.91 1.68 -24.67
C HIS D 225 24.38 0.26 -24.86
N PHE D 226 23.41 0.09 -25.75
CA PHE D 226 22.84 -1.24 -26.00
C PHE D 226 23.62 -2.00 -27.05
N GLY D 227 24.33 -1.28 -27.91
CA GLY D 227 25.09 -1.90 -28.98
C GLY D 227 24.23 -2.30 -30.16
N ALA D 228 22.94 -2.01 -30.05
CA ALA D 228 21.96 -2.38 -31.06
C ALA D 228 20.66 -1.63 -30.79
N PRO D 229 19.76 -1.58 -31.79
CA PRO D 229 18.44 -0.98 -31.52
C PRO D 229 17.63 -1.75 -30.49
N LEU D 230 17.05 -1.04 -29.53
CA LEU D 230 16.11 -1.65 -28.60
C LEU D 230 14.70 -1.18 -28.92
N GLY D 231 14.54 0.13 -29.05
CA GLY D 231 13.27 0.70 -29.45
C GLY D 231 12.88 0.27 -30.85
N GLY D 232 11.72 -0.35 -30.97
CA GLY D 232 11.27 -0.89 -32.24
C GLY D 232 11.78 -2.30 -32.50
N SER D 233 12.58 -2.81 -31.56
CA SER D 233 13.17 -4.13 -31.70
C SER D 233 13.23 -4.84 -30.34
N LEU D 234 14.17 -5.76 -30.21
CA LEU D 234 14.47 -6.41 -28.93
C LEU D 234 15.87 -7.02 -28.99
N ILE D 235 16.39 -7.39 -27.83
CA ILE D 235 17.75 -7.95 -27.74
C ILE D 235 17.76 -9.17 -26.84
N PRO D 236 17.91 -10.37 -27.45
CA PRO D 236 17.87 -11.63 -26.70
C PRO D 236 19.19 -12.01 -26.02
N TRP D 237 19.82 -11.04 -25.35
CA TRP D 237 21.01 -11.32 -24.56
C TRP D 237 21.25 -10.23 -23.53
N ILE D 238 21.39 -10.63 -22.28
CA ILE D 238 21.63 -9.68 -21.19
C ILE D 238 22.85 -10.13 -20.39
N ASP D 239 23.76 -9.19 -20.16
CA ASP D 239 24.99 -9.40 -19.38
C ASP D 239 25.97 -10.37 -20.06
N LYS D 240 27.05 -10.67 -19.37
CA LYS D 240 28.18 -11.42 -19.95
C LYS D 240 27.83 -12.85 -20.35
N GLU D 241 28.64 -13.40 -21.26
CA GLU D 241 28.47 -14.77 -21.74
C GLU D 241 29.20 -15.77 -20.84
N LEU D 242 28.53 -16.87 -20.54
CA LEU D 242 29.11 -17.91 -19.69
C LEU D 242 29.46 -19.15 -20.52
N PRO D 243 30.43 -19.95 -20.05
CA PRO D 243 30.89 -21.14 -20.77
C PRO D 243 29.80 -22.17 -21.05
N ASN D 244 28.73 -22.16 -20.26
CA ASN D 244 27.67 -23.17 -20.41
C ASN D 244 26.63 -22.75 -21.44
N GLY D 245 26.87 -21.63 -22.11
CA GLY D 245 25.95 -21.14 -23.13
C GLY D 245 24.89 -20.21 -22.58
N GLN D 246 24.85 -20.08 -21.26
CA GLN D 246 23.95 -19.14 -20.60
C GLN D 246 24.55 -17.74 -20.59
N SER D 247 23.70 -16.74 -20.47
CA SER D 247 24.15 -15.40 -20.12
C SER D 247 24.16 -15.35 -18.60
N ARG D 248 24.89 -14.39 -18.03
CA ARG D 248 24.99 -14.30 -16.58
C ARG D 248 23.62 -14.02 -15.96
N GLU D 249 22.81 -13.27 -16.69
CA GLU D 249 21.45 -12.94 -16.24
C GLU D 249 20.60 -14.21 -16.11
N GLU D 250 20.74 -15.11 -17.09
CA GLU D 250 19.98 -16.36 -17.10
C GLU D 250 20.49 -17.34 -16.05
N TRP D 251 21.79 -17.28 -15.78
CA TRP D 251 22.42 -18.16 -14.80
C TRP D 251 21.99 -17.80 -13.38
N LYS D 252 21.76 -16.51 -13.15
CA LYS D 252 21.35 -16.02 -11.83
C LYS D 252 20.00 -16.60 -11.41
N ALA D 253 19.22 -17.03 -12.38
CA ALA D 253 17.87 -17.53 -12.13
C ALA D 253 17.89 -18.72 -11.16
N GLN D 254 18.59 -19.78 -11.53
CA GLN D 254 18.61 -20.98 -10.71
C GLN D 254 19.47 -20.81 -9.45
N ALA D 255 20.61 -20.15 -9.62
CA ALA D 255 21.56 -19.97 -8.52
C ALA D 255 20.97 -19.15 -7.37
N GLU D 256 20.36 -18.01 -7.71
CA GLU D 256 19.87 -17.09 -6.68
C GLU D 256 18.52 -17.54 -6.12
N THR D 257 17.69 -18.17 -6.93
CA THR D 257 16.39 -18.66 -6.46
C THR D 257 16.58 -19.69 -5.36
N ASN D 258 17.49 -20.62 -5.57
CA ASN D 258 17.70 -21.71 -4.63
C ASN D 258 18.41 -21.24 -3.36
N LYS D 259 19.29 -20.25 -3.48
CA LYS D 259 19.96 -19.72 -2.30
C LYS D 259 19.00 -18.92 -1.44
N ILE D 260 18.12 -18.16 -2.10
CA ILE D 260 17.08 -17.41 -1.40
C ILE D 260 16.20 -18.36 -0.61
N LEU D 261 15.85 -19.48 -1.23
CA LEU D 261 15.00 -20.48 -0.59
C LEU D 261 15.78 -21.37 0.38
N ALA D 262 17.09 -21.14 0.44
CA ALA D 262 17.96 -21.92 1.32
C ALA D 262 17.96 -23.39 0.91
N ARG D 263 17.85 -23.64 -0.39
CA ARG D 263 17.79 -25.00 -0.91
C ARG D 263 19.15 -25.43 -1.44
N PHE D 264 19.93 -26.09 -0.59
CA PHE D 264 21.27 -26.52 -0.95
C PHE D 264 21.32 -27.97 -1.39
N LYS D 265 20.37 -28.76 -0.88
CA LYS D 265 20.32 -30.20 -1.19
C LYS D 265 20.00 -30.44 -2.66
N ASN D 266 18.71 -30.55 -2.97
CA ASN D 266 18.27 -30.76 -4.35
C ASN D 266 17.70 -29.46 -4.91
N PRO D 267 18.50 -28.75 -5.71
CA PRO D 267 18.10 -27.45 -6.26
C PRO D 267 16.97 -27.55 -7.28
N ILE D 268 16.06 -26.58 -7.25
CA ILE D 268 14.97 -26.51 -8.22
C ILE D 268 15.52 -25.94 -9.52
N PRO D 269 15.42 -26.72 -10.62
CA PRO D 269 15.90 -26.27 -11.94
C PRO D 269 15.15 -25.04 -12.43
N VAL D 270 15.87 -23.94 -12.61
CA VAL D 270 15.31 -22.73 -13.19
C VAL D 270 16.16 -22.31 -14.38
N ASP D 271 15.53 -22.14 -15.52
CA ASP D 271 16.25 -21.77 -16.74
C ASP D 271 15.35 -20.98 -17.68
N GLY D 272 15.88 -20.62 -18.84
CA GLY D 272 15.12 -19.87 -19.82
C GLY D 272 15.97 -18.90 -20.62
N ILE D 273 15.31 -17.90 -21.21
CA ILE D 273 16.00 -16.92 -22.02
C ILE D 273 15.64 -15.50 -21.56
N CYS D 274 16.67 -14.71 -21.26
CA CYS D 274 16.45 -13.34 -20.81
C CYS D 274 16.55 -12.35 -21.97
N VAL D 275 15.43 -11.69 -22.26
CA VAL D 275 15.35 -10.79 -23.41
C VAL D 275 15.11 -9.35 -22.98
N ARG D 276 15.86 -8.44 -23.57
CA ARG D 276 15.66 -7.01 -23.32
C ARG D 276 14.60 -6.45 -24.26
N VAL D 277 13.61 -5.77 -23.69
CA VAL D 277 12.55 -5.16 -24.49
C VAL D 277 12.47 -3.67 -24.20
N GLY D 278 11.74 -2.95 -25.06
CA GLY D 278 11.66 -1.51 -24.95
C GLY D 278 10.74 -0.97 -23.87
N ALA D 279 10.85 -1.54 -22.67
CA ALA D 279 10.09 -1.06 -21.53
C ALA D 279 10.99 -0.20 -20.64
N MET D 280 10.40 0.72 -19.88
CA MET D 280 11.17 1.67 -19.10
C MET D 280 11.80 1.05 -17.85
N ARG D 281 10.97 0.56 -16.92
CA ARG D 281 11.50 0.07 -15.65
C ARG D 281 10.72 -1.11 -15.06
N CYS D 282 9.95 -1.81 -15.88
CA CYS D 282 9.24 -2.99 -15.41
C CYS D 282 9.69 -4.25 -16.15
N HIS D 283 9.99 -5.30 -15.38
CA HIS D 283 10.32 -6.60 -15.95
C HIS D 283 9.07 -7.45 -16.07
N SER D 284 8.88 -8.08 -17.23
CA SER D 284 7.77 -8.99 -17.43
C SER D 284 8.32 -10.38 -17.69
N GLN D 285 7.62 -11.41 -17.21
CA GLN D 285 8.10 -12.78 -17.33
C GLN D 285 6.98 -13.74 -17.72
N ALA D 286 7.20 -14.49 -18.79
CA ALA D 286 6.29 -15.55 -19.20
C ALA D 286 6.84 -16.89 -18.73
N LEU D 287 6.07 -17.59 -17.89
CA LEU D 287 6.60 -18.73 -17.15
C LEU D 287 5.93 -20.05 -17.50
N THR D 288 6.76 -21.08 -17.69
CA THR D 288 6.27 -22.45 -17.79
C THR D 288 6.67 -23.19 -16.52
N ILE D 289 5.68 -23.50 -15.68
CA ILE D 289 5.94 -24.08 -14.38
C ILE D 289 5.49 -25.52 -14.31
N LYS D 290 6.42 -26.41 -14.00
CA LYS D 290 6.09 -27.81 -13.77
C LYS D 290 5.86 -28.06 -12.29
N LEU D 291 4.63 -28.42 -11.94
CA LEU D 291 4.29 -28.74 -10.57
C LEU D 291 4.54 -30.22 -10.31
N ASN D 292 4.81 -30.57 -9.05
CA ASN D 292 5.12 -31.95 -8.71
C ASN D 292 3.90 -32.69 -8.16
N LYS D 293 2.72 -32.11 -8.35
CA LYS D 293 1.49 -32.72 -7.87
C LYS D 293 0.26 -32.17 -8.59
N ASP D 294 -0.85 -32.91 -8.50
CA ASP D 294 -2.11 -32.49 -9.09
C ASP D 294 -2.82 -31.52 -8.16
N VAL D 295 -2.77 -30.23 -8.49
CA VAL D 295 -3.41 -29.21 -7.68
C VAL D 295 -4.39 -28.41 -8.53
N PRO D 296 -5.65 -28.33 -8.08
CA PRO D 296 -6.68 -27.54 -8.77
C PRO D 296 -6.26 -26.09 -8.98
N LEU D 297 -6.67 -25.50 -10.10
CA LEU D 297 -6.26 -24.15 -10.46
C LEU D 297 -6.65 -23.12 -9.41
N THR D 298 -7.85 -23.26 -8.87
CA THR D 298 -8.34 -22.34 -7.85
C THR D 298 -7.51 -22.43 -6.57
N ASP D 299 -7.03 -23.63 -6.27
CA ASP D 299 -6.14 -23.83 -5.12
C ASP D 299 -4.80 -23.18 -5.37
N ILE D 300 -4.31 -23.31 -6.60
CA ILE D 300 -3.06 -22.68 -7.02
C ILE D 300 -3.17 -21.17 -6.87
N GLU D 301 -4.29 -20.63 -7.33
CA GLU D 301 -4.55 -19.20 -7.24
C GLU D 301 -4.54 -18.73 -5.79
N GLY D 302 -5.18 -19.50 -4.91
CA GLY D 302 -5.22 -19.17 -3.50
C GLY D 302 -3.85 -19.14 -2.86
N LEU D 303 -3.03 -20.13 -3.17
CA LEU D 303 -1.67 -20.21 -2.63
C LEU D 303 -0.83 -19.01 -3.06
N ILE D 304 -1.08 -18.53 -4.27
CA ILE D 304 -0.32 -17.41 -4.82
C ILE D 304 -0.69 -16.09 -4.16
N SER D 305 -1.98 -15.82 -4.07
CA SER D 305 -2.47 -14.54 -3.56
C SER D 305 -2.34 -14.40 -2.05
N GLN D 306 -2.30 -15.52 -1.34
CA GLN D 306 -2.25 -15.51 0.12
C GLN D 306 -0.84 -15.34 0.66
N HIS D 307 0.17 -15.44 -0.22
CA HIS D 307 1.56 -15.44 0.22
C HIS D 307 2.00 -14.09 0.79
N ASN D 308 1.69 -13.01 0.08
CA ASN D 308 2.10 -11.68 0.50
C ASN D 308 1.10 -10.63 0.02
N PRO D 309 1.06 -9.45 0.66
CA PRO D 309 0.07 -8.44 0.28
C PRO D 309 0.45 -7.58 -0.92
N TRP D 310 1.56 -7.90 -1.60
CA TRP D 310 1.99 -7.09 -2.74
C TRP D 310 1.70 -7.80 -4.07
N VAL D 311 1.65 -9.13 -4.03
CA VAL D 311 1.28 -9.88 -5.22
C VAL D 311 -0.17 -9.57 -5.56
N LYS D 312 -0.47 -9.48 -6.85
CA LYS D 312 -1.81 -9.13 -7.29
C LYS D 312 -2.31 -10.12 -8.33
N LEU D 313 -3.18 -11.03 -7.92
CA LEU D 313 -3.69 -12.03 -8.85
C LEU D 313 -4.69 -11.40 -9.81
N VAL D 314 -4.30 -11.35 -11.08
CA VAL D 314 -5.17 -10.81 -12.13
C VAL D 314 -5.97 -11.96 -12.73
N PRO D 315 -7.31 -11.86 -12.67
CA PRO D 315 -8.19 -12.87 -13.27
C PRO D 315 -7.86 -13.07 -14.76
N ASN D 316 -7.84 -14.33 -15.19
CA ASN D 316 -7.44 -14.64 -16.56
C ASN D 316 -8.52 -14.26 -17.57
N HIS D 317 -8.79 -12.96 -17.68
CA HIS D 317 -9.75 -12.45 -18.66
C HIS D 317 -9.09 -11.31 -19.43
N ARG D 318 -9.56 -11.09 -20.66
CA ARG D 318 -8.87 -10.20 -21.60
C ARG D 318 -8.77 -8.76 -21.12
N GLU D 319 -9.91 -8.16 -20.80
CA GLU D 319 -9.98 -6.73 -20.47
C GLU D 319 -9.11 -6.35 -19.27
N VAL D 320 -9.20 -7.16 -18.20
CA VAL D 320 -8.48 -6.86 -16.97
C VAL D 320 -6.98 -7.13 -17.15
N SER D 321 -6.65 -8.12 -17.97
CA SER D 321 -5.24 -8.46 -18.21
C SER D 321 -4.54 -7.36 -18.99
N VAL D 322 -5.20 -6.86 -20.03
CA VAL D 322 -4.67 -5.79 -20.85
C VAL D 322 -4.47 -4.53 -20.02
N ARG D 323 -5.35 -4.32 -19.04
CA ARG D 323 -5.31 -3.12 -18.22
C ARG D 323 -4.34 -3.22 -17.04
N GLU D 324 -4.26 -4.40 -16.43
CA GLU D 324 -3.53 -4.56 -15.17
C GLU D 324 -2.15 -5.18 -15.33
N LEU D 325 -2.01 -6.14 -16.24
CA LEU D 325 -0.80 -6.96 -16.32
C LEU D 325 0.22 -6.40 -17.31
N THR D 326 0.54 -5.12 -17.19
CA THR D 326 1.47 -4.46 -18.11
C THR D 326 2.45 -3.55 -17.38
N PRO D 327 3.63 -3.30 -17.96
CA PRO D 327 4.58 -2.33 -17.42
C PRO D 327 3.98 -0.93 -17.23
N ALA D 328 3.09 -0.55 -18.13
CA ALA D 328 2.45 0.75 -18.07
C ALA D 328 1.60 0.90 -16.81
N ALA D 329 1.05 -0.21 -16.33
CA ALA D 329 0.19 -0.20 -15.16
C ALA D 329 0.98 -0.36 -13.86
N VAL D 330 2.12 -1.04 -13.95
CA VAL D 330 2.88 -1.41 -12.76
C VAL D 330 3.93 -0.36 -12.39
N THR D 331 4.44 0.33 -13.41
CA THR D 331 5.55 1.28 -13.24
C THR D 331 5.41 2.23 -12.05
N GLY D 332 6.38 2.16 -11.14
CA GLY D 332 6.41 3.04 -9.99
C GLY D 332 5.59 2.57 -8.80
N THR D 333 5.05 1.36 -8.89
CA THR D 333 4.22 0.81 -7.81
C THR D 333 4.86 -0.43 -7.20
N LEU D 334 4.47 -0.72 -5.96
CA LEU D 334 4.97 -1.91 -5.26
C LEU D 334 4.14 -3.14 -5.58
N SER D 335 3.19 -2.98 -6.49
CA SER D 335 2.31 -4.09 -6.87
C SER D 335 3.01 -5.06 -7.81
N VAL D 336 2.80 -6.35 -7.59
CA VAL D 336 3.38 -7.38 -8.44
C VAL D 336 2.27 -8.27 -8.98
N PRO D 337 1.64 -7.85 -10.09
CA PRO D 337 0.55 -8.64 -10.66
C PRO D 337 1.03 -9.91 -11.36
N VAL D 338 0.30 -11.00 -11.16
CA VAL D 338 0.56 -12.24 -11.87
C VAL D 338 -0.76 -12.74 -12.47
N GLY D 339 -0.76 -13.03 -13.76
CA GLY D 339 -1.97 -13.44 -14.44
C GLY D 339 -1.76 -14.54 -15.46
N ARG D 340 -2.74 -14.73 -16.34
CA ARG D 340 -2.74 -15.79 -17.33
C ARG D 340 -2.51 -17.15 -16.70
N LEU D 341 -2.98 -17.31 -15.46
CA LEU D 341 -2.81 -18.54 -14.72
C LEU D 341 -3.76 -19.62 -15.23
N ARG D 342 -3.18 -20.66 -15.84
CA ARG D 342 -3.96 -21.76 -16.40
C ARG D 342 -3.08 -22.97 -16.63
N LYS D 343 -3.69 -24.15 -16.62
CA LYS D 343 -2.98 -25.38 -16.93
C LYS D 343 -2.69 -25.43 -18.42
N LEU D 344 -1.48 -25.86 -18.78
CA LEU D 344 -1.05 -25.87 -20.17
C LEU D 344 -1.38 -27.20 -20.85
N ASN D 345 -1.32 -27.22 -22.17
CA ASN D 345 -1.72 -28.39 -22.96
C ASN D 345 -0.84 -29.61 -22.74
N MET D 346 0.32 -29.41 -22.14
CA MET D 346 1.26 -30.51 -21.91
C MET D 346 0.77 -31.47 -20.84
N GLY D 347 -0.04 -30.96 -19.92
CA GLY D 347 -0.55 -31.78 -18.83
C GLY D 347 -1.11 -30.96 -17.68
N SER D 348 -1.78 -31.63 -16.75
CA SER D 348 -2.44 -30.96 -15.63
C SER D 348 -1.45 -30.45 -14.59
N GLN D 349 -0.20 -30.90 -14.68
CA GLN D 349 0.83 -30.49 -13.72
C GLN D 349 1.70 -29.36 -14.31
N TYR D 350 1.33 -28.91 -15.51
CA TYR D 350 2.03 -27.81 -16.14
C TYR D 350 1.23 -26.51 -15.99
N LEU D 351 1.83 -25.52 -15.35
CA LEU D 351 1.16 -24.25 -15.09
C LEU D 351 1.82 -23.10 -15.84
N GLY D 352 1.00 -22.33 -16.56
CA GLY D 352 1.47 -21.13 -17.22
C GLY D 352 1.17 -19.89 -16.41
N ALA D 353 2.02 -18.89 -16.53
CA ALA D 353 1.85 -17.65 -15.76
C ALA D 353 2.58 -16.49 -16.40
N PHE D 354 1.98 -15.30 -16.30
CA PHE D 354 2.63 -14.08 -16.76
C PHE D 354 2.61 -13.06 -15.63
N THR D 355 3.79 -12.54 -15.28
CA THR D 355 3.90 -11.60 -14.18
C THR D 355 4.66 -10.34 -14.58
N VAL D 356 4.32 -9.23 -13.95
CA VAL D 356 5.00 -7.95 -14.19
C VAL D 356 5.40 -7.33 -12.86
N GLY D 357 6.61 -6.78 -12.80
CA GLY D 357 7.10 -6.15 -11.60
C GLY D 357 8.03 -4.98 -11.86
N ASP D 358 7.96 -3.96 -11.02
CA ASP D 358 8.85 -2.80 -11.16
C ASP D 358 10.27 -3.19 -10.77
N GLN D 359 11.22 -2.93 -11.66
CA GLN D 359 12.59 -3.38 -11.49
C GLN D 359 13.33 -2.56 -10.42
N LEU D 360 12.94 -1.31 -10.25
CA LEU D 360 13.65 -0.41 -9.33
C LEU D 360 13.19 -0.56 -7.89
N LEU D 361 11.98 -1.09 -7.69
CA LEU D 361 11.43 -1.21 -6.35
C LEU D 361 11.73 -2.59 -5.74
N TRP D 362 10.85 -3.55 -5.96
CA TRP D 362 11.06 -4.90 -5.43
C TRP D 362 12.26 -5.58 -6.08
N GLY D 363 12.66 -5.09 -7.25
CA GLY D 363 13.78 -5.67 -7.96
C GLY D 363 15.12 -5.07 -7.58
N ALA D 364 15.11 -4.07 -6.71
CA ALA D 364 16.35 -3.40 -6.32
C ALA D 364 16.28 -2.77 -4.93
N ALA D 365 15.59 -1.64 -4.83
CA ALA D 365 15.65 -0.80 -3.63
C ALA D 365 14.87 -1.34 -2.45
N GLU D 366 13.68 -1.87 -2.69
CA GLU D 366 12.77 -2.24 -1.61
C GLU D 366 13.25 -3.36 -0.68
N PRO D 367 13.87 -4.43 -1.24
CA PRO D 367 14.40 -5.43 -0.29
C PRO D 367 15.52 -4.90 0.60
N LEU D 368 16.16 -3.81 0.18
CA LEU D 368 17.29 -3.25 0.91
C LEU D 368 16.85 -2.44 2.12
N ARG D 369 15.86 -1.58 1.94
CA ARG D 369 15.36 -0.75 3.03
C ARG D 369 14.61 -1.61 4.05
N ARG D 370 13.96 -2.66 3.57
CA ARG D 370 13.23 -3.57 4.44
C ARG D 370 14.20 -4.38 5.29
N MET D 371 15.34 -4.76 4.72
CA MET D 371 16.37 -5.48 5.45
C MET D 371 16.94 -4.59 6.55
N LEU D 372 17.07 -3.30 6.24
CA LEU D 372 17.52 -2.31 7.21
C LEU D 372 16.56 -2.25 8.39
N ARG D 373 15.26 -2.28 8.08
CA ARG D 373 14.23 -2.25 9.10
C ARG D 373 14.31 -3.49 10.00
N ILE D 374 14.62 -4.63 9.40
CA ILE D 374 14.77 -5.88 10.14
C ILE D 374 15.91 -5.76 11.14
N LEU D 375 17.00 -5.12 10.72
CA LEU D 375 18.15 -4.90 11.58
C LEU D 375 17.80 -4.04 12.79
N LEU D 376 16.95 -3.04 12.56
CA LEU D 376 16.55 -2.12 13.62
C LEU D 376 15.59 -2.76 14.60
N GLU D 377 14.93 -3.83 14.17
CA GLU D 377 13.99 -4.55 15.02
C GLU D 377 14.71 -5.50 15.97
N ARG D 378 15.97 -5.78 15.66
CA ARG D 378 16.77 -6.69 16.49
C ARG D 378 17.03 -6.11 17.87
PA NAP E . -18.43 19.58 3.01
O1A NAP E . -16.92 19.51 3.05
O2A NAP E . -19.16 20.47 3.98
O5B NAP E . -18.88 19.95 1.52
C5B NAP E . -20.25 19.76 1.16
C4B NAP E . -20.65 20.57 -0.07
O4B NAP E . -20.73 21.96 0.25
C3B NAP E . -19.65 20.50 -1.22
O3B NAP E . -19.93 19.37 -2.06
C2B NAP E . -19.91 21.79 -1.97
O2B NAP E . -20.94 21.55 -2.92
C1B NAP E . -20.44 22.74 -0.91
N9A NAP E . -19.45 23.80 -0.53
C8A NAP E . -19.79 25.05 -0.17
N7A NAP E . -18.70 25.81 0.11
C5A NAP E . -17.62 25.04 -0.10
C6A NAP E . -16.15 25.23 0.01
N6A NAP E . -15.63 26.42 0.39
N1A NAP E . -15.36 24.18 -0.29
C2A NAP E . -15.87 23.00 -0.68
N3A NAP E . -17.19 22.76 -0.79
C4A NAP E . -18.11 23.72 -0.52
O3 NAP E . -19.00 18.08 3.18
PN NAP E . -18.13 16.86 3.76
O1N NAP E . -17.56 17.28 5.10
O2N NAP E . -17.20 16.37 2.68
O5D NAP E . -19.27 15.75 4.01
C5D NAP E . -19.27 14.53 3.28
C4D NAP E . -20.19 13.52 3.97
O4D NAP E . -19.44 12.67 4.83
C3D NAP E . -21.24 14.21 4.83
O3D NAP E . -22.53 14.01 4.26
C2D NAP E . -21.18 13.55 6.19
O2D NAP E . -22.45 12.99 6.52
C1D NAP E . -20.14 12.44 6.05
P2B NAP E . -20.97 22.29 -4.35
O1X NAP E . -19.67 21.90 -5.00
O2X NAP E . -22.20 21.73 -5.01
O3X NAP E . -21.07 23.76 -4.00
PA NAP F . 9.85 17.57 39.52
O1A NAP F . 10.41 16.81 38.34
O2A NAP F . 9.18 18.91 39.29
O5B NAP F . 11.04 17.78 40.59
C5B NAP F . 12.27 18.34 40.16
C4B NAP F . 13.28 18.38 41.29
O4B NAP F . 14.54 18.75 40.72
C3B NAP F . 12.91 19.44 42.33
O3B NAP F . 12.56 18.83 43.57
C2B NAP F . 14.16 20.28 42.47
O2B NAP F . 14.89 19.88 43.62
C1B NAP F . 15.01 19.98 41.26
N9A NAP F . 14.90 20.99 40.17
C8A NAP F . 15.78 21.06 39.14
N7A NAP F . 15.46 22.05 38.28
C5A NAP F . 14.36 22.66 38.75
C6A NAP F . 13.51 23.80 38.30
N6A NAP F . 13.80 24.48 37.16
N1A NAP F . 12.45 24.13 39.06
C2A NAP F . 12.16 23.45 40.19
N3A NAP F . 12.89 22.42 40.65
C4A NAP F . 13.99 21.97 39.99
O3 NAP F . 8.82 16.61 40.29
PN NAP F . 7.26 16.57 39.86
O1N NAP F . 6.69 15.38 40.79
O2N NAP F . 6.62 17.87 40.32
O5D NAP F . 7.18 16.15 38.42
P2B NAP F . 15.72 20.93 44.51
O1X NAP F . 17.00 21.11 43.74
O2X NAP F . 15.89 20.23 45.84
O3X NAP F . 14.84 22.16 44.54
PA NAP G . -4.68 -4.28 -42.34
O1A NAP G . -3.20 -3.96 -42.45
O2A NAP G . -5.53 -3.54 -41.34
O5B NAP G . -5.37 -4.10 -43.78
C5B NAP G . -6.45 -4.95 -44.15
C4B NAP G . -7.51 -4.14 -44.89
O4B NAP G . -8.00 -3.07 -44.07
C3B NAP G . -6.98 -3.47 -46.15
O3B NAP G . -7.16 -4.31 -47.30
C2B NAP G . -7.82 -2.22 -46.29
O2B NAP G . -8.91 -2.51 -47.16
C1B NAP G . -8.38 -1.96 -44.89
N9A NAP G . -7.87 -0.70 -44.30
C8A NAP G . -8.61 0.15 -43.56
N7A NAP G . -7.89 1.22 -43.15
C5A NAP G . -6.65 1.08 -43.64
C6A NAP G . -5.40 1.87 -43.59
N6A NAP G . -5.33 3.04 -42.91
N1A NAP G . -4.32 1.39 -44.24
C2A NAP G . -4.37 0.22 -44.92
N3A NAP G . -5.47 -0.54 -45.01
C4A NAP G . -6.64 -0.18 -44.41
O3 NAP G . -4.83 -5.86 -42.07
PN NAP G . -3.61 -6.89 -42.21
O1N NAP G . -2.72 -6.75 -40.99
O2N NAP G . -3.02 -6.74 -43.59
O5D NAP G . -4.37 -8.30 -42.12
C5D NAP G . -4.50 -9.13 -43.28
C4D NAP G . -5.01 -10.50 -42.86
O4D NAP G . -3.92 -11.42 -42.85
C3D NAP G . -5.61 -10.48 -41.47
O3D NAP G . -6.82 -11.23 -41.45
C2D NAP G . -4.59 -11.17 -40.59
O2D NAP G . -5.23 -12.01 -39.63
C1D NAP G . -3.75 -12.00 -41.56
N1N NAP G . -2.34 -11.96 -41.20
C2N NAP G . -1.78 -10.80 -40.81
C3N NAP G . -0.44 -10.74 -40.47
C7N NAP G . 0.18 -9.44 -40.03
O7N NAP G . 1.26 -9.46 -39.48
N7N NAP G . -0.47 -8.31 -40.28
C4N NAP G . 0.35 -11.88 -40.55
C5N NAP G . -0.25 -13.06 -40.96
C6N NAP G . -1.60 -13.08 -41.29
P2B NAP G . -9.38 -1.50 -48.32
O1X NAP G . -8.13 -1.28 -49.14
O2X NAP G . -10.47 -2.25 -49.03
O3X NAP G . -9.86 -0.28 -47.56
PA NAP H . 23.98 4.82 -11.30
O1A NAP H . 22.60 5.39 -11.40
O2A NAP H . 24.85 4.69 -12.54
O5B NAP H . 24.80 5.65 -10.19
C5B NAP H . 26.08 5.15 -9.77
C4B NAP H . 26.90 6.22 -9.05
O4B NAP H . 27.59 7.03 -10.00
C3B NAP H . 26.07 7.18 -8.22
O3B NAP H . 25.93 6.72 -6.87
C2B NAP H . 26.90 8.46 -8.25
O2B NAP H . 27.84 8.38 -7.18
C1B NAP H . 27.66 8.39 -9.57
N9A NAP H . 27.08 9.25 -10.64
C8A NAP H . 27.78 9.63 -11.73
N7A NAP H . 27.04 10.40 -12.56
C5A NAP H . 25.83 10.53 -12.01
C6A NAP H . 24.57 11.24 -12.38
N6A NAP H . 24.49 11.95 -13.53
N1A NAP H . 23.52 11.14 -11.53
C2A NAP H . 23.61 10.43 -10.39
N3A NAP H . 24.71 9.77 -10.00
C4A NAP H . 25.86 9.79 -10.74
O3 NAP H . 23.88 3.36 -10.62
PN NAP H . 22.50 2.54 -10.55
O1N NAP H . 21.97 2.37 -11.97
O2N NAP H . 21.61 3.15 -9.49
O5D NAP H . 23.00 1.10 -10.03
C5D NAP H . 22.59 0.59 -8.76
C4D NAP H . 22.82 -0.91 -8.69
O4D NAP H . 21.61 -1.61 -9.00
C3D NAP H . 23.87 -1.37 -9.70
O3D NAP H . 25.06 -1.77 -9.00
C2D NAP H . 23.26 -2.57 -10.40
O2D NAP H . 24.06 -3.73 -10.18
C1D NAP H . 21.88 -2.76 -9.80
P2B NAP H . 28.37 9.70 -6.40
O1X NAP H . 27.12 10.33 -5.84
O2X NAP H . 29.31 9.13 -5.36
O3X NAP H . 29.06 10.51 -7.47
#